data_6Q9H
# 
_entry.id   6Q9H 
# 
_audit_conform.dict_name       mmcif_pdbx.dic 
_audit_conform.dict_version    5.383 
_audit_conform.dict_location   http://mmcif.pdb.org/dictionaries/ascii/mmcif_pdbx.dic 
# 
loop_
_database_2.database_id 
_database_2.database_code 
_database_2.pdbx_database_accession 
_database_2.pdbx_DOI 
PDB   6Q9H         pdb_00006q9h 10.2210/pdb6q9h/pdb 
WWPDB D_1200013507 ?            ?                   
# 
loop_
_pdbx_audit_revision_history.ordinal 
_pdbx_audit_revision_history.data_content_type 
_pdbx_audit_revision_history.major_revision 
_pdbx_audit_revision_history.minor_revision 
_pdbx_audit_revision_history.revision_date 
1 'Structure model' 1 0 2019-05-15 
2 'Structure model' 1 1 2019-07-24 
3 'Structure model' 1 2 2024-01-24 
# 
_pdbx_audit_revision_details.ordinal             1 
_pdbx_audit_revision_details.revision_ordinal    1 
_pdbx_audit_revision_details.data_content_type   'Structure model' 
_pdbx_audit_revision_details.provider            repository 
_pdbx_audit_revision_details.type                'Initial release' 
_pdbx_audit_revision_details.description         ? 
_pdbx_audit_revision_details.details             ? 
# 
loop_
_pdbx_audit_revision_group.ordinal 
_pdbx_audit_revision_group.revision_ordinal 
_pdbx_audit_revision_group.data_content_type 
_pdbx_audit_revision_group.group 
1 2 'Structure model' 'Data collection'        
2 2 'Structure model' 'Database references'    
3 3 'Structure model' 'Data collection'        
4 3 'Structure model' 'Database references'    
5 3 'Structure model' 'Refinement description' 
# 
loop_
_pdbx_audit_revision_category.ordinal 
_pdbx_audit_revision_category.revision_ordinal 
_pdbx_audit_revision_category.data_content_type 
_pdbx_audit_revision_category.category 
1 2 'Structure model' citation                      
2 2 'Structure model' citation_author               
3 3 'Structure model' chem_comp_atom                
4 3 'Structure model' chem_comp_bond                
5 3 'Structure model' database_2                    
6 3 'Structure model' pdbx_initial_refinement_model 
# 
loop_
_pdbx_audit_revision_item.ordinal 
_pdbx_audit_revision_item.revision_ordinal 
_pdbx_audit_revision_item.data_content_type 
_pdbx_audit_revision_item.item 
1 2 'Structure model' '_citation.journal_volume'            
2 2 'Structure model' '_citation.page_first'                
3 2 'Structure model' '_citation.page_last'                 
4 2 'Structure model' '_citation.title'                     
5 2 'Structure model' '_citation_author.identifier_ORCID'   
6 3 'Structure model' '_database_2.pdbx_DOI'                
7 3 'Structure model' '_database_2.pdbx_database_accession' 
# 
_pdbx_database_status.status_code                     REL 
_pdbx_database_status.status_code_sf                  REL 
_pdbx_database_status.status_code_mr                  ? 
_pdbx_database_status.entry_id                        6Q9H 
_pdbx_database_status.recvd_initial_deposition_date   2018-12-18 
_pdbx_database_status.SG_entry                        N 
_pdbx_database_status.deposit_site                    PDBE 
_pdbx_database_status.process_site                    PDBE 
_pdbx_database_status.status_code_cs                  ? 
_pdbx_database_status.methods_development_category    ? 
_pdbx_database_status.pdb_format_compatible           Y 
_pdbx_database_status.status_code_nmr_data            ? 
# 
loop_
_pdbx_database_related.db_name 
_pdbx_database_related.details 
_pdbx_database_related.db_id 
_pdbx_database_related.content_type 
PDB . 50C8 unspecified 
PDB . 6Q96 unspecified 
# 
_audit_author.name               'Kallen, J.' 
_audit_author.pdbx_ordinal       1 
_audit_author.identifier_ORCID   0000-0002-9389-9056 
# 
_citation.abstract                  ? 
_citation.abstract_id_CAS           ? 
_citation.book_id_ISBN              ? 
_citation.book_publisher            ? 
_citation.book_publisher_city       ? 
_citation.book_title                ? 
_citation.coordinate_linkage        ? 
_citation.country                   DE 
_citation.database_id_Medline       ? 
_citation.details                   ? 
_citation.id                        primary 
_citation.journal_abbrev            Chemmedchem 
_citation.journal_id_ASTM           ? 
_citation.journal_id_CSD            ? 
_citation.journal_id_ISSN           1860-7187 
_citation.journal_full              ? 
_citation.journal_issue             ? 
_citation.journal_volume            14 
_citation.language                  ? 
_citation.page_first                1305 
_citation.page_last                 1314 
_citation.title                     
;Structural States of Hdm2 and HdmX: X-ray Elucidation of Adaptations and Binding Interactions for Different Chemical Compound Classes.
;
_citation.year                      2019 
_citation.database_id_CSD           ? 
_citation.pdbx_database_id_DOI      10.1002/cmdc.201900201 
_citation.pdbx_database_id_PubMed   31066983 
_citation.unpublished_flag          ? 
# 
loop_
_citation_author.citation_id 
_citation_author.name 
_citation_author.ordinal 
_citation_author.identifier_ORCID 
primary 'Kallen, J.'     1  0000-0002-9389-9056 
primary 'Izaac, A.'      2  ?                   
primary 'Chau, S.'       3  ?                   
primary 'Wirth, E.'      4  ?                   
primary 'Schoepfer, J.'  5  0000-0001-7935-1767 
primary 'Mah, R.'        6  ?                   
primary 'Schlapbach, A.' 7  ?                   
primary 'Stutz, S.'      8  ?                   
primary 'Vaupel, A.'     9  ?                   
primary 'Guagnano, V.'   10 ?                   
primary 'Masuya, K.'     11 ?                   
primary 'Stachyra, T.M.' 12 ?                   
primary 'Salem, B.'      13 ?                   
primary 'Chene, P.'      14 ?                   
primary 'Gessier, F.'    15 ?                   
primary 'Holzer, P.'     16 ?                   
primary 'Furet, P.'      17 ?                   
# 
loop_
_entity.id 
_entity.type 
_entity.src_method 
_entity.pdbx_description 
_entity.formula_weight 
_entity.pdbx_number_of_molecules 
_entity.pdbx_ec 
_entity.pdbx_mutation 
_entity.pdbx_fragment 
_entity.details 
1 polymer     man 'E3 ubiquitin-protein ligase Mdm2' 11156.052 1  2.3.2.27 ? 'N-terminal domain, p53 binding domain' ? 
2 non-polymer syn 
'(4~{S})-5-(3-chloranyl-2-fluoranyl-phenyl)-4-(4-chloranyl-2-methyl-phenyl)-3-propan-2-yl-1,4-dihydropyrrolo[3,4-c]pyrazol-6-one' 
418.292   1  ?        ? ?                                       ? 
3 water       nat water 18.015    59 ?        ? ?                                       ? 
# 
_entity_name_com.entity_id   1 
_entity_name_com.name        
'Double minute 2 protein,Hdm2,Oncoprotein Mdm2,RING-type E3 ubiquitin transferase Mdm2,p53-binding protein Mdm2' 
# 
_entity_poly.entity_id                      1 
_entity_poly.type                           'polypeptide(L)' 
_entity_poly.nstd_linkage                   no 
_entity_poly.nstd_monomer                   no 
_entity_poly.pdbx_seq_one_letter_code       
;GSQIPASEQETLVRPKPLLLKLLKSVGAQKDTYTMKEVLFYLGQYIMTKRLYDEKQQHIVYCSNDLLGDLFGVPSFSVKE
HRKIYTMIYRNLVVVN
;
_entity_poly.pdbx_seq_one_letter_code_can   
;GSQIPASEQETLVRPKPLLLKLLKSVGAQKDTYTMKEVLFYLGQYIMTKRLYDEKQQHIVYCSNDLLGDLFGVPSFSVKE
HRKIYTMIYRNLVVVN
;
_entity_poly.pdbx_strand_id                 A 
_entity_poly.pdbx_target_identifier         ? 
# 
loop_
_pdbx_entity_nonpoly.entity_id 
_pdbx_entity_nonpoly.name 
_pdbx_entity_nonpoly.comp_id 
2 
'(4~{S})-5-(3-chloranyl-2-fluoranyl-phenyl)-4-(4-chloranyl-2-methyl-phenyl)-3-propan-2-yl-1,4-dihydropyrrolo[3,4-c]pyrazol-6-one' 
HRH 
3 water HOH 
# 
loop_
_entity_poly_seq.entity_id 
_entity_poly_seq.num 
_entity_poly_seq.mon_id 
_entity_poly_seq.hetero 
1 1  GLY n 
1 2  SER n 
1 3  GLN n 
1 4  ILE n 
1 5  PRO n 
1 6  ALA n 
1 7  SER n 
1 8  GLU n 
1 9  GLN n 
1 10 GLU n 
1 11 THR n 
1 12 LEU n 
1 13 VAL n 
1 14 ARG n 
1 15 PRO n 
1 16 LYS n 
1 17 PRO n 
1 18 LEU n 
1 19 LEU n 
1 20 LEU n 
1 21 LYS n 
1 22 LEU n 
1 23 LEU n 
1 24 LYS n 
1 25 SER n 
1 26 VAL n 
1 27 GLY n 
1 28 ALA n 
1 29 GLN n 
1 30 LYS n 
1 31 ASP n 
1 32 THR n 
1 33 TYR n 
1 34 THR n 
1 35 MET n 
1 36 LYS n 
1 37 GLU n 
1 38 VAL n 
1 39 LEU n 
1 40 PHE n 
1 41 TYR n 
1 42 LEU n 
1 43 GLY n 
1 44 GLN n 
1 45 TYR n 
1 46 ILE n 
1 47 MET n 
1 48 THR n 
1 49 LYS n 
1 50 ARG n 
1 51 LEU n 
1 52 TYR n 
1 53 ASP n 
1 54 GLU n 
1 55 LYS n 
1 56 GLN n 
1 57 GLN n 
1 58 HIS n 
1 59 ILE n 
1 60 VAL n 
1 61 TYR n 
1 62 CYS n 
1 63 SER n 
1 64 ASN n 
1 65 ASP n 
1 66 LEU n 
1 67 LEU n 
1 68 GLY n 
1 69 ASP n 
1 70 LEU n 
1 71 PHE n 
1 72 GLY n 
1 73 VAL n 
1 74 PRO n 
1 75 SER n 
1 76 PHE n 
1 77 SER n 
1 78 VAL n 
1 79 LYS n 
1 80 GLU n 
1 81 HIS n 
1 82 ARG n 
1 83 LYS n 
1 84 ILE n 
1 85 TYR n 
1 86 THR n 
1 87 MET n 
1 88 ILE n 
1 89 TYR n 
1 90 ARG n 
1 91 ASN n 
1 92 LEU n 
1 93 VAL n 
1 94 VAL n 
1 95 VAL n 
1 96 ASN n 
# 
_entity_src_gen.entity_id                          1 
_entity_src_gen.pdbx_src_id                        1 
_entity_src_gen.pdbx_alt_source_flag               sample 
_entity_src_gen.pdbx_seq_type                      'Biological sequence' 
_entity_src_gen.pdbx_beg_seq_num                   1 
_entity_src_gen.pdbx_end_seq_num                   96 
_entity_src_gen.gene_src_common_name               Human 
_entity_src_gen.gene_src_genus                     ? 
_entity_src_gen.pdbx_gene_src_gene                 MDM2 
_entity_src_gen.gene_src_species                   ? 
_entity_src_gen.gene_src_strain                    ? 
_entity_src_gen.gene_src_tissue                    ? 
_entity_src_gen.gene_src_tissue_fraction           ? 
_entity_src_gen.gene_src_details                   ? 
_entity_src_gen.pdbx_gene_src_fragment             ? 
_entity_src_gen.pdbx_gene_src_scientific_name      'Homo sapiens' 
_entity_src_gen.pdbx_gene_src_ncbi_taxonomy_id     9606 
_entity_src_gen.pdbx_gene_src_variant              ? 
_entity_src_gen.pdbx_gene_src_cell_line            ? 
_entity_src_gen.pdbx_gene_src_atcc                 ? 
_entity_src_gen.pdbx_gene_src_organ                ? 
_entity_src_gen.pdbx_gene_src_organelle            ? 
_entity_src_gen.pdbx_gene_src_cell                 ? 
_entity_src_gen.pdbx_gene_src_cellular_location    ? 
_entity_src_gen.host_org_common_name               ? 
_entity_src_gen.pdbx_host_org_scientific_name      'Escherichia coli BL21' 
_entity_src_gen.pdbx_host_org_ncbi_taxonomy_id     511693 
_entity_src_gen.host_org_genus                     ? 
_entity_src_gen.pdbx_host_org_gene                 ? 
_entity_src_gen.pdbx_host_org_organ                ? 
_entity_src_gen.host_org_species                   ? 
_entity_src_gen.pdbx_host_org_tissue               ? 
_entity_src_gen.pdbx_host_org_tissue_fraction      ? 
_entity_src_gen.pdbx_host_org_strain               ? 
_entity_src_gen.pdbx_host_org_variant              ? 
_entity_src_gen.pdbx_host_org_cell_line            ? 
_entity_src_gen.pdbx_host_org_atcc                 ? 
_entity_src_gen.pdbx_host_org_culture_collection   ? 
_entity_src_gen.pdbx_host_org_cell                 ? 
_entity_src_gen.pdbx_host_org_organelle            ? 
_entity_src_gen.pdbx_host_org_cellular_location    ? 
_entity_src_gen.pdbx_host_org_vector_type          plasmid 
_entity_src_gen.pdbx_host_org_vector               ? 
_entity_src_gen.host_org_details                   ? 
_entity_src_gen.expression_system_id               ? 
_entity_src_gen.plasmid_name                       'pET28-derived vector' 
_entity_src_gen.plasmid_details                    ? 
_entity_src_gen.pdbx_description                   ? 
# 
loop_
_chem_comp.id 
_chem_comp.type 
_chem_comp.mon_nstd_flag 
_chem_comp.name 
_chem_comp.pdbx_synonyms 
_chem_comp.formula 
_chem_comp.formula_weight 
ALA 'L-peptide linking' y ALANINE ? 'C3 H7 N O2'         89.093  
ARG 'L-peptide linking' y ARGININE ? 'C6 H15 N4 O2 1'     175.209 
ASN 'L-peptide linking' y ASPARAGINE ? 'C4 H8 N2 O3'        132.118 
ASP 'L-peptide linking' y 'ASPARTIC ACID' ? 'C4 H7 N O4'         133.103 
CYS 'L-peptide linking' y CYSTEINE ? 'C3 H7 N O2 S'       121.158 
GLN 'L-peptide linking' y GLUTAMINE ? 'C5 H10 N2 O3'       146.144 
GLU 'L-peptide linking' y 'GLUTAMIC ACID' ? 'C5 H9 N O4'         147.129 
GLY 'peptide linking'   y GLYCINE ? 'C2 H5 N O2'         75.067  
HIS 'L-peptide linking' y HISTIDINE ? 'C6 H10 N3 O2 1'     156.162 
HOH non-polymer         . WATER ? 'H2 O'               18.015  
HRH non-polymer         . 
'(4~{S})-5-(3-chloranyl-2-fluoranyl-phenyl)-4-(4-chloranyl-2-methyl-phenyl)-3-propan-2-yl-1,4-dihydropyrrolo[3,4-c]pyrazol-6-one' 
? 'C21 H18 Cl2 F N3 O' 418.292 
ILE 'L-peptide linking' y ISOLEUCINE ? 'C6 H13 N O2'        131.173 
LEU 'L-peptide linking' y LEUCINE ? 'C6 H13 N O2'        131.173 
LYS 'L-peptide linking' y LYSINE ? 'C6 H15 N2 O2 1'     147.195 
MET 'L-peptide linking' y METHIONINE ? 'C5 H11 N O2 S'      149.211 
PHE 'L-peptide linking' y PHENYLALANINE ? 'C9 H11 N O2'        165.189 
PRO 'L-peptide linking' y PROLINE ? 'C5 H9 N O2'         115.130 
SER 'L-peptide linking' y SERINE ? 'C3 H7 N O3'         105.093 
THR 'L-peptide linking' y THREONINE ? 'C4 H9 N O3'         119.119 
TYR 'L-peptide linking' y TYROSINE ? 'C9 H11 N O3'        181.189 
VAL 'L-peptide linking' y VALINE ? 'C5 H11 N O2'        117.146 
# 
loop_
_pdbx_poly_seq_scheme.asym_id 
_pdbx_poly_seq_scheme.entity_id 
_pdbx_poly_seq_scheme.seq_id 
_pdbx_poly_seq_scheme.mon_id 
_pdbx_poly_seq_scheme.ndb_seq_num 
_pdbx_poly_seq_scheme.pdb_seq_num 
_pdbx_poly_seq_scheme.auth_seq_num 
_pdbx_poly_seq_scheme.pdb_mon_id 
_pdbx_poly_seq_scheme.auth_mon_id 
_pdbx_poly_seq_scheme.pdb_strand_id 
_pdbx_poly_seq_scheme.pdb_ins_code 
_pdbx_poly_seq_scheme.hetero 
A 1 1  GLY 1  16  ?   ?   ?   A . n 
A 1 2  SER 2  17  ?   ?   ?   A . n 
A 1 3  GLN 3  18  ?   ?   ?   A . n 
A 1 4  ILE 4  19  19  ILE ILE A . n 
A 1 5  PRO 5  20  20  PRO PRO A . n 
A 1 6  ALA 6  21  21  ALA ALA A . n 
A 1 7  SER 7  22  22  SER SER A . n 
A 1 8  GLU 8  23  23  GLU GLU A . n 
A 1 9  GLN 9  24  24  GLN GLN A . n 
A 1 10 GLU 10 25  25  GLU GLU A . n 
A 1 11 THR 11 26  26  THR THR A . n 
A 1 12 LEU 12 27  27  LEU LEU A . n 
A 1 13 VAL 13 28  28  VAL VAL A . n 
A 1 14 ARG 14 29  29  ARG ARG A . n 
A 1 15 PRO 15 30  30  PRO PRO A . n 
A 1 16 LYS 16 31  31  LYS LYS A . n 
A 1 17 PRO 17 32  32  PRO PRO A . n 
A 1 18 LEU 18 33  33  LEU LEU A . n 
A 1 19 LEU 19 34  34  LEU LEU A . n 
A 1 20 LEU 20 35  35  LEU LEU A . n 
A 1 21 LYS 21 36  36  LYS LYS A . n 
A 1 22 LEU 22 37  37  LEU LEU A . n 
A 1 23 LEU 23 38  38  LEU LEU A . n 
A 1 24 LYS 24 39  39  LYS LYS A . n 
A 1 25 SER 25 40  40  SER SER A . n 
A 1 26 VAL 26 41  41  VAL VAL A . n 
A 1 27 GLY 27 42  42  GLY GLY A . n 
A 1 28 ALA 28 43  43  ALA ALA A . n 
A 1 29 GLN 29 44  44  GLN GLN A . n 
A 1 30 LYS 30 45  45  LYS LYS A . n 
A 1 31 ASP 31 46  46  ASP ASP A . n 
A 1 32 THR 32 47  47  THR THR A . n 
A 1 33 TYR 33 48  48  TYR TYR A . n 
A 1 34 THR 34 49  49  THR THR A . n 
A 1 35 MET 35 50  50  MET MET A . n 
A 1 36 LYS 36 51  51  LYS LYS A . n 
A 1 37 GLU 37 52  52  GLU GLU A . n 
A 1 38 VAL 38 53  53  VAL VAL A . n 
A 1 39 LEU 39 54  54  LEU LEU A . n 
A 1 40 PHE 40 55  55  PHE PHE A . n 
A 1 41 TYR 41 56  56  TYR TYR A . n 
A 1 42 LEU 42 57  57  LEU LEU A . n 
A 1 43 GLY 43 58  58  GLY GLY A . n 
A 1 44 GLN 44 59  59  GLN GLN A . n 
A 1 45 TYR 45 60  60  TYR TYR A . n 
A 1 46 ILE 46 61  61  ILE ILE A . n 
A 1 47 MET 47 62  62  MET MET A . n 
A 1 48 THR 48 63  63  THR THR A . n 
A 1 49 LYS 49 64  64  LYS LYS A . n 
A 1 50 ARG 50 65  65  ARG ARG A . n 
A 1 51 LEU 51 66  66  LEU LEU A . n 
A 1 52 TYR 52 67  67  TYR TYR A . n 
A 1 53 ASP 53 68  68  ASP ASP A . n 
A 1 54 GLU 54 69  69  GLU GLU A . n 
A 1 55 LYS 55 70  70  LYS LYS A . n 
A 1 56 GLN 56 71  71  GLN GLN A . n 
A 1 57 GLN 57 72  72  GLN GLN A . n 
A 1 58 HIS 58 73  73  HIS HIS A . n 
A 1 59 ILE 59 74  74  ILE ILE A . n 
A 1 60 VAL 60 75  75  VAL VAL A . n 
A 1 61 TYR 61 76  76  TYR TYR A . n 
A 1 62 CYS 62 77  77  CYS CYS A . n 
A 1 63 SER 63 78  78  SER SER A . n 
A 1 64 ASN 64 79  79  ASN ASN A . n 
A 1 65 ASP 65 80  80  ASP ASP A . n 
A 1 66 LEU 66 81  81  LEU LEU A . n 
A 1 67 LEU 67 82  82  LEU LEU A . n 
A 1 68 GLY 68 83  83  GLY GLY A . n 
A 1 69 ASP 69 84  84  ASP ASP A . n 
A 1 70 LEU 70 85  85  LEU LEU A . n 
A 1 71 PHE 71 86  86  PHE PHE A . n 
A 1 72 GLY 72 87  87  GLY GLY A . n 
A 1 73 VAL 73 88  88  VAL VAL A . n 
A 1 74 PRO 74 89  89  PRO PRO A . n 
A 1 75 SER 75 90  90  SER SER A . n 
A 1 76 PHE 76 91  91  PHE PHE A . n 
A 1 77 SER 77 92  92  SER SER A . n 
A 1 78 VAL 78 93  93  VAL VAL A . n 
A 1 79 LYS 79 94  94  LYS LYS A . n 
A 1 80 GLU 80 95  95  GLU GLU A . n 
A 1 81 HIS 81 96  96  HIS HIS A . n 
A 1 82 ARG 82 97  97  ARG ARG A . n 
A 1 83 LYS 83 98  98  LYS LYS A . n 
A 1 84 ILE 84 99  99  ILE ILE A . n 
A 1 85 TYR 85 100 100 TYR TYR A . n 
A 1 86 THR 86 101 101 THR THR A . n 
A 1 87 MET 87 102 102 MET MET A . n 
A 1 88 ILE 88 103 103 ILE ILE A . n 
A 1 89 TYR 89 104 104 TYR TYR A . n 
A 1 90 ARG 90 105 105 ARG ARG A . n 
A 1 91 ASN 91 106 106 ASN ASN A . n 
A 1 92 LEU 92 107 107 LEU LEU A . n 
A 1 93 VAL 93 108 108 VAL VAL A . n 
A 1 94 VAL 94 109 109 VAL VAL A . n 
A 1 95 VAL 95 110 110 VAL VAL A . n 
A 1 96 ASN 96 111 ?   ?   ?   A . n 
# 
loop_
_pdbx_nonpoly_scheme.asym_id 
_pdbx_nonpoly_scheme.entity_id 
_pdbx_nonpoly_scheme.mon_id 
_pdbx_nonpoly_scheme.ndb_seq_num 
_pdbx_nonpoly_scheme.pdb_seq_num 
_pdbx_nonpoly_scheme.auth_seq_num 
_pdbx_nonpoly_scheme.pdb_mon_id 
_pdbx_nonpoly_scheme.auth_mon_id 
_pdbx_nonpoly_scheme.pdb_strand_id 
_pdbx_nonpoly_scheme.pdb_ins_code 
B 2 HRH 1  201 1  HRH LI1 A . 
C 3 HOH 1  301 16 HOH HOH A . 
C 3 HOH 2  302 17 HOH HOH A . 
C 3 HOH 3  303 36 HOH HOH A . 
C 3 HOH 4  304 34 HOH HOH A . 
C 3 HOH 5  305 43 HOH HOH A . 
C 3 HOH 6  306 18 HOH HOH A . 
C 3 HOH 7  307 22 HOH HOH A . 
C 3 HOH 8  308 11 HOH HOH A . 
C 3 HOH 9  309 13 HOH HOH A . 
C 3 HOH 10 310 14 HOH HOH A . 
C 3 HOH 11 311 27 HOH HOH A . 
C 3 HOH 12 312 21 HOH HOH A . 
C 3 HOH 13 313 49 HOH HOH A . 
C 3 HOH 14 314 24 HOH HOH A . 
C 3 HOH 15 315 30 HOH HOH A . 
C 3 HOH 16 316 3  HOH HOH A . 
C 3 HOH 17 317 23 HOH HOH A . 
C 3 HOH 18 318 2  HOH HOH A . 
C 3 HOH 19 319 52 HOH HOH A . 
C 3 HOH 20 320 7  HOH HOH A . 
C 3 HOH 21 321 8  HOH HOH A . 
C 3 HOH 22 322 1  HOH HOH A . 
C 3 HOH 23 323 4  HOH HOH A . 
C 3 HOH 24 324 25 HOH HOH A . 
C 3 HOH 25 325 50 HOH HOH A . 
C 3 HOH 26 326 31 HOH HOH A . 
C 3 HOH 27 327 12 HOH HOH A . 
C 3 HOH 28 328 15 HOH HOH A . 
C 3 HOH 29 329 33 HOH HOH A . 
C 3 HOH 30 330 45 HOH HOH A . 
C 3 HOH 31 331 44 HOH HOH A . 
C 3 HOH 32 332 51 HOH HOH A . 
C 3 HOH 33 333 40 HOH HOH A . 
C 3 HOH 34 334 59 HOH HOH A . 
C 3 HOH 35 335 10 HOH HOH A . 
C 3 HOH 36 336 56 HOH HOH A . 
C 3 HOH 37 337 32 HOH HOH A . 
C 3 HOH 38 338 26 HOH HOH A . 
C 3 HOH 39 339 39 HOH HOH A . 
C 3 HOH 40 340 35 HOH HOH A . 
C 3 HOH 41 341 9  HOH HOH A . 
C 3 HOH 42 342 57 HOH HOH A . 
C 3 HOH 43 343 48 HOH HOH A . 
C 3 HOH 44 344 20 HOH HOH A . 
C 3 HOH 45 345 6  HOH HOH A . 
C 3 HOH 46 346 38 HOH HOH A . 
C 3 HOH 47 347 5  HOH HOH A . 
C 3 HOH 48 348 46 HOH HOH A . 
C 3 HOH 49 349 37 HOH HOH A . 
C 3 HOH 50 350 19 HOH HOH A . 
C 3 HOH 51 351 29 HOH HOH A . 
C 3 HOH 52 352 41 HOH HOH A . 
C 3 HOH 53 353 28 HOH HOH A . 
C 3 HOH 54 354 42 HOH HOH A . 
C 3 HOH 55 355 47 HOH HOH A . 
C 3 HOH 56 356 54 HOH HOH A . 
C 3 HOH 57 357 55 HOH HOH A . 
C 3 HOH 58 358 58 HOH HOH A . 
C 3 HOH 59 359 53 HOH HOH A . 
# 
loop_
_software.citation_id 
_software.classification 
_software.compiler_name 
_software.compiler_version 
_software.contact_author 
_software.contact_author_email 
_software.date 
_software.description 
_software.dependencies 
_software.hardware 
_software.language 
_software.location 
_software.mods 
_software.name 
_software.os 
_software.os_version 
_software.type 
_software.version 
_software.pdbx_ordinal 
? 'data reduction'  ? ? 'Zbyszek Otwinowski' hkl@hkl-xray.com            ?              ? ? ? ?          http://www.hkl-xray.com/ 
? DENZO       ? ? program .    1 
? 'data scaling'    ? ? 'Zbyszek Otwinowski' hkl@hkl-xray.com            ?              ? ? ? ?          http://www.hkl-xray.com/ 
? SCALEPACK   ? ? program .    2 
? phasing           ? ? 'Randy J. Read'      cimr-phaser@lists.cam.ac.uk ?              ? ? ? ?          
http://www-structmed.cimr.cam.ac.uk/phaser/  ? PHASER      ? ? program .    3 
? refinement        ? ? 'Garib N. Murshudov' garib@ysbl.york.ac.uk       ?              ? ? ? Fortran_77 
http://www.ccp4.ac.uk/dist/html/refmac5.html ? REFMAC      ? ? program .    4 
? 'data extraction' ? ? PDB                  deposit@deposit.rcsb.org    'Sep. 1, 2017' ? ? ? C++        
http://sw-tools.pdb.org/apps/PDB_EXTRACT/    ? PDB_EXTRACT ? ? package 3.24 5 
# 
_cell.angle_alpha                  90.000 
_cell.angle_alpha_esd              ? 
_cell.angle_beta                   90.000 
_cell.angle_beta_esd               ? 
_cell.angle_gamma                  120.000 
_cell.angle_gamma_esd              ? 
_cell.entry_id                     6Q9H 
_cell.details                      ? 
_cell.formula_units_Z              ? 
_cell.length_a                     56.611 
_cell.length_a_esd                 ? 
_cell.length_b                     56.611 
_cell.length_b_esd                 ? 
_cell.length_c                     102.641 
_cell.length_c_esd                 ? 
_cell.volume                       ? 
_cell.volume_esd                   ? 
_cell.Z_PDB                        12 
_cell.reciprocal_angle_alpha       ? 
_cell.reciprocal_angle_beta        ? 
_cell.reciprocal_angle_gamma       ? 
_cell.reciprocal_angle_alpha_esd   ? 
_cell.reciprocal_angle_beta_esd    ? 
_cell.reciprocal_angle_gamma_esd   ? 
_cell.reciprocal_length_a          ? 
_cell.reciprocal_length_b          ? 
_cell.reciprocal_length_c          ? 
_cell.reciprocal_length_a_esd      ? 
_cell.reciprocal_length_b_esd      ? 
_cell.reciprocal_length_c_esd      ? 
_cell.pdbx_unique_axis             ? 
# 
_symmetry.entry_id                         6Q9H 
_symmetry.cell_setting                     ? 
_symmetry.Int_Tables_number                178 
_symmetry.space_group_name_Hall            ? 
_symmetry.space_group_name_H-M             'P 61 2 2' 
_symmetry.pdbx_full_space_group_name_H-M   ? 
# 
_exptl.absorpt_coefficient_mu     ? 
_exptl.absorpt_correction_T_max   ? 
_exptl.absorpt_correction_T_min   ? 
_exptl.absorpt_correction_type    ? 
_exptl.absorpt_process_details    ? 
_exptl.entry_id                   6Q9H 
_exptl.crystals_number            1 
_exptl.details                    ? 
_exptl.method                     'X-RAY DIFFRACTION' 
_exptl.method_details             ? 
# 
_exptl_crystal.colour                      ? 
_exptl_crystal.density_diffrn              ? 
_exptl_crystal.density_Matthews            2.13 
_exptl_crystal.density_method              ? 
_exptl_crystal.density_percent_sol         42.20 
_exptl_crystal.description                 ? 
_exptl_crystal.F_000                       ? 
_exptl_crystal.id                          1 
_exptl_crystal.preparation                 ? 
_exptl_crystal.size_max                    ? 
_exptl_crystal.size_mid                    ? 
_exptl_crystal.size_min                    ? 
_exptl_crystal.size_rad                    ? 
_exptl_crystal.colour_lustre               ? 
_exptl_crystal.colour_modifier             ? 
_exptl_crystal.colour_primary              ? 
_exptl_crystal.density_meas                ? 
_exptl_crystal.density_meas_esd            ? 
_exptl_crystal.density_meas_gt             ? 
_exptl_crystal.density_meas_lt             ? 
_exptl_crystal.density_meas_temp           ? 
_exptl_crystal.density_meas_temp_esd       ? 
_exptl_crystal.density_meas_temp_gt        ? 
_exptl_crystal.density_meas_temp_lt        ? 
_exptl_crystal.pdbx_crystal_image_url      ? 
_exptl_crystal.pdbx_crystal_image_format   ? 
_exptl_crystal.pdbx_mosaicity              1.096 
_exptl_crystal.pdbx_mosaicity_esd          ? 
# 
_exptl_crystal_grow.apparatus       ? 
_exptl_crystal_grow.atmosphere      ? 
_exptl_crystal_grow.crystal_id      1 
_exptl_crystal_grow.details         ? 
_exptl_crystal_grow.method          'VAPOR DIFFUSION, HANGING DROP' 
_exptl_crystal_grow.method_ref      ? 
_exptl_crystal_grow.pH              ? 
_exptl_crystal_grow.pressure        ? 
_exptl_crystal_grow.pressure_esd    ? 
_exptl_crystal_grow.seeding         ? 
_exptl_crystal_grow.seeding_ref     ? 
_exptl_crystal_grow.temp            298 
_exptl_crystal_grow.temp_details    ? 
_exptl_crystal_grow.temp_esd        ? 
_exptl_crystal_grow.time            ? 
_exptl_crystal_grow.pdbx_details    '2.2M AmSO4, 0.2M NH4PO4' 
_exptl_crystal_grow.pdbx_pH_range   ? 
# 
_diffrn.ambient_environment              ? 
_diffrn.ambient_temp                     100 
_diffrn.ambient_temp_details             ? 
_diffrn.ambient_temp_esd                 ? 
_diffrn.crystal_id                       1 
_diffrn.crystal_support                  ? 
_diffrn.crystal_treatment                ? 
_diffrn.details                          ? 
_diffrn.id                               1 
_diffrn.ambient_pressure                 ? 
_diffrn.ambient_pressure_esd             ? 
_diffrn.ambient_pressure_gt              ? 
_diffrn.ambient_pressure_lt              ? 
_diffrn.ambient_temp_gt                  ? 
_diffrn.ambient_temp_lt                  ? 
_diffrn.pdbx_serial_crystal_experiment   N 
# 
_diffrn_detector.details                      ? 
_diffrn_detector.detector                     CCD 
_diffrn_detector.diffrn_id                    1 
_diffrn_detector.type                         'MARMOSAIC 225 mm CCD' 
_diffrn_detector.area_resol_mean              ? 
_diffrn_detector.dtime                        ? 
_diffrn_detector.pdbx_frames_total            ? 
_diffrn_detector.pdbx_collection_time_total   ? 
_diffrn_detector.pdbx_collection_date         2009-02-12 
_diffrn_detector.pdbx_frequency               ? 
# 
_diffrn_radiation.collimation                      ? 
_diffrn_radiation.diffrn_id                        1 
_diffrn_radiation.filter_edge                      ? 
_diffrn_radiation.inhomogeneity                    ? 
_diffrn_radiation.monochromator                    'SI 111 channel' 
_diffrn_radiation.polarisn_norm                    ? 
_diffrn_radiation.polarisn_ratio                   ? 
_diffrn_radiation.probe                            ? 
_diffrn_radiation.type                             ? 
_diffrn_radiation.xray_symbol                      ? 
_diffrn_radiation.wavelength_id                    1 
_diffrn_radiation.pdbx_monochromatic_or_laue_m_l   M 
_diffrn_radiation.pdbx_wavelength_list             ? 
_diffrn_radiation.pdbx_wavelength                  ? 
_diffrn_radiation.pdbx_diffrn_protocol             'SINGLE WAVELENGTH' 
_diffrn_radiation.pdbx_analyzer                    ? 
_diffrn_radiation.pdbx_scattering_type             x-ray 
# 
_diffrn_radiation_wavelength.id           1 
_diffrn_radiation_wavelength.wavelength   1.00000 
_diffrn_radiation_wavelength.wt           1.0 
# 
_diffrn_source.current                     ? 
_diffrn_source.details                     ? 
_diffrn_source.diffrn_id                   1 
_diffrn_source.power                       ? 
_diffrn_source.size                        ? 
_diffrn_source.source                      SYNCHROTRON 
_diffrn_source.target                      ? 
_diffrn_source.type                        'SLS BEAMLINE X10SA' 
_diffrn_source.voltage                     ? 
_diffrn_source.take-off_angle              ? 
_diffrn_source.pdbx_wavelength_list        1.00000 
_diffrn_source.pdbx_wavelength             ? 
_diffrn_source.pdbx_synchrotron_beamline   X10SA 
_diffrn_source.pdbx_synchrotron_site       SLS 
# 
_reflns.B_iso_Wilson_estimate            ? 
_reflns.entry_id                         6Q9H 
_reflns.data_reduction_details           ? 
_reflns.data_reduction_method            ? 
_reflns.d_resolution_high                2.000 
_reflns.d_resolution_low                 20.000 
_reflns.details                          ? 
_reflns.limit_h_max                      ? 
_reflns.limit_h_min                      ? 
_reflns.limit_k_max                      ? 
_reflns.limit_k_min                      ? 
_reflns.limit_l_max                      ? 
_reflns.limit_l_min                      ? 
_reflns.number_all                       ? 
_reflns.number_obs                       7016 
_reflns.observed_criterion               ? 
_reflns.observed_criterion_F_max         ? 
_reflns.observed_criterion_F_min         ? 
_reflns.observed_criterion_I_max         ? 
_reflns.observed_criterion_I_min         ? 
_reflns.observed_criterion_sigma_F       ? 
_reflns.observed_criterion_sigma_I       ? 
_reflns.percent_possible_obs             99.200 
_reflns.R_free_details                   ? 
_reflns.Rmerge_F_all                     ? 
_reflns.Rmerge_F_obs                     ? 
_reflns.Friedel_coverage                 ? 
_reflns.number_gt                        ? 
_reflns.threshold_expression             ? 
_reflns.pdbx_redundancy                  6.700 
_reflns.pdbx_Rmerge_I_obs                0.062 
_reflns.pdbx_Rmerge_I_all                ? 
_reflns.pdbx_Rsym_value                  ? 
_reflns.pdbx_netI_over_av_sigmaI         ? 
_reflns.pdbx_netI_over_sigmaI            26.310 
_reflns.pdbx_res_netI_over_av_sigmaI_2   ? 
_reflns.pdbx_res_netI_over_sigmaI_2      ? 
_reflns.pdbx_chi_squared                 0.938 
_reflns.pdbx_scaling_rejects             ? 
_reflns.pdbx_d_res_high_opt              ? 
_reflns.pdbx_d_res_low_opt               ? 
_reflns.pdbx_d_res_opt_method            ? 
_reflns.phase_calculation_details        ? 
_reflns.pdbx_Rrim_I_all                  ? 
_reflns.pdbx_Rpim_I_all                  ? 
_reflns.pdbx_d_opt                       ? 
_reflns.pdbx_number_measured_all         ? 
_reflns.pdbx_diffrn_id                   1 
_reflns.pdbx_ordinal                     1 
_reflns.pdbx_CC_half                     ? 
_reflns.pdbx_R_split                     ? 
# 
_reflns_shell.d_res_high                  2.000 
_reflns_shell.d_res_low                   2.070 
_reflns_shell.meanI_over_sigI_all         ? 
_reflns_shell.meanI_over_sigI_obs         3.880 
_reflns_shell.number_measured_all         ? 
_reflns_shell.number_measured_obs         ? 
_reflns_shell.number_possible             ? 
_reflns_shell.number_unique_all           ? 
_reflns_shell.number_unique_obs           804 
_reflns_shell.percent_possible_all        97.900 
_reflns_shell.percent_possible_obs        ? 
_reflns_shell.Rmerge_F_all                ? 
_reflns_shell.Rmerge_F_obs                ? 
_reflns_shell.Rmerge_I_all                ? 
_reflns_shell.Rmerge_I_obs                0.247 
_reflns_shell.meanI_over_sigI_gt          ? 
_reflns_shell.meanI_over_uI_all           ? 
_reflns_shell.meanI_over_uI_gt            ? 
_reflns_shell.number_measured_gt          ? 
_reflns_shell.number_unique_gt            ? 
_reflns_shell.percent_possible_gt         ? 
_reflns_shell.Rmerge_F_gt                 ? 
_reflns_shell.Rmerge_I_gt                 ? 
_reflns_shell.pdbx_redundancy             6.400 
_reflns_shell.pdbx_Rsym_value             ? 
_reflns_shell.pdbx_chi_squared            1.855 
_reflns_shell.pdbx_netI_over_sigmaI_all   ? 
_reflns_shell.pdbx_netI_over_sigmaI_obs   ? 
_reflns_shell.pdbx_Rrim_I_all             ? 
_reflns_shell.pdbx_Rpim_I_all             ? 
_reflns_shell.pdbx_rejects                ? 
_reflns_shell.pdbx_ordinal                1 
_reflns_shell.pdbx_diffrn_id              1 
_reflns_shell.pdbx_CC_half                ? 
_reflns_shell.pdbx_R_split                ? 
# 
_refine.aniso_B[1][1]                            0.0300 
_refine.aniso_B[1][2]                            0.0200 
_refine.aniso_B[1][3]                            0.0000 
_refine.aniso_B[2][2]                            0.0300 
_refine.aniso_B[2][3]                            0.0000 
_refine.aniso_B[3][3]                            -0.0500 
_refine.B_iso_max                                57.240 
_refine.B_iso_mean                               23.5850 
_refine.B_iso_min                                10.680 
_refine.correlation_coeff_Fo_to_Fc               0.9210 
_refine.correlation_coeff_Fo_to_Fc_free          0.8970 
_refine.details                                  
'HYDROGENS HAVE BEEN ADDED IN THE RIDING POSITIONS U VALUES      : REFINED INDIVIDUALLY' 
_refine.diff_density_max                         ? 
_refine.diff_density_max_esd                     ? 
_refine.diff_density_min                         ? 
_refine.diff_density_min_esd                     ? 
_refine.diff_density_rms                         ? 
_refine.diff_density_rms_esd                     ? 
_refine.entry_id                                 6Q9H 
_refine.pdbx_refine_id                           'X-RAY DIFFRACTION' 
_refine.ls_abs_structure_details                 ? 
_refine.ls_abs_structure_Flack                   ? 
_refine.ls_abs_structure_Flack_esd               ? 
_refine.ls_abs_structure_Rogers                  ? 
_refine.ls_abs_structure_Rogers_esd              ? 
_refine.ls_d_res_high                            2.0000 
_refine.ls_d_res_low                             20.0000 
_refine.ls_extinction_coef                       ? 
_refine.ls_extinction_coef_esd                   ? 
_refine.ls_extinction_expression                 ? 
_refine.ls_extinction_method                     ? 
_refine.ls_goodness_of_fit_all                   ? 
_refine.ls_goodness_of_fit_all_esd               ? 
_refine.ls_goodness_of_fit_obs                   ? 
_refine.ls_goodness_of_fit_obs_esd               ? 
_refine.ls_hydrogen_treatment                    ? 
_refine.ls_matrix_type                           ? 
_refine.ls_number_constraints                    ? 
_refine.ls_number_parameters                     ? 
_refine.ls_number_reflns_all                     ? 
_refine.ls_number_reflns_obs                     6651 
_refine.ls_number_reflns_R_free                  330 
_refine.ls_number_reflns_R_work                  ? 
_refine.ls_number_restraints                     ? 
_refine.ls_percent_reflns_obs                    99.2600 
_refine.ls_percent_reflns_R_free                 4.7000 
_refine.ls_R_factor_all                          ? 
_refine.ls_R_factor_obs                          0.2350 
_refine.ls_R_factor_R_free                       0.2661 
_refine.ls_R_factor_R_free_error                 ? 
_refine.ls_R_factor_R_free_error_details         ? 
_refine.ls_R_factor_R_work                       0.2334 
_refine.ls_R_Fsqd_factor_obs                     ? 
_refine.ls_R_I_factor_obs                        ? 
_refine.ls_redundancy_reflns_all                 ? 
_refine.ls_redundancy_reflns_obs                 ? 
_refine.ls_restrained_S_all                      ? 
_refine.ls_restrained_S_obs                      ? 
_refine.ls_shift_over_esd_max                    ? 
_refine.ls_shift_over_esd_mean                   ? 
_refine.ls_structure_factor_coef                 ? 
_refine.ls_weighting_details                     ? 
_refine.ls_weighting_scheme                      ? 
_refine.ls_wR_factor_all                         ? 
_refine.ls_wR_factor_obs                         ? 
_refine.ls_wR_factor_R_free                      ? 
_refine.ls_wR_factor_R_work                      ? 
_refine.occupancy_max                            ? 
_refine.occupancy_min                            ? 
_refine.solvent_model_details                    ? 
_refine.solvent_model_param_bsol                 ? 
_refine.solvent_model_param_ksol                 ? 
_refine.ls_R_factor_gt                           ? 
_refine.ls_goodness_of_fit_gt                    ? 
_refine.ls_goodness_of_fit_ref                   ? 
_refine.ls_shift_over_su_max                     ? 
_refine.ls_shift_over_su_max_lt                  ? 
_refine.ls_shift_over_su_mean                    ? 
_refine.ls_shift_over_su_mean_lt                 ? 
_refine.pdbx_ls_sigma_I                          ? 
_refine.pdbx_ls_sigma_F                          0.000 
_refine.pdbx_ls_sigma_Fsqd                       ? 
_refine.pdbx_data_cutoff_high_absF               ? 
_refine.pdbx_data_cutoff_high_rms_absF           ? 
_refine.pdbx_data_cutoff_low_absF                ? 
_refine.pdbx_isotropic_thermal_model             ? 
_refine.pdbx_ls_cross_valid_method               THROUGHOUT 
_refine.pdbx_method_to_determine_struct          'MOLECULAR REPLACEMENT' 
_refine.pdbx_starting_model                      4OQ3 
_refine.pdbx_stereochemistry_target_values       ? 
_refine.pdbx_R_Free_selection_details            RANDOM 
_refine.pdbx_stereochem_target_val_spec_case     ? 
_refine.pdbx_overall_ESU_R                       0.2410 
_refine.pdbx_overall_ESU_R_Free                  0.1930 
_refine.pdbx_solvent_vdw_probe_radii             1.2000 
_refine.pdbx_solvent_ion_probe_radii             0.8000 
_refine.pdbx_solvent_shrinkage_radii             0.8000 
_refine.pdbx_real_space_R                        ? 
_refine.pdbx_density_correlation                 ? 
_refine.pdbx_pd_number_of_powder_patterns        ? 
_refine.pdbx_pd_number_of_points                 ? 
_refine.pdbx_pd_meas_number_of_points            ? 
_refine.pdbx_pd_proc_ls_prof_R_factor            ? 
_refine.pdbx_pd_proc_ls_prof_wR_factor           ? 
_refine.pdbx_pd_Marquardt_correlation_coeff      ? 
_refine.pdbx_pd_Fsqrd_R_factor                   ? 
_refine.pdbx_pd_ls_matrix_band_width             ? 
_refine.pdbx_overall_phase_error                 ? 
_refine.pdbx_overall_SU_R_free_Cruickshank_DPI   ? 
_refine.pdbx_overall_SU_R_free_Blow_DPI          ? 
_refine.pdbx_overall_SU_R_Blow_DPI               ? 
_refine.pdbx_TLS_residual_ADP_flag               ? 
_refine.pdbx_diffrn_id                           1 
_refine.overall_SU_B                             4.6690 
_refine.overall_SU_ML                            0.1290 
_refine.overall_SU_R_Cruickshank_DPI             0.2415 
_refine.overall_SU_R_free                        ? 
_refine.overall_FOM_free_R_set                   ? 
_refine.overall_FOM_work_R_set                   ? 
_refine.pdbx_average_fsc_overall                 ? 
_refine.pdbx_average_fsc_work                    ? 
_refine.pdbx_average_fsc_free                    ? 
# 
_refine_hist.cycle_id                         final 
_refine_hist.pdbx_refine_id                   'X-RAY DIFFRACTION' 
_refine_hist.d_res_high                       2.0000 
_refine_hist.d_res_low                        20.0000 
_refine_hist.pdbx_number_atoms_ligand         28 
_refine_hist.number_atoms_solvent             59 
_refine_hist.number_atoms_total               843 
_refine_hist.pdbx_number_residues_total       92 
_refine_hist.pdbx_B_iso_mean_ligand           24.49 
_refine_hist.pdbx_B_iso_mean_solvent          35.62 
_refine_hist.pdbx_number_atoms_protein        756 
_refine_hist.pdbx_number_atoms_nucleic_acid   0 
# 
loop_
_refine_ls_restr.pdbx_refine_id 
_refine_ls_restr.criterion 
_refine_ls_restr.dev_ideal 
_refine_ls_restr.dev_ideal_target 
_refine_ls_restr.number 
_refine_ls_restr.rejects 
_refine_ls_restr.type 
_refine_ls_restr.weight 
_refine_ls_restr.pdbx_restraint_function 
'X-RAY DIFFRACTION' ? 0.009  0.022  802  ? r_bond_refined_d       ? ? 
'X-RAY DIFFRACTION' ? 1.115  2.041  1087 ? r_angle_refined_deg    ? ? 
'X-RAY DIFFRACTION' ? 5.765  5.000  91   ? r_dihedral_angle_1_deg ? ? 
'X-RAY DIFFRACTION' ? 42.192 23.750 32   ? r_dihedral_angle_2_deg ? ? 
'X-RAY DIFFRACTION' ? 14.161 15.000 151  ? r_dihedral_angle_3_deg ? ? 
'X-RAY DIFFRACTION' ? 27.148 15.000 4    ? r_dihedral_angle_4_deg ? ? 
'X-RAY DIFFRACTION' ? 0.071  0.200  122  ? r_chiral_restr         ? ? 
'X-RAY DIFFRACTION' ? 0.006  0.021  582  ? r_gen_planes_refined   ? ? 
# 
_refine_ls_shell.pdbx_refine_id                   'X-RAY DIFFRACTION' 
_refine_ls_shell.d_res_high                       2.0030 
_refine_ls_shell.d_res_low                        2.0540 
_refine_ls_shell.number_reflns_all                489 
_refine_ls_shell.number_reflns_obs                ? 
_refine_ls_shell.number_reflns_R_free             21 
_refine_ls_shell.number_reflns_R_work             468 
_refine_ls_shell.percent_reflns_obs               97.6000 
_refine_ls_shell.percent_reflns_R_free            ? 
_refine_ls_shell.R_factor_all                     ? 
_refine_ls_shell.R_factor_obs                     ? 
_refine_ls_shell.R_factor_R_free                  0.3700 
_refine_ls_shell.R_factor_R_free_error            0.0000 
_refine_ls_shell.R_factor_R_work                  0.2590 
_refine_ls_shell.redundancy_reflns_all            ? 
_refine_ls_shell.redundancy_reflns_obs            ? 
_refine_ls_shell.wR_factor_all                    ? 
_refine_ls_shell.wR_factor_obs                    ? 
_refine_ls_shell.wR_factor_R_free                 ? 
_refine_ls_shell.wR_factor_R_work                 ? 
_refine_ls_shell.pdbx_total_number_of_bins_used   20 
_refine_ls_shell.pdbx_phase_error                 ? 
_refine_ls_shell.pdbx_fsc_work                    ? 
_refine_ls_shell.pdbx_fsc_free                    ? 
# 
_struct.entry_id                     6Q9H 
_struct.title                        
;HDM2 (17-111, WILD TYPE) COMPLEXED WITH COMPOUND 11 AT 2.0A; Structural states of Hdm2 and HdmX: X-ray elucidation of adaptations and binding interactions for different chemical compound classes
;
_struct.pdbx_model_details           ? 
_struct.pdbx_formula_weight          ? 
_struct.pdbx_formula_weight_method   ? 
_struct.pdbx_model_type_details      ? 
_struct.pdbx_CASP_flag               N 
# 
_struct_keywords.entry_id        6Q9H 
_struct_keywords.text            'PPI with p53, inhibitor complex, cell cycle, LIGASE' 
_struct_keywords.pdbx_keywords   LIGASE 
# 
loop_
_struct_asym.id 
_struct_asym.pdbx_blank_PDB_chainid_flag 
_struct_asym.pdbx_modified 
_struct_asym.entity_id 
_struct_asym.details 
A N N 1 ? 
B N N 2 ? 
C N N 3 ? 
# 
_struct_ref.id                         1 
_struct_ref.db_name                    UNP 
_struct_ref.db_code                    MDM2_HUMAN 
_struct_ref.pdbx_db_accession          Q00987 
_struct_ref.pdbx_db_isoform            ? 
_struct_ref.entity_id                  1 
_struct_ref.pdbx_seq_one_letter_code   
;SQIPASEQETLVRPKPLLLKLLKSVGAQKDTYTMKEVLFYLGQYIMTKRLYDEKQQHIVYCSNDLLGDLFGVPSFSVKEH
RKIYTMIYRNLVVVN
;
_struct_ref.pdbx_align_begin           17 
# 
_struct_ref_seq.align_id                      1 
_struct_ref_seq.ref_id                        1 
_struct_ref_seq.pdbx_PDB_id_code              6Q9H 
_struct_ref_seq.pdbx_strand_id                A 
_struct_ref_seq.seq_align_beg                 2 
_struct_ref_seq.pdbx_seq_align_beg_ins_code   ? 
_struct_ref_seq.seq_align_end                 96 
_struct_ref_seq.pdbx_seq_align_end_ins_code   ? 
_struct_ref_seq.pdbx_db_accession             Q00987 
_struct_ref_seq.db_align_beg                  17 
_struct_ref_seq.pdbx_db_align_beg_ins_code    ? 
_struct_ref_seq.db_align_end                  111 
_struct_ref_seq.pdbx_db_align_end_ins_code    ? 
_struct_ref_seq.pdbx_auth_seq_align_beg       17 
_struct_ref_seq.pdbx_auth_seq_align_end       111 
# 
_struct_ref_seq_dif.align_id                     1 
_struct_ref_seq_dif.pdbx_pdb_id_code             6Q9H 
_struct_ref_seq_dif.mon_id                       GLY 
_struct_ref_seq_dif.pdbx_pdb_strand_id           A 
_struct_ref_seq_dif.seq_num                      1 
_struct_ref_seq_dif.pdbx_pdb_ins_code            ? 
_struct_ref_seq_dif.pdbx_seq_db_name             UNP 
_struct_ref_seq_dif.pdbx_seq_db_accession_code   Q00987 
_struct_ref_seq_dif.db_mon_id                    ? 
_struct_ref_seq_dif.pdbx_seq_db_seq_num          ? 
_struct_ref_seq_dif.details                      'expression tag' 
_struct_ref_seq_dif.pdbx_auth_seq_num            16 
_struct_ref_seq_dif.pdbx_ordinal                 1 
# 
_pdbx_struct_assembly.id                   1 
_pdbx_struct_assembly.details              author_and_software_defined_assembly 
_pdbx_struct_assembly.method_details       PISA 
_pdbx_struct_assembly.oligomeric_details   monomeric 
_pdbx_struct_assembly.oligomeric_count     1 
# 
loop_
_pdbx_struct_assembly_prop.biol_id 
_pdbx_struct_assembly_prop.type 
_pdbx_struct_assembly_prop.value 
_pdbx_struct_assembly_prop.details 
1 'ABSA (A^2)' 0    ? 
1 MORE         0    ? 
1 'SSA (A^2)'  5730 ? 
# 
_pdbx_struct_assembly_gen.assembly_id       1 
_pdbx_struct_assembly_gen.oper_expression   1 
_pdbx_struct_assembly_gen.asym_id_list      A,B,C 
# 
_pdbx_struct_assembly_auth_evidence.id                     1 
_pdbx_struct_assembly_auth_evidence.assembly_id            1 
_pdbx_struct_assembly_auth_evidence.experimental_support   none 
_pdbx_struct_assembly_auth_evidence.details                ? 
# 
_pdbx_struct_oper_list.id                   1 
_pdbx_struct_oper_list.type                 'identity operation' 
_pdbx_struct_oper_list.name                 1_555 
_pdbx_struct_oper_list.symmetry_operation   x,y,z 
_pdbx_struct_oper_list.matrix[1][1]         1.0000000000 
_pdbx_struct_oper_list.matrix[1][2]         0.0000000000 
_pdbx_struct_oper_list.matrix[1][3]         0.0000000000 
_pdbx_struct_oper_list.vector[1]            0.0000000000 
_pdbx_struct_oper_list.matrix[2][1]         0.0000000000 
_pdbx_struct_oper_list.matrix[2][2]         1.0000000000 
_pdbx_struct_oper_list.matrix[2][3]         0.0000000000 
_pdbx_struct_oper_list.vector[2]            0.0000000000 
_pdbx_struct_oper_list.matrix[3][1]         0.0000000000 
_pdbx_struct_oper_list.matrix[3][2]         0.0000000000 
_pdbx_struct_oper_list.matrix[3][3]         1.0000000000 
_pdbx_struct_oper_list.vector[3]            0.0000000000 
# 
loop_
_struct_conf.conf_type_id 
_struct_conf.id 
_struct_conf.pdbx_PDB_helix_id 
_struct_conf.beg_label_comp_id 
_struct_conf.beg_label_asym_id 
_struct_conf.beg_label_seq_id 
_struct_conf.pdbx_beg_PDB_ins_code 
_struct_conf.end_label_comp_id 
_struct_conf.end_label_asym_id 
_struct_conf.end_label_seq_id 
_struct_conf.pdbx_end_PDB_ins_code 
_struct_conf.beg_auth_comp_id 
_struct_conf.beg_auth_asym_id 
_struct_conf.beg_auth_seq_id 
_struct_conf.end_auth_comp_id 
_struct_conf.end_auth_asym_id 
_struct_conf.end_auth_seq_id 
_struct_conf.pdbx_PDB_helix_class 
_struct_conf.details 
_struct_conf.pdbx_PDB_helix_length 
HELX_P HELX_P1 AA1 PRO A 5  ? GLU A 10 ? PRO A 20 GLU A 25  5 ? 6  
HELX_P HELX_P2 AA2 LYS A 16 ? GLY A 27 ? LYS A 31 GLY A 42  1 ? 12 
HELX_P HELX_P3 AA3 MET A 35 ? LYS A 49 ? MET A 50 LYS A 64  1 ? 15 
HELX_P HELX_P4 AA4 ASP A 65 ? GLY A 72 ? ASP A 80 GLY A 87  1 ? 8  
HELX_P HELX_P5 AA5 GLU A 80 ? ARG A 90 ? GLU A 95 ARG A 105 1 ? 11 
# 
_struct_conf_type.id          HELX_P 
_struct_conf_type.criteria    ? 
_struct_conf_type.reference   ? 
# 
loop_
_struct_sheet.id 
_struct_sheet.type 
_struct_sheet.number_strands 
_struct_sheet.details 
AA1 ? 3 ? 
AA2 ? 2 ? 
# 
loop_
_struct_sheet_order.sheet_id 
_struct_sheet_order.range_id_1 
_struct_sheet_order.range_id_2 
_struct_sheet_order.offset 
_struct_sheet_order.sense 
AA1 1 2 ? anti-parallel 
AA1 2 3 ? anti-parallel 
AA2 1 2 ? anti-parallel 
# 
loop_
_struct_sheet_range.sheet_id 
_struct_sheet_range.id 
_struct_sheet_range.beg_label_comp_id 
_struct_sheet_range.beg_label_asym_id 
_struct_sheet_range.beg_label_seq_id 
_struct_sheet_range.pdbx_beg_PDB_ins_code 
_struct_sheet_range.end_label_comp_id 
_struct_sheet_range.end_label_asym_id 
_struct_sheet_range.end_label_seq_id 
_struct_sheet_range.pdbx_end_PDB_ins_code 
_struct_sheet_range.beg_auth_comp_id 
_struct_sheet_range.beg_auth_asym_id 
_struct_sheet_range.beg_auth_seq_id 
_struct_sheet_range.end_auth_comp_id 
_struct_sheet_range.end_auth_asym_id 
_struct_sheet_range.end_auth_seq_id 
AA1 1 TYR A 33 ? THR A 34 ? TYR A 48  THR A 49  
AA1 2 LEU A 12 ? PRO A 15 ? LEU A 27  PRO A 30  
AA1 3 LEU A 92 ? VAL A 94 ? LEU A 107 VAL A 109 
AA2 1 ILE A 59 ? TYR A 61 ? ILE A 74  TYR A 76  
AA2 2 SER A 75 ? SER A 77 ? SER A 90  SER A 92  
# 
loop_
_pdbx_struct_sheet_hbond.sheet_id 
_pdbx_struct_sheet_hbond.range_id_1 
_pdbx_struct_sheet_hbond.range_id_2 
_pdbx_struct_sheet_hbond.range_1_label_atom_id 
_pdbx_struct_sheet_hbond.range_1_label_comp_id 
_pdbx_struct_sheet_hbond.range_1_label_asym_id 
_pdbx_struct_sheet_hbond.range_1_label_seq_id 
_pdbx_struct_sheet_hbond.range_1_PDB_ins_code 
_pdbx_struct_sheet_hbond.range_1_auth_atom_id 
_pdbx_struct_sheet_hbond.range_1_auth_comp_id 
_pdbx_struct_sheet_hbond.range_1_auth_asym_id 
_pdbx_struct_sheet_hbond.range_1_auth_seq_id 
_pdbx_struct_sheet_hbond.range_2_label_atom_id 
_pdbx_struct_sheet_hbond.range_2_label_comp_id 
_pdbx_struct_sheet_hbond.range_2_label_asym_id 
_pdbx_struct_sheet_hbond.range_2_label_seq_id 
_pdbx_struct_sheet_hbond.range_2_PDB_ins_code 
_pdbx_struct_sheet_hbond.range_2_auth_atom_id 
_pdbx_struct_sheet_hbond.range_2_auth_comp_id 
_pdbx_struct_sheet_hbond.range_2_auth_asym_id 
_pdbx_struct_sheet_hbond.range_2_auth_seq_id 
AA1 1 2 O TYR A 33 ? O TYR A 48 N VAL A 13 ? N VAL A 28  
AA1 2 3 N ARG A 14 ? N ARG A 29 O VAL A 93 ? O VAL A 108 
AA2 1 2 N VAL A 60 ? N VAL A 75 O PHE A 76 ? O PHE A 91  
# 
_struct_site.id                   AC1 
_struct_site.pdbx_evidence_code   Software 
_struct_site.pdbx_auth_asym_id    A 
_struct_site.pdbx_auth_comp_id    HRH 
_struct_site.pdbx_auth_seq_id     201 
_struct_site.pdbx_auth_ins_code   ? 
_struct_site.pdbx_num_residues    6 
_struct_site.details              'binding site for residue HRH A 201' 
# 
loop_
_struct_site_gen.id 
_struct_site_gen.site_id 
_struct_site_gen.pdbx_num_res 
_struct_site_gen.label_comp_id 
_struct_site_gen.label_asym_id 
_struct_site_gen.label_seq_id 
_struct_site_gen.pdbx_auth_ins_code 
_struct_site_gen.auth_comp_id 
_struct_site_gen.auth_asym_id 
_struct_site_gen.auth_seq_id 
_struct_site_gen.label_atom_id 
_struct_site_gen.label_alt_id 
_struct_site_gen.symmetry 
_struct_site_gen.details 
1 AC1 6 LEU A 39 ? LEU A 54  . ? 1_555 ? 
2 AC1 6 ILE A 46 ? ILE A 61  . ? 1_555 ? 
3 AC1 6 VAL A 78 ? VAL A 93  . ? 1_555 ? 
4 AC1 6 HIS A 81 ? HIS A 96  . ? 1_555 ? 
5 AC1 6 ILE A 84 ? ILE A 99  . ? 1_555 ? 
6 AC1 6 TYR A 85 ? TYR A 100 . ? 1_555 ? 
# 
loop_
_pdbx_validate_torsion.id 
_pdbx_validate_torsion.PDB_model_num 
_pdbx_validate_torsion.auth_comp_id 
_pdbx_validate_torsion.auth_asym_id 
_pdbx_validate_torsion.auth_seq_id 
_pdbx_validate_torsion.PDB_ins_code 
_pdbx_validate_torsion.label_alt_id 
_pdbx_validate_torsion.phi 
_pdbx_validate_torsion.psi 
1 1 GLN A 72 ? ? 71.98   30.28 
2 1 ASN A 79 ? ? -104.88 52.47 
# 
_phasing.method   MR 
# 
loop_
_pdbx_unobs_or_zero_occ_residues.id 
_pdbx_unobs_or_zero_occ_residues.PDB_model_num 
_pdbx_unobs_or_zero_occ_residues.polymer_flag 
_pdbx_unobs_or_zero_occ_residues.occupancy_flag 
_pdbx_unobs_or_zero_occ_residues.auth_asym_id 
_pdbx_unobs_or_zero_occ_residues.auth_comp_id 
_pdbx_unobs_or_zero_occ_residues.auth_seq_id 
_pdbx_unobs_or_zero_occ_residues.PDB_ins_code 
_pdbx_unobs_or_zero_occ_residues.label_asym_id 
_pdbx_unobs_or_zero_occ_residues.label_comp_id 
_pdbx_unobs_or_zero_occ_residues.label_seq_id 
1 1 Y 1 A GLY 16  ? A GLY 1  
2 1 Y 1 A SER 17  ? A SER 2  
3 1 Y 1 A GLN 18  ? A GLN 3  
4 1 Y 1 A ASN 111 ? A ASN 96 
# 
loop_
_chem_comp_atom.comp_id 
_chem_comp_atom.atom_id 
_chem_comp_atom.type_symbol 
_chem_comp_atom.pdbx_aromatic_flag 
_chem_comp_atom.pdbx_stereo_config 
_chem_comp_atom.pdbx_ordinal 
ALA N    N  N N 1   
ALA CA   C  N S 2   
ALA C    C  N N 3   
ALA O    O  N N 4   
ALA CB   C  N N 5   
ALA OXT  O  N N 6   
ALA H    H  N N 7   
ALA H2   H  N N 8   
ALA HA   H  N N 9   
ALA HB1  H  N N 10  
ALA HB2  H  N N 11  
ALA HB3  H  N N 12  
ALA HXT  H  N N 13  
ARG N    N  N N 14  
ARG CA   C  N S 15  
ARG C    C  N N 16  
ARG O    O  N N 17  
ARG CB   C  N N 18  
ARG CG   C  N N 19  
ARG CD   C  N N 20  
ARG NE   N  N N 21  
ARG CZ   C  N N 22  
ARG NH1  N  N N 23  
ARG NH2  N  N N 24  
ARG OXT  O  N N 25  
ARG H    H  N N 26  
ARG H2   H  N N 27  
ARG HA   H  N N 28  
ARG HB2  H  N N 29  
ARG HB3  H  N N 30  
ARG HG2  H  N N 31  
ARG HG3  H  N N 32  
ARG HD2  H  N N 33  
ARG HD3  H  N N 34  
ARG HE   H  N N 35  
ARG HH11 H  N N 36  
ARG HH12 H  N N 37  
ARG HH21 H  N N 38  
ARG HH22 H  N N 39  
ARG HXT  H  N N 40  
ASN N    N  N N 41  
ASN CA   C  N S 42  
ASN C    C  N N 43  
ASN O    O  N N 44  
ASN CB   C  N N 45  
ASN CG   C  N N 46  
ASN OD1  O  N N 47  
ASN ND2  N  N N 48  
ASN OXT  O  N N 49  
ASN H    H  N N 50  
ASN H2   H  N N 51  
ASN HA   H  N N 52  
ASN HB2  H  N N 53  
ASN HB3  H  N N 54  
ASN HD21 H  N N 55  
ASN HD22 H  N N 56  
ASN HXT  H  N N 57  
ASP N    N  N N 58  
ASP CA   C  N S 59  
ASP C    C  N N 60  
ASP O    O  N N 61  
ASP CB   C  N N 62  
ASP CG   C  N N 63  
ASP OD1  O  N N 64  
ASP OD2  O  N N 65  
ASP OXT  O  N N 66  
ASP H    H  N N 67  
ASP H2   H  N N 68  
ASP HA   H  N N 69  
ASP HB2  H  N N 70  
ASP HB3  H  N N 71  
ASP HD2  H  N N 72  
ASP HXT  H  N N 73  
CYS N    N  N N 74  
CYS CA   C  N R 75  
CYS C    C  N N 76  
CYS O    O  N N 77  
CYS CB   C  N N 78  
CYS SG   S  N N 79  
CYS OXT  O  N N 80  
CYS H    H  N N 81  
CYS H2   H  N N 82  
CYS HA   H  N N 83  
CYS HB2  H  N N 84  
CYS HB3  H  N N 85  
CYS HG   H  N N 86  
CYS HXT  H  N N 87  
GLN N    N  N N 88  
GLN CA   C  N S 89  
GLN C    C  N N 90  
GLN O    O  N N 91  
GLN CB   C  N N 92  
GLN CG   C  N N 93  
GLN CD   C  N N 94  
GLN OE1  O  N N 95  
GLN NE2  N  N N 96  
GLN OXT  O  N N 97  
GLN H    H  N N 98  
GLN H2   H  N N 99  
GLN HA   H  N N 100 
GLN HB2  H  N N 101 
GLN HB3  H  N N 102 
GLN HG2  H  N N 103 
GLN HG3  H  N N 104 
GLN HE21 H  N N 105 
GLN HE22 H  N N 106 
GLN HXT  H  N N 107 
GLU N    N  N N 108 
GLU CA   C  N S 109 
GLU C    C  N N 110 
GLU O    O  N N 111 
GLU CB   C  N N 112 
GLU CG   C  N N 113 
GLU CD   C  N N 114 
GLU OE1  O  N N 115 
GLU OE2  O  N N 116 
GLU OXT  O  N N 117 
GLU H    H  N N 118 
GLU H2   H  N N 119 
GLU HA   H  N N 120 
GLU HB2  H  N N 121 
GLU HB3  H  N N 122 
GLU HG2  H  N N 123 
GLU HG3  H  N N 124 
GLU HE2  H  N N 125 
GLU HXT  H  N N 126 
GLY N    N  N N 127 
GLY CA   C  N N 128 
GLY C    C  N N 129 
GLY O    O  N N 130 
GLY OXT  O  N N 131 
GLY H    H  N N 132 
GLY H2   H  N N 133 
GLY HA2  H  N N 134 
GLY HA3  H  N N 135 
GLY HXT  H  N N 136 
HIS N    N  N N 137 
HIS CA   C  N S 138 
HIS C    C  N N 139 
HIS O    O  N N 140 
HIS CB   C  N N 141 
HIS CG   C  Y N 142 
HIS ND1  N  Y N 143 
HIS CD2  C  Y N 144 
HIS CE1  C  Y N 145 
HIS NE2  N  Y N 146 
HIS OXT  O  N N 147 
HIS H    H  N N 148 
HIS H2   H  N N 149 
HIS HA   H  N N 150 
HIS HB2  H  N N 151 
HIS HB3  H  N N 152 
HIS HD1  H  N N 153 
HIS HD2  H  N N 154 
HIS HE1  H  N N 155 
HIS HE2  H  N N 156 
HIS HXT  H  N N 157 
HOH O    O  N N 158 
HOH H1   H  N N 159 
HOH H2   H  N N 160 
HRH C2   C  Y N 161 
HRH C3   C  Y N 162 
HRH C42  C  N N 163 
HRH C12  C  N S 164 
HRH C14  C  Y N 165 
HRH C15  C  Y N 166 
HRH C19  C  Y N 167 
HRH C20  C  N N 168 
HRH C22  C  N N 169 
HRH C26  C  N N 170 
HRH C30  C  N N 171 
HRH F1   F  N N 172 
HRH C4   C  Y N 173 
HRH C6   C  Y N 174 
HRH C8   C  Y N 175 
HRH C10  C  Y N 176 
HRH N11  N  N N 177 
HRH N16  N  Y N 178 
HRH N18  N  Y N 179 
HRH O31  O  N N 180 
HRH C32  C  Y N 181 
HRH C33  C  Y N 182 
HRH C34  C  Y N 183 
HRH C36  C  Y N 184 
HRH C37  C  Y N 185 
HRH C39  C  Y N 186 
HRH CL1  CL N N 187 
HRH CL2  CL N N 188 
HRH H1   H  N N 189 
HRH H2   H  N N 190 
HRH H3   H  N N 191 
HRH H4   H  N N 192 
HRH H5   H  N N 193 
HRH H6   H  N N 194 
HRH H7   H  N N 195 
HRH H8   H  N N 196 
HRH H9   H  N N 197 
HRH H10  H  N N 198 
HRH H11  H  N N 199 
HRH H12  H  N N 200 
HRH H13  H  N N 201 
HRH H14  H  N N 202 
HRH H15  H  N N 203 
HRH H16  H  N N 204 
HRH H17  H  N N 205 
HRH H18  H  N N 206 
ILE N    N  N N 207 
ILE CA   C  N S 208 
ILE C    C  N N 209 
ILE O    O  N N 210 
ILE CB   C  N S 211 
ILE CG1  C  N N 212 
ILE CG2  C  N N 213 
ILE CD1  C  N N 214 
ILE OXT  O  N N 215 
ILE H    H  N N 216 
ILE H2   H  N N 217 
ILE HA   H  N N 218 
ILE HB   H  N N 219 
ILE HG12 H  N N 220 
ILE HG13 H  N N 221 
ILE HG21 H  N N 222 
ILE HG22 H  N N 223 
ILE HG23 H  N N 224 
ILE HD11 H  N N 225 
ILE HD12 H  N N 226 
ILE HD13 H  N N 227 
ILE HXT  H  N N 228 
LEU N    N  N N 229 
LEU CA   C  N S 230 
LEU C    C  N N 231 
LEU O    O  N N 232 
LEU CB   C  N N 233 
LEU CG   C  N N 234 
LEU CD1  C  N N 235 
LEU CD2  C  N N 236 
LEU OXT  O  N N 237 
LEU H    H  N N 238 
LEU H2   H  N N 239 
LEU HA   H  N N 240 
LEU HB2  H  N N 241 
LEU HB3  H  N N 242 
LEU HG   H  N N 243 
LEU HD11 H  N N 244 
LEU HD12 H  N N 245 
LEU HD13 H  N N 246 
LEU HD21 H  N N 247 
LEU HD22 H  N N 248 
LEU HD23 H  N N 249 
LEU HXT  H  N N 250 
LYS N    N  N N 251 
LYS CA   C  N S 252 
LYS C    C  N N 253 
LYS O    O  N N 254 
LYS CB   C  N N 255 
LYS CG   C  N N 256 
LYS CD   C  N N 257 
LYS CE   C  N N 258 
LYS NZ   N  N N 259 
LYS OXT  O  N N 260 
LYS H    H  N N 261 
LYS H2   H  N N 262 
LYS HA   H  N N 263 
LYS HB2  H  N N 264 
LYS HB3  H  N N 265 
LYS HG2  H  N N 266 
LYS HG3  H  N N 267 
LYS HD2  H  N N 268 
LYS HD3  H  N N 269 
LYS HE2  H  N N 270 
LYS HE3  H  N N 271 
LYS HZ1  H  N N 272 
LYS HZ2  H  N N 273 
LYS HZ3  H  N N 274 
LYS HXT  H  N N 275 
MET N    N  N N 276 
MET CA   C  N S 277 
MET C    C  N N 278 
MET O    O  N N 279 
MET CB   C  N N 280 
MET CG   C  N N 281 
MET SD   S  N N 282 
MET CE   C  N N 283 
MET OXT  O  N N 284 
MET H    H  N N 285 
MET H2   H  N N 286 
MET HA   H  N N 287 
MET HB2  H  N N 288 
MET HB3  H  N N 289 
MET HG2  H  N N 290 
MET HG3  H  N N 291 
MET HE1  H  N N 292 
MET HE2  H  N N 293 
MET HE3  H  N N 294 
MET HXT  H  N N 295 
PHE N    N  N N 296 
PHE CA   C  N S 297 
PHE C    C  N N 298 
PHE O    O  N N 299 
PHE CB   C  N N 300 
PHE CG   C  Y N 301 
PHE CD1  C  Y N 302 
PHE CD2  C  Y N 303 
PHE CE1  C  Y N 304 
PHE CE2  C  Y N 305 
PHE CZ   C  Y N 306 
PHE OXT  O  N N 307 
PHE H    H  N N 308 
PHE H2   H  N N 309 
PHE HA   H  N N 310 
PHE HB2  H  N N 311 
PHE HB3  H  N N 312 
PHE HD1  H  N N 313 
PHE HD2  H  N N 314 
PHE HE1  H  N N 315 
PHE HE2  H  N N 316 
PHE HZ   H  N N 317 
PHE HXT  H  N N 318 
PRO N    N  N N 319 
PRO CA   C  N S 320 
PRO C    C  N N 321 
PRO O    O  N N 322 
PRO CB   C  N N 323 
PRO CG   C  N N 324 
PRO CD   C  N N 325 
PRO OXT  O  N N 326 
PRO H    H  N N 327 
PRO HA   H  N N 328 
PRO HB2  H  N N 329 
PRO HB3  H  N N 330 
PRO HG2  H  N N 331 
PRO HG3  H  N N 332 
PRO HD2  H  N N 333 
PRO HD3  H  N N 334 
PRO HXT  H  N N 335 
SER N    N  N N 336 
SER CA   C  N S 337 
SER C    C  N N 338 
SER O    O  N N 339 
SER CB   C  N N 340 
SER OG   O  N N 341 
SER OXT  O  N N 342 
SER H    H  N N 343 
SER H2   H  N N 344 
SER HA   H  N N 345 
SER HB2  H  N N 346 
SER HB3  H  N N 347 
SER HG   H  N N 348 
SER HXT  H  N N 349 
THR N    N  N N 350 
THR CA   C  N S 351 
THR C    C  N N 352 
THR O    O  N N 353 
THR CB   C  N R 354 
THR OG1  O  N N 355 
THR CG2  C  N N 356 
THR OXT  O  N N 357 
THR H    H  N N 358 
THR H2   H  N N 359 
THR HA   H  N N 360 
THR HB   H  N N 361 
THR HG1  H  N N 362 
THR HG21 H  N N 363 
THR HG22 H  N N 364 
THR HG23 H  N N 365 
THR HXT  H  N N 366 
TYR N    N  N N 367 
TYR CA   C  N S 368 
TYR C    C  N N 369 
TYR O    O  N N 370 
TYR CB   C  N N 371 
TYR CG   C  Y N 372 
TYR CD1  C  Y N 373 
TYR CD2  C  Y N 374 
TYR CE1  C  Y N 375 
TYR CE2  C  Y N 376 
TYR CZ   C  Y N 377 
TYR OH   O  N N 378 
TYR OXT  O  N N 379 
TYR H    H  N N 380 
TYR H2   H  N N 381 
TYR HA   H  N N 382 
TYR HB2  H  N N 383 
TYR HB3  H  N N 384 
TYR HD1  H  N N 385 
TYR HD2  H  N N 386 
TYR HE1  H  N N 387 
TYR HE2  H  N N 388 
TYR HH   H  N N 389 
TYR HXT  H  N N 390 
VAL N    N  N N 391 
VAL CA   C  N S 392 
VAL C    C  N N 393 
VAL O    O  N N 394 
VAL CB   C  N N 395 
VAL CG1  C  N N 396 
VAL CG2  C  N N 397 
VAL OXT  O  N N 398 
VAL H    H  N N 399 
VAL H2   H  N N 400 
VAL HA   H  N N 401 
VAL HB   H  N N 402 
VAL HG11 H  N N 403 
VAL HG12 H  N N 404 
VAL HG13 H  N N 405 
VAL HG21 H  N N 406 
VAL HG22 H  N N 407 
VAL HG23 H  N N 408 
VAL HXT  H  N N 409 
# 
loop_
_chem_comp_bond.comp_id 
_chem_comp_bond.atom_id_1 
_chem_comp_bond.atom_id_2 
_chem_comp_bond.value_order 
_chem_comp_bond.pdbx_aromatic_flag 
_chem_comp_bond.pdbx_stereo_config 
_chem_comp_bond.pdbx_ordinal 
ALA N   CA   sing N N 1   
ALA N   H    sing N N 2   
ALA N   H2   sing N N 3   
ALA CA  C    sing N N 4   
ALA CA  CB   sing N N 5   
ALA CA  HA   sing N N 6   
ALA C   O    doub N N 7   
ALA C   OXT  sing N N 8   
ALA CB  HB1  sing N N 9   
ALA CB  HB2  sing N N 10  
ALA CB  HB3  sing N N 11  
ALA OXT HXT  sing N N 12  
ARG N   CA   sing N N 13  
ARG N   H    sing N N 14  
ARG N   H2   sing N N 15  
ARG CA  C    sing N N 16  
ARG CA  CB   sing N N 17  
ARG CA  HA   sing N N 18  
ARG C   O    doub N N 19  
ARG C   OXT  sing N N 20  
ARG CB  CG   sing N N 21  
ARG CB  HB2  sing N N 22  
ARG CB  HB3  sing N N 23  
ARG CG  CD   sing N N 24  
ARG CG  HG2  sing N N 25  
ARG CG  HG3  sing N N 26  
ARG CD  NE   sing N N 27  
ARG CD  HD2  sing N N 28  
ARG CD  HD3  sing N N 29  
ARG NE  CZ   sing N N 30  
ARG NE  HE   sing N N 31  
ARG CZ  NH1  sing N N 32  
ARG CZ  NH2  doub N N 33  
ARG NH1 HH11 sing N N 34  
ARG NH1 HH12 sing N N 35  
ARG NH2 HH21 sing N N 36  
ARG NH2 HH22 sing N N 37  
ARG OXT HXT  sing N N 38  
ASN N   CA   sing N N 39  
ASN N   H    sing N N 40  
ASN N   H2   sing N N 41  
ASN CA  C    sing N N 42  
ASN CA  CB   sing N N 43  
ASN CA  HA   sing N N 44  
ASN C   O    doub N N 45  
ASN C   OXT  sing N N 46  
ASN CB  CG   sing N N 47  
ASN CB  HB2  sing N N 48  
ASN CB  HB3  sing N N 49  
ASN CG  OD1  doub N N 50  
ASN CG  ND2  sing N N 51  
ASN ND2 HD21 sing N N 52  
ASN ND2 HD22 sing N N 53  
ASN OXT HXT  sing N N 54  
ASP N   CA   sing N N 55  
ASP N   H    sing N N 56  
ASP N   H2   sing N N 57  
ASP CA  C    sing N N 58  
ASP CA  CB   sing N N 59  
ASP CA  HA   sing N N 60  
ASP C   O    doub N N 61  
ASP C   OXT  sing N N 62  
ASP CB  CG   sing N N 63  
ASP CB  HB2  sing N N 64  
ASP CB  HB3  sing N N 65  
ASP CG  OD1  doub N N 66  
ASP CG  OD2  sing N N 67  
ASP OD2 HD2  sing N N 68  
ASP OXT HXT  sing N N 69  
CYS N   CA   sing N N 70  
CYS N   H    sing N N 71  
CYS N   H2   sing N N 72  
CYS CA  C    sing N N 73  
CYS CA  CB   sing N N 74  
CYS CA  HA   sing N N 75  
CYS C   O    doub N N 76  
CYS C   OXT  sing N N 77  
CYS CB  SG   sing N N 78  
CYS CB  HB2  sing N N 79  
CYS CB  HB3  sing N N 80  
CYS SG  HG   sing N N 81  
CYS OXT HXT  sing N N 82  
GLN N   CA   sing N N 83  
GLN N   H    sing N N 84  
GLN N   H2   sing N N 85  
GLN CA  C    sing N N 86  
GLN CA  CB   sing N N 87  
GLN CA  HA   sing N N 88  
GLN C   O    doub N N 89  
GLN C   OXT  sing N N 90  
GLN CB  CG   sing N N 91  
GLN CB  HB2  sing N N 92  
GLN CB  HB3  sing N N 93  
GLN CG  CD   sing N N 94  
GLN CG  HG2  sing N N 95  
GLN CG  HG3  sing N N 96  
GLN CD  OE1  doub N N 97  
GLN CD  NE2  sing N N 98  
GLN NE2 HE21 sing N N 99  
GLN NE2 HE22 sing N N 100 
GLN OXT HXT  sing N N 101 
GLU N   CA   sing N N 102 
GLU N   H    sing N N 103 
GLU N   H2   sing N N 104 
GLU CA  C    sing N N 105 
GLU CA  CB   sing N N 106 
GLU CA  HA   sing N N 107 
GLU C   O    doub N N 108 
GLU C   OXT  sing N N 109 
GLU CB  CG   sing N N 110 
GLU CB  HB2  sing N N 111 
GLU CB  HB3  sing N N 112 
GLU CG  CD   sing N N 113 
GLU CG  HG2  sing N N 114 
GLU CG  HG3  sing N N 115 
GLU CD  OE1  doub N N 116 
GLU CD  OE2  sing N N 117 
GLU OE2 HE2  sing N N 118 
GLU OXT HXT  sing N N 119 
GLY N   CA   sing N N 120 
GLY N   H    sing N N 121 
GLY N   H2   sing N N 122 
GLY CA  C    sing N N 123 
GLY CA  HA2  sing N N 124 
GLY CA  HA3  sing N N 125 
GLY C   O    doub N N 126 
GLY C   OXT  sing N N 127 
GLY OXT HXT  sing N N 128 
HIS N   CA   sing N N 129 
HIS N   H    sing N N 130 
HIS N   H2   sing N N 131 
HIS CA  C    sing N N 132 
HIS CA  CB   sing N N 133 
HIS CA  HA   sing N N 134 
HIS C   O    doub N N 135 
HIS C   OXT  sing N N 136 
HIS CB  CG   sing N N 137 
HIS CB  HB2  sing N N 138 
HIS CB  HB3  sing N N 139 
HIS CG  ND1  sing Y N 140 
HIS CG  CD2  doub Y N 141 
HIS ND1 CE1  doub Y N 142 
HIS ND1 HD1  sing N N 143 
HIS CD2 NE2  sing Y N 144 
HIS CD2 HD2  sing N N 145 
HIS CE1 NE2  sing Y N 146 
HIS CE1 HE1  sing N N 147 
HIS NE2 HE2  sing N N 148 
HIS OXT HXT  sing N N 149 
HOH O   H1   sing N N 150 
HOH O   H2   sing N N 151 
HRH C22 C20  sing N N 152 
HRH C42 C33  sing N N 153 
HRH C20 C26  sing N N 154 
HRH C20 C19  sing N N 155 
HRH C34 C33  doub Y N 156 
HRH C34 C36  sing Y N 157 
HRH C33 C32  sing Y N 158 
HRH CL1 C36  sing N N 159 
HRH C36 C37  doub Y N 160 
HRH C32 C12  sing N N 161 
HRH C32 C39  doub Y N 162 
HRH C19 C14  sing Y N 163 
HRH C19 N18  doub Y N 164 
HRH C12 C14  sing N N 165 
HRH C12 N11  sing N N 166 
HRH C14 C15  doub Y N 167 
HRH C37 C39  sing Y N 168 
HRH N18 N16  sing Y N 169 
HRH C8  C6   doub Y N 170 
HRH C8  C10  sing Y N 171 
HRH C6  C4   sing Y N 172 
HRH N11 C10  sing N N 173 
HRH N11 C30  sing N N 174 
HRH C10 C2   doub Y N 175 
HRH C15 N16  sing Y N 176 
HRH C15 C30  sing N N 177 
HRH C4  C3   doub Y N 178 
HRH C30 O31  doub N N 179 
HRH C2  C3   sing Y N 180 
HRH C2  F1   sing N N 181 
HRH C3  CL2  sing N N 182 
HRH C42 H1   sing N N 183 
HRH C42 H2   sing N N 184 
HRH C42 H3   sing N N 185 
HRH C12 H4   sing N N 186 
HRH C20 H5   sing N N 187 
HRH C22 H6   sing N N 188 
HRH C22 H7   sing N N 189 
HRH C22 H8   sing N N 190 
HRH C26 H9   sing N N 191 
HRH C26 H10  sing N N 192 
HRH C26 H11  sing N N 193 
HRH C4  H12  sing N N 194 
HRH C6  H13  sing N N 195 
HRH C8  H14  sing N N 196 
HRH N16 H15  sing N N 197 
HRH C34 H16  sing N N 198 
HRH C37 H17  sing N N 199 
HRH C39 H18  sing N N 200 
ILE N   CA   sing N N 201 
ILE N   H    sing N N 202 
ILE N   H2   sing N N 203 
ILE CA  C    sing N N 204 
ILE CA  CB   sing N N 205 
ILE CA  HA   sing N N 206 
ILE C   O    doub N N 207 
ILE C   OXT  sing N N 208 
ILE CB  CG1  sing N N 209 
ILE CB  CG2  sing N N 210 
ILE CB  HB   sing N N 211 
ILE CG1 CD1  sing N N 212 
ILE CG1 HG12 sing N N 213 
ILE CG1 HG13 sing N N 214 
ILE CG2 HG21 sing N N 215 
ILE CG2 HG22 sing N N 216 
ILE CG2 HG23 sing N N 217 
ILE CD1 HD11 sing N N 218 
ILE CD1 HD12 sing N N 219 
ILE CD1 HD13 sing N N 220 
ILE OXT HXT  sing N N 221 
LEU N   CA   sing N N 222 
LEU N   H    sing N N 223 
LEU N   H2   sing N N 224 
LEU CA  C    sing N N 225 
LEU CA  CB   sing N N 226 
LEU CA  HA   sing N N 227 
LEU C   O    doub N N 228 
LEU C   OXT  sing N N 229 
LEU CB  CG   sing N N 230 
LEU CB  HB2  sing N N 231 
LEU CB  HB3  sing N N 232 
LEU CG  CD1  sing N N 233 
LEU CG  CD2  sing N N 234 
LEU CG  HG   sing N N 235 
LEU CD1 HD11 sing N N 236 
LEU CD1 HD12 sing N N 237 
LEU CD1 HD13 sing N N 238 
LEU CD2 HD21 sing N N 239 
LEU CD2 HD22 sing N N 240 
LEU CD2 HD23 sing N N 241 
LEU OXT HXT  sing N N 242 
LYS N   CA   sing N N 243 
LYS N   H    sing N N 244 
LYS N   H2   sing N N 245 
LYS CA  C    sing N N 246 
LYS CA  CB   sing N N 247 
LYS CA  HA   sing N N 248 
LYS C   O    doub N N 249 
LYS C   OXT  sing N N 250 
LYS CB  CG   sing N N 251 
LYS CB  HB2  sing N N 252 
LYS CB  HB3  sing N N 253 
LYS CG  CD   sing N N 254 
LYS CG  HG2  sing N N 255 
LYS CG  HG3  sing N N 256 
LYS CD  CE   sing N N 257 
LYS CD  HD2  sing N N 258 
LYS CD  HD3  sing N N 259 
LYS CE  NZ   sing N N 260 
LYS CE  HE2  sing N N 261 
LYS CE  HE3  sing N N 262 
LYS NZ  HZ1  sing N N 263 
LYS NZ  HZ2  sing N N 264 
LYS NZ  HZ3  sing N N 265 
LYS OXT HXT  sing N N 266 
MET N   CA   sing N N 267 
MET N   H    sing N N 268 
MET N   H2   sing N N 269 
MET CA  C    sing N N 270 
MET CA  CB   sing N N 271 
MET CA  HA   sing N N 272 
MET C   O    doub N N 273 
MET C   OXT  sing N N 274 
MET CB  CG   sing N N 275 
MET CB  HB2  sing N N 276 
MET CB  HB3  sing N N 277 
MET CG  SD   sing N N 278 
MET CG  HG2  sing N N 279 
MET CG  HG3  sing N N 280 
MET SD  CE   sing N N 281 
MET CE  HE1  sing N N 282 
MET CE  HE2  sing N N 283 
MET CE  HE3  sing N N 284 
MET OXT HXT  sing N N 285 
PHE N   CA   sing N N 286 
PHE N   H    sing N N 287 
PHE N   H2   sing N N 288 
PHE CA  C    sing N N 289 
PHE CA  CB   sing N N 290 
PHE CA  HA   sing N N 291 
PHE C   O    doub N N 292 
PHE C   OXT  sing N N 293 
PHE CB  CG   sing N N 294 
PHE CB  HB2  sing N N 295 
PHE CB  HB3  sing N N 296 
PHE CG  CD1  doub Y N 297 
PHE CG  CD2  sing Y N 298 
PHE CD1 CE1  sing Y N 299 
PHE CD1 HD1  sing N N 300 
PHE CD2 CE2  doub Y N 301 
PHE CD2 HD2  sing N N 302 
PHE CE1 CZ   doub Y N 303 
PHE CE1 HE1  sing N N 304 
PHE CE2 CZ   sing Y N 305 
PHE CE2 HE2  sing N N 306 
PHE CZ  HZ   sing N N 307 
PHE OXT HXT  sing N N 308 
PRO N   CA   sing N N 309 
PRO N   CD   sing N N 310 
PRO N   H    sing N N 311 
PRO CA  C    sing N N 312 
PRO CA  CB   sing N N 313 
PRO CA  HA   sing N N 314 
PRO C   O    doub N N 315 
PRO C   OXT  sing N N 316 
PRO CB  CG   sing N N 317 
PRO CB  HB2  sing N N 318 
PRO CB  HB3  sing N N 319 
PRO CG  CD   sing N N 320 
PRO CG  HG2  sing N N 321 
PRO CG  HG3  sing N N 322 
PRO CD  HD2  sing N N 323 
PRO CD  HD3  sing N N 324 
PRO OXT HXT  sing N N 325 
SER N   CA   sing N N 326 
SER N   H    sing N N 327 
SER N   H2   sing N N 328 
SER CA  C    sing N N 329 
SER CA  CB   sing N N 330 
SER CA  HA   sing N N 331 
SER C   O    doub N N 332 
SER C   OXT  sing N N 333 
SER CB  OG   sing N N 334 
SER CB  HB2  sing N N 335 
SER CB  HB3  sing N N 336 
SER OG  HG   sing N N 337 
SER OXT HXT  sing N N 338 
THR N   CA   sing N N 339 
THR N   H    sing N N 340 
THR N   H2   sing N N 341 
THR CA  C    sing N N 342 
THR CA  CB   sing N N 343 
THR CA  HA   sing N N 344 
THR C   O    doub N N 345 
THR C   OXT  sing N N 346 
THR CB  OG1  sing N N 347 
THR CB  CG2  sing N N 348 
THR CB  HB   sing N N 349 
THR OG1 HG1  sing N N 350 
THR CG2 HG21 sing N N 351 
THR CG2 HG22 sing N N 352 
THR CG2 HG23 sing N N 353 
THR OXT HXT  sing N N 354 
TYR N   CA   sing N N 355 
TYR N   H    sing N N 356 
TYR N   H2   sing N N 357 
TYR CA  C    sing N N 358 
TYR CA  CB   sing N N 359 
TYR CA  HA   sing N N 360 
TYR C   O    doub N N 361 
TYR C   OXT  sing N N 362 
TYR CB  CG   sing N N 363 
TYR CB  HB2  sing N N 364 
TYR CB  HB3  sing N N 365 
TYR CG  CD1  doub Y N 366 
TYR CG  CD2  sing Y N 367 
TYR CD1 CE1  sing Y N 368 
TYR CD1 HD1  sing N N 369 
TYR CD2 CE2  doub Y N 370 
TYR CD2 HD2  sing N N 371 
TYR CE1 CZ   doub Y N 372 
TYR CE1 HE1  sing N N 373 
TYR CE2 CZ   sing Y N 374 
TYR CE2 HE2  sing N N 375 
TYR CZ  OH   sing N N 376 
TYR OH  HH   sing N N 377 
TYR OXT HXT  sing N N 378 
VAL N   CA   sing N N 379 
VAL N   H    sing N N 380 
VAL N   H2   sing N N 381 
VAL CA  C    sing N N 382 
VAL CA  CB   sing N N 383 
VAL CA  HA   sing N N 384 
VAL C   O    doub N N 385 
VAL C   OXT  sing N N 386 
VAL CB  CG1  sing N N 387 
VAL CB  CG2  sing N N 388 
VAL CB  HB   sing N N 389 
VAL CG1 HG11 sing N N 390 
VAL CG1 HG12 sing N N 391 
VAL CG1 HG13 sing N N 392 
VAL CG2 HG21 sing N N 393 
VAL CG2 HG22 sing N N 394 
VAL CG2 HG23 sing N N 395 
VAL OXT HXT  sing N N 396 
# 
_pdbx_entity_instance_feature.ordinal        1 
_pdbx_entity_instance_feature.comp_id        HRH 
_pdbx_entity_instance_feature.asym_id        ? 
_pdbx_entity_instance_feature.seq_num        ? 
_pdbx_entity_instance_feature.auth_comp_id   HRH 
_pdbx_entity_instance_feature.auth_asym_id   ? 
_pdbx_entity_instance_feature.auth_seq_num   ? 
_pdbx_entity_instance_feature.feature_type   'SUBJECT OF INVESTIGATION' 
_pdbx_entity_instance_feature.details        ? 
# 
_pdbx_initial_refinement_model.id               1 
_pdbx_initial_refinement_model.entity_id_list   ? 
_pdbx_initial_refinement_model.type             'experimental model' 
_pdbx_initial_refinement_model.source_name      PDB 
_pdbx_initial_refinement_model.accession_code   4OQ3 
_pdbx_initial_refinement_model.details          ? 
# 
_atom_sites.entry_id                    6Q9H 
_atom_sites.fract_transf_matrix[1][1]   -0.00926477 
_atom_sites.fract_transf_matrix[1][2]   0.00054654 
_atom_sites.fract_transf_matrix[1][3]   -0.01816320 
_atom_sites.fract_transf_matrix[2][1]   -0.02024843 
_atom_sites.fract_transf_matrix[2][2]   0.00221783 
_atom_sites.fract_transf_matrix[2][3]   -0.00105817 
_atom_sites.fract_transf_matrix[3][1]   0.00107369 
_atom_sites.fract_transf_matrix[3][2]   0.00968026 
_atom_sites.fract_transf_matrix[3][3]   -0.00025639 
_atom_sites.fract_transf_vector[1]      0.185164 
_atom_sites.fract_transf_vector[2]      0.362420 
_atom_sites.fract_transf_vector[3]      -0.018114 
# 
loop_
_atom_type.symbol 
C  
CL 
F  
N  
O  
S  
# 
loop_
_atom_site.group_PDB 
_atom_site.id 
_atom_site.type_symbol 
_atom_site.label_atom_id 
_atom_site.label_alt_id 
_atom_site.label_comp_id 
_atom_site.label_asym_id 
_atom_site.label_entity_id 
_atom_site.label_seq_id 
_atom_site.pdbx_PDB_ins_code 
_atom_site.Cartn_x 
_atom_site.Cartn_y 
_atom_site.Cartn_z 
_atom_site.occupancy 
_atom_site.B_iso_or_equiv 
_atom_site.pdbx_formal_charge 
_atom_site.auth_seq_id 
_atom_site.auth_comp_id 
_atom_site.auth_asym_id 
_atom_site.auth_atom_id 
_atom_site.pdbx_PDB_model_num 
ATOM   1   N  N   . ILE A 1 4  ? 12.654  10.232  2.409   1.00 23.25 ? 19  ILE A N   1 
ATOM   2   C  CA  . ILE A 1 4  ? 12.354  9.017   3.215   1.00 22.26 ? 19  ILE A CA  1 
ATOM   3   C  C   . ILE A 1 4  ? 13.666  8.337   3.595   1.00 21.53 ? 19  ILE A C   1 
ATOM   4   O  O   . ILE A 1 4  ? 14.456  7.990   2.710   1.00 22.42 ? 19  ILE A O   1 
ATOM   5   C  CB  . ILE A 1 4  ? 11.474  7.987   2.440   1.00 22.62 ? 19  ILE A CB  1 
ATOM   6   C  CG1 . ILE A 1 4  ? 10.352  8.672   1.629   1.00 23.57 ? 19  ILE A CG1 1 
ATOM   7   C  CG2 . ILE A 1 4  ? 10.930  6.918   3.402   1.00 21.76 ? 19  ILE A CG2 1 
ATOM   8   C  CD1 . ILE A 1 4  ? 9.202   9.272   2.451   1.00 22.36 ? 19  ILE A CD1 1 
ATOM   9   N  N   . PRO A 1 5  ? 13.912  8.145   4.904   1.00 20.15 ? 20  PRO A N   1 
ATOM   10  C  CA  . PRO A 1 5  ? 15.088  7.379   5.304   1.00 19.18 ? 20  PRO A CA  1 
ATOM   11  C  C   . PRO A 1 5  ? 14.895  5.894   5.019   1.00 18.48 ? 20  PRO A C   1 
ATOM   12  O  O   . PRO A 1 5  ? 13.775  5.382   5.059   1.00 17.56 ? 20  PRO A O   1 
ATOM   13  C  CB  . PRO A 1 5  ? 15.179  7.632   6.812   1.00 18.81 ? 20  PRO A CB  1 
ATOM   14  C  CG  . PRO A 1 5  ? 13.783  7.944   7.230   1.00 19.64 ? 20  PRO A CG  1 
ATOM   15  C  CD  . PRO A 1 5  ? 13.142  8.633   6.062   1.00 19.82 ? 20  PRO A CD  1 
ATOM   16  N  N   . ALA A 1 6  ? 15.999  5.215   4.728   1.00 18.23 ? 21  ALA A N   1 
ATOM   17  C  CA  . ALA A 1 6  ? 15.996  3.780   4.491   1.00 17.59 ? 21  ALA A CA  1 
ATOM   18  C  C   . ALA A 1 6  ? 15.467  3.026   5.704   1.00 16.79 ? 21  ALA A C   1 
ATOM   19  O  O   . ALA A 1 6  ? 14.852  1.977   5.557   1.00 17.05 ? 21  ALA A O   1 
ATOM   20  C  CB  . ALA A 1 6  ? 17.405  3.297   4.141   1.00 18.10 ? 21  ALA A CB  1 
ATOM   21  N  N   . SER A 1 7  ? 15.685  3.575   6.895   1.00 16.40 ? 22  SER A N   1 
ATOM   22  C  CA  . SER A 1 7  ? 15.248  2.942   8.140   1.00 15.80 ? 22  SER A CA  1 
ATOM   23  C  C   . SER A 1 7  ? 13.745  2.660   8.189   1.00 15.90 ? 22  SER A C   1 
ATOM   24  O  O   . SER A 1 7  ? 13.314  1.716   8.848   1.00 15.78 ? 22  SER A O   1 
ATOM   25  C  CB  . SER A 1 7  ? 15.649  3.790   9.352   1.00 15.83 ? 22  SER A CB  1 
ATOM   26  O  OG  . SER A 1 7  ? 15.031  5.069   9.332   1.00 14.69 ? 22  SER A OG  1 
ATOM   27  N  N   . GLU A 1 8  ? 12.954  3.490   7.511   1.00 16.04 ? 23  GLU A N   1 
ATOM   28  C  CA  . GLU A 1 8  ? 11.499  3.318   7.469   1.00 17.16 ? 23  GLU A CA  1 
ATOM   29  C  C   . GLU A 1 8  ? 11.134  1.918   6.966   1.00 17.23 ? 23  GLU A C   1 
ATOM   30  O  O   . GLU A 1 8  ? 10.148  1.324   7.407   1.00 17.34 ? 23  GLU A O   1 
ATOM   31  C  CB  . GLU A 1 8  ? 10.855  4.412   6.593   1.00 17.39 ? 23  GLU A CB  1 
ATOM   32  C  CG  . GLU A 1 8  ? 9.357   4.216   6.241   1.00 19.66 ? 23  GLU A CG  1 
ATOM   33  C  CD  . GLU A 1 8  ? 8.440   4.090   7.461   1.00 22.67 ? 23  GLU A CD  1 
ATOM   34  O  OE1 . GLU A 1 8  ? 8.852   4.414   8.595   1.00 24.20 ? 23  GLU A OE1 1 
ATOM   35  O  OE2 . GLU A 1 8  ? 7.288   3.655   7.283   1.00 25.53 ? 23  GLU A OE2 1 
ATOM   36  N  N   . GLN A 1 9  ? 11.940  1.380   6.058   1.00 17.60 ? 24  GLN A N   1 
ATOM   37  C  CA  . GLN A 1 9  ? 11.631  0.071   5.504   1.00 18.81 ? 24  GLN A CA  1 
ATOM   38  C  C   . GLN A 1 9  ? 11.714  -1.088  6.511   1.00 18.28 ? 24  GLN A C   1 
ATOM   39  O  O   . GLN A 1 9  ? 11.154  -2.156  6.276   1.00 18.53 ? 24  GLN A O   1 
ATOM   40  C  CB  . GLN A 1 9  ? 12.406  -0.183  4.205   1.00 19.34 ? 24  GLN A CB  1 
ATOM   41  C  CG  . GLN A 1 9  ? 11.618  0.325   2.971   1.00 23.43 ? 24  GLN A CG  1 
ATOM   42  C  CD  . GLN A 1 9  ? 12.158  -0.203  1.654   1.00 28.84 ? 24  GLN A CD  1 
ATOM   43  O  OE1 . GLN A 1 9  ? 13.314  0.051   1.292   1.00 33.41 ? 24  GLN A OE1 1 
ATOM   44  N  NE2 . GLN A 1 9  ? 11.322  -0.931  0.916   1.00 29.52 ? 24  GLN A NE2 1 
ATOM   45  N  N   . GLU A 1 10 ? 12.381  -0.856  7.643   1.00 17.72 ? 25  GLU A N   1 
ATOM   46  C  CA  . GLU A 1 10 ? 12.533  -1.869  8.684   1.00 17.37 ? 25  GLU A CA  1 
ATOM   47  C  C   . GLU A 1 10 ? 11.471  -1.786  9.759   1.00 16.40 ? 25  GLU A C   1 
ATOM   48  O  O   . GLU A 1 10 ? 11.442  -2.633  10.640  1.00 16.41 ? 25  GLU A O   1 
ATOM   49  C  CB  . GLU A 1 10 ? 13.901  -1.731  9.363   1.00 17.98 ? 25  GLU A CB  1 
ATOM   50  C  CG  . GLU A 1 10 ? 15.052  -2.182  8.510   1.00 20.93 ? 25  GLU A CG  1 
ATOM   51  C  CD  . GLU A 1 10 ? 16.271  -1.306  8.716   1.00 24.48 ? 25  GLU A CD  1 
ATOM   52  O  OE1 . GLU A 1 10 ? 16.759  -0.794  7.690   1.00 25.91 ? 25  GLU A OE1 1 
ATOM   53  O  OE2 . GLU A 1 10 ? 16.715  -1.121  9.890   1.00 25.82 ? 25  GLU A OE2 1 
ATOM   54  N  N   . THR A 1 11 ? 10.634  -0.750  9.718   1.00 15.54 ? 26  THR A N   1 
ATOM   55  C  CA  . THR A 1 11 ? 9.530   -0.596  10.675  1.00 15.32 ? 26  THR A CA  1 
ATOM   56  C  C   . THR A 1 11 ? 8.660   -1.849  10.693  1.00 14.56 ? 26  THR A C   1 
ATOM   57  O  O   . THR A 1 11 ? 8.341   -2.402  9.645   1.00 14.44 ? 26  THR A O   1 
ATOM   58  C  CB  . THR A 1 11 ? 8.653   0.640   10.342  1.00 15.29 ? 26  THR A CB  1 
ATOM   59  O  OG1 . THR A 1 11 ? 9.494   1.794   10.245  1.00 17.93 ? 26  THR A OG1 1 
ATOM   60  C  CG2 . THR A 1 11 ? 7.580   0.880   11.394  1.00 16.05 ? 26  THR A CG2 1 
ATOM   61  N  N   . LEU A 1 12 ? 8.306   -2.288  11.893  1.00 13.66 ? 27  LEU A N   1 
ATOM   62  C  CA  . LEU A 1 12 ? 7.460   -3.456  12.090  1.00 13.61 ? 27  LEU A CA  1 
ATOM   63  C  C   . LEU A 1 12 ? 6.041   -2.997  12.317  1.00 13.42 ? 27  LEU A C   1 
ATOM   64  O  O   . LEU A 1 12 ? 5.785   -2.064  13.090  1.00 12.72 ? 27  LEU A O   1 
ATOM   65  C  CB  . LEU A 1 12 ? 7.972   -4.323  13.251  1.00 13.58 ? 27  LEU A CB  1 
ATOM   66  C  CG  . LEU A 1 12 ? 9.413   -4.813  13.074  1.00 14.71 ? 27  LEU A CG  1 
ATOM   67  C  CD1 . LEU A 1 12 ? 9.937   -5.531  14.308  1.00 15.01 ? 27  LEU A CD1 1 
ATOM   68  C  CD2 . LEU A 1 12 ? 9.583   -5.704  11.832  1.00 15.61 ? 27  LEU A CD2 1 
ATOM   69  N  N   . VAL A 1 13 ? 5.114   -3.637  11.607  1.00 13.18 ? 28  VAL A N   1 
ATOM   70  C  CA  . VAL A 1 13 ? 3.740   -3.176  11.559  1.00 13.05 ? 28  VAL A CA  1 
ATOM   71  C  C   . VAL A 1 13 ? 2.734   -4.304  11.685  1.00 13.99 ? 28  VAL A C   1 
ATOM   72  O  O   . VAL A 1 13 ? 3.003   -5.439  11.285  1.00 13.45 ? 28  VAL A O   1 
ATOM   73  C  CB  . VAL A 1 13 ? 3.454   -2.372  10.246  1.00 12.36 ? 28  VAL A CB  1 
ATOM   74  C  CG1 . VAL A 1 13 ? 4.198   -1.059  10.260  1.00 11.94 ? 28  VAL A CG1 1 
ATOM   75  C  CG2 . VAL A 1 13 ? 3.831   -3.179  9.008   1.00 11.42 ? 28  VAL A CG2 1 
ATOM   76  N  N   . ARG A 1 14 ? 1.567   -3.964  12.218  1.00 14.82 ? 29  ARG A N   1 
ATOM   77  C  CA  . ARG A 1 14 ? 0.440   -4.871  12.364  1.00 16.57 ? 29  ARG A CA  1 
ATOM   78  C  C   . ARG A 1 14 ? -0.740  -4.261  11.589  1.00 17.00 ? 29  ARG A C   1 
ATOM   79  O  O   . ARG A 1 14 ? -1.354  -3.289  12.050  1.00 17.60 ? 29  ARG A O   1 
ATOM   80  C  CB  . ARG A 1 14 ? 0.123   -5.022  13.861  1.00 17.02 ? 29  ARG A CB  1 
ATOM   81  C  CG  . ARG A 1 14 ? -0.495  -6.332  14.294  1.00 20.52 ? 29  ARG A CG  1 
ATOM   82  C  CD  . ARG A 1 14 ? -0.236  -6.582  15.805  1.00 25.95 ? 29  ARG A CD  1 
ATOM   83  N  NE  . ARG A 1 14 ? 0.891   -7.497  16.044  1.00 31.30 ? 29  ARG A NE  1 
ATOM   84  C  CZ  . ARG A 1 14 ? 1.729   -7.427  17.081  1.00 33.55 ? 29  ARG A CZ  1 
ATOM   85  N  NH1 . ARG A 1 14 ? 1.599   -6.470  17.994  1.00 35.28 ? 29  ARG A NH1 1 
ATOM   86  N  NH2 . ARG A 1 14 ? 2.714   -8.312  17.209  1.00 35.07 ? 29  ARG A NH2 1 
ATOM   87  N  N   . PRO A 1 15 ? -1.028  -4.779  10.376  1.00 17.50 ? 30  PRO A N   1 
ATOM   88  C  CA  . PRO A 1 15 ? -2.127  -4.234  9.559   1.00 17.28 ? 30  PRO A CA  1 
ATOM   89  C  C   . PRO A 1 15 ? -3.516  -4.394  10.177  1.00 17.48 ? 30  PRO A C   1 
ATOM   90  O  O   . PRO A 1 15 ? -3.818  -5.435  10.748  1.00 17.28 ? 30  PRO A O   1 
ATOM   91  C  CB  . PRO A 1 15 ? -2.042  -5.042  8.254   1.00 17.42 ? 30  PRO A CB  1 
ATOM   92  C  CG  . PRO A 1 15 ? -0.616  -5.433  8.152   1.00 17.91 ? 30  PRO A CG  1 
ATOM   93  C  CD  . PRO A 1 15 ? -0.126  -5.638  9.583   1.00 17.66 ? 30  PRO A CD  1 
ATOM   94  N  N   . LYS A 1 16 ? -4.346  -3.353  10.061  1.00 17.66 ? 31  LYS A N   1 
ATOM   95  C  CA  . LYS A 1 16 ? -5.763  -3.428  10.426  1.00 18.61 ? 31  LYS A CA  1 
ATOM   96  C  C   . LYS A 1 16 ? -6.493  -4.306  9.409   1.00 18.78 ? 31  LYS A C   1 
ATOM   97  O  O   . LYS A 1 16 ? -5.930  -4.604  8.363   1.00 19.13 ? 31  LYS A O   1 
ATOM   98  C  CB  . LYS A 1 16 ? -6.370  -2.022  10.529  1.00 18.29 ? 31  LYS A CB  1 
ATOM   99  C  CG  . LYS A 1 16 ? -5.847  -1.235  11.703  1.00 18.94 ? 31  LYS A CG  1 
ATOM   100 C  CD  . LYS A 1 16 ? -6.259  0.227   11.618  1.00 21.13 ? 31  LYS A CD  1 
ATOM   101 C  CE  . LYS A 1 16 ? -5.602  1.025   12.712  1.00 20.37 ? 31  LYS A CE  1 
ATOM   102 N  NZ  . LYS A 1 16 ? -5.875  2.468   12.554  1.00 22.96 ? 31  LYS A NZ  1 
ATOM   103 N  N   . PRO A 1 17 ? -7.731  -4.751  9.712   1.00 19.33 ? 32  PRO A N   1 
ATOM   104 C  CA  . PRO A 1 17 ? -8.380  -5.783  8.890   1.00 19.54 ? 32  PRO A CA  1 
ATOM   105 C  C   . PRO A 1 17 ? -8.437  -5.525  7.378   1.00 19.66 ? 32  PRO A C   1 
ATOM   106 O  O   . PRO A 1 17 ? -8.212  -6.443  6.599   1.00 19.72 ? 32  PRO A O   1 
ATOM   107 C  CB  . PRO A 1 17 ? -9.793  -5.861  9.482   1.00 19.75 ? 32  PRO A CB  1 
ATOM   108 C  CG  . PRO A 1 17 ? -9.587  -5.531  10.916  1.00 19.30 ? 32  PRO A CG  1 
ATOM   109 C  CD  . PRO A 1 17 ? -8.560  -4.416  10.888  1.00 19.74 ? 32  PRO A CD  1 
ATOM   110 N  N   . LEU A 1 18 ? -8.732  -4.294  6.977   1.00 19.60 ? 33  LEU A N   1 
ATOM   111 C  CA  . LEU A 1 18 ? -8.924  -3.976  5.561   1.00 19.52 ? 33  LEU A CA  1 
ATOM   112 C  C   . LEU A 1 18 ? -7.600  -4.050  4.786   1.00 18.50 ? 33  LEU A C   1 
ATOM   113 O  O   . LEU A 1 18 ? -7.555  -4.544  3.653   1.00 18.09 ? 33  LEU A O   1 
ATOM   114 C  CB  . LEU A 1 18 ? -9.561  -2.586  5.417   1.00 20.14 ? 33  LEU A CB  1 
ATOM   115 C  CG  . LEU A 1 18 ? -10.207 -2.238  4.081   1.00 22.31 ? 33  LEU A CG  1 
ATOM   116 C  CD1 . LEU A 1 18 ? -11.382 -3.175  3.783   1.00 24.87 ? 33  LEU A CD1 1 
ATOM   117 C  CD2 . LEU A 1 18 ? -10.671 -0.791  4.111   1.00 22.94 ? 33  LEU A CD2 1 
ATOM   118 N  N   . LEU A 1 19 ? -6.526  -3.571  5.405   1.00 17.85 ? 34  LEU A N   1 
ATOM   119 C  CA  . LEU A 1 19 ? -5.193  -3.723  4.831   1.00 17.20 ? 34  LEU A CA  1 
ATOM   120 C  C   . LEU A 1 19 ? -4.800  -5.202  4.791   1.00 17.12 ? 34  LEU A C   1 
ATOM   121 O  O   . LEU A 1 19 ? -4.257  -5.661  3.789   1.00 16.46 ? 34  LEU A O   1 
ATOM   122 C  CB  . LEU A 1 19 ? -4.150  -2.891  5.589   1.00 17.26 ? 34  LEU A CB  1 
ATOM   123 C  CG  . LEU A 1 19 ? -2.679  -2.981  5.128   1.00 17.02 ? 34  LEU A CG  1 
ATOM   124 C  CD1 . LEU A 1 19 ? -2.535  -2.739  3.616   1.00 15.41 ? 34  LEU A CD1 1 
ATOM   125 C  CD2 . LEU A 1 19 ? -1.789  -1.995  5.908   1.00 16.34 ? 34  LEU A CD2 1 
ATOM   126 N  N   . LEU A 1 20 ? -5.093  -5.936  5.867   1.00 16.66 ? 35  LEU A N   1 
ATOM   127 C  CA  . LEU A 1 20 ? -4.804  -7.362  5.927   1.00 17.52 ? 35  LEU A CA  1 
ATOM   128 C  C   . LEU A 1 20 ? -5.527  -8.116  4.812   1.00 17.46 ? 35  LEU A C   1 
ATOM   129 O  O   . LEU A 1 20 ? -4.970  -9.036  4.224   1.00 17.82 ? 35  LEU A O   1 
ATOM   130 C  CB  . LEU A 1 20 ? -5.146  -7.949  7.314   1.00 18.00 ? 35  LEU A CB  1 
ATOM   131 C  CG  . LEU A 1 20 ? -4.502  -9.288  7.704   1.00 19.29 ? 35  LEU A CG  1 
ATOM   132 C  CD1 . LEU A 1 20 ? -2.980  -9.187  7.665   1.00 21.65 ? 35  LEU A CD1 1 
ATOM   133 C  CD2 . LEU A 1 20 ? -4.944  -9.727  9.093   1.00 21.50 ? 35  LEU A CD2 1 
ATOM   134 N  N   . LYS A 1 21 ? -6.761  -7.705  4.519   1.00 17.69 ? 36  LYS A N   1 
ATOM   135 C  CA  . LYS A 1 21 ? -7.546  -8.237  3.407   1.00 17.72 ? 36  LYS A CA  1 
ATOM   136 C  C   . LYS A 1 21 ? -6.811  -8.095  2.053   1.00 17.05 ? 36  LYS A C   1 
ATOM   137 O  O   . LYS A 1 21 ? -6.716  -9.057  1.275   1.00 16.25 ? 36  LYS A O   1 
ATOM   138 C  CB  . LYS A 1 21 ? -8.894  -7.507  3.365   1.00 18.39 ? 36  LYS A CB  1 
ATOM   139 C  CG  . LYS A 1 21 ? -9.921  -8.052  2.396   1.00 20.33 ? 36  LYS A CG  1 
ATOM   140 C  CD  . LYS A 1 21 ? -11.268 -7.405  2.675   1.00 23.83 ? 36  LYS A CD  1 
ATOM   141 C  CE  . LYS A 1 21 ? -12.258 -7.643  1.545   1.00 27.12 ? 36  LYS A CE  1 
ATOM   142 N  NZ  . LYS A 1 21 ? -12.729 -9.052  1.462   1.00 28.44 ? 36  LYS A NZ  1 
ATOM   143 N  N   . LEU A 1 22 ? -6.308  -6.897  1.771   1.00 16.26 ? 37  LEU A N   1 
ATOM   144 C  CA  . LEU A 1 22 ? -5.575  -6.652  0.536   1.00 15.82 ? 37  LEU A CA  1 
ATOM   145 C  C   . LEU A 1 22 ? -4.306  -7.508  0.488   1.00 15.96 ? 37  LEU A C   1 
ATOM   146 O  O   . LEU A 1 22 ? -4.026  -8.159  -0.518  1.00 15.11 ? 37  LEU A O   1 
ATOM   147 C  CB  . LEU A 1 22 ? -5.241  -5.154  0.398   1.00 15.81 ? 37  LEU A CB  1 
ATOM   148 C  CG  . LEU A 1 22 ? -4.529  -4.645  -0.867  1.00 16.02 ? 37  LEU A CG  1 
ATOM   149 C  CD1 . LEU A 1 22 ? -4.779  -3.156  -1.110  1.00 16.62 ? 37  LEU A CD1 1 
ATOM   150 C  CD2 . LEU A 1 22 ? -3.028  -4.902  -0.822  1.00 17.79 ? 37  LEU A CD2 1 
ATOM   151 N  N   . LEU A 1 23 ? -3.546  -7.494  1.586   1.00 16.07 ? 38  LEU A N   1 
ATOM   152 C  CA  . LEU A 1 23 ? -2.255  -8.183  1.651   1.00 16.48 ? 38  LEU A CA  1 
ATOM   153 C  C   . LEU A 1 23 ? -2.403  -9.678  1.386   1.00 17.36 ? 38  LEU A C   1 
ATOM   154 O  O   . LEU A 1 23 ? -1.580  -10.282 0.677   1.00 16.63 ? 38  LEU A O   1 
ATOM   155 C  CB  . LEU A 1 23 ? -1.588  -7.940  3.005   1.00 16.06 ? 38  LEU A CB  1 
ATOM   156 C  CG  . LEU A 1 23 ? -1.072  -6.532  3.311   1.00 15.54 ? 38  LEU A CG  1 
ATOM   157 C  CD1 . LEU A 1 23 ? -0.330  -6.545  4.636   1.00 17.08 ? 38  LEU A CD1 1 
ATOM   158 C  CD2 . LEU A 1 23 ? -0.164  -5.995  2.213   1.00 14.83 ? 38  LEU A CD2 1 
ATOM   159 N  N   . LYS A 1 24 ? -3.463  -10.259 1.949   1.00 18.35 ? 39  LYS A N   1 
ATOM   160 C  CA  . LYS A 1 24 ? -3.758  -11.680 1.775   1.00 20.38 ? 39  LYS A CA  1 
ATOM   161 C  C   . LYS A 1 24 ? -4.120  -12.074 0.334   1.00 20.67 ? 39  LYS A C   1 
ATOM   162 O  O   . LYS A 1 24 ? -4.046  -13.249 -0.033  1.00 20.41 ? 39  LYS A O   1 
ATOM   163 C  CB  . LYS A 1 24 ? -4.842  -12.130 2.757   1.00 20.91 ? 39  LYS A CB  1 
ATOM   164 C  CG  . LYS A 1 24 ? -4.392  -12.162 4.213   1.00 23.63 ? 39  LYS A CG  1 
ATOM   165 C  CD  . LYS A 1 24 ? -5.463  -12.791 5.122   1.00 29.30 ? 39  LYS A CD  1 
ATOM   166 C  CE  . LYS A 1 24 ? -6.676  -11.862 5.359   1.00 31.38 ? 39  LYS A CE  1 
ATOM   167 N  NZ  . LYS A 1 24 ? -7.782  -12.522 6.134   1.00 34.46 ? 39  LYS A NZ  1 
ATOM   168 N  N   . SER A 1 25 ? -4.502  -11.090 -0.475  1.00 21.77 ? 40  SER A N   1 
ATOM   169 C  CA  . SER A 1 25 ? -4.809  -11.311 -1.890  1.00 22.59 ? 40  SER A CA  1 
ATOM   170 C  C   . SER A 1 25 ? -3.550  -11.514 -2.749  1.00 23.64 ? 40  SER A C   1 
ATOM   171 O  O   . SER A 1 25 ? -3.621  -12.084 -3.833  1.00 23.84 ? 40  SER A O   1 
ATOM   172 C  CB  . SER A 1 25 ? -5.695  -10.171 -2.441  1.00 23.01 ? 40  SER A CB  1 
ATOM   173 O  OG  . SER A 1 25 ? -4.966  -8.976  -2.727  1.00 22.88 ? 40  SER A OG  1 
ATOM   174 N  N   . VAL A 1 26 ? -2.387  -11.097 -2.255  1.00 24.14 ? 41  VAL A N   1 
ATOM   175 C  CA  . VAL A 1 26 ? -1.153  -11.192 -3.060  1.00 25.25 ? 41  VAL A CA  1 
ATOM   176 C  C   . VAL A 1 26 ? 0.029   -11.880 -2.376  1.00 26.20 ? 41  VAL A C   1 
ATOM   177 O  O   . VAL A 1 26 ? 1.079   -12.056 -2.988  1.00 27.09 ? 41  VAL A O   1 
ATOM   178 C  CB  . VAL A 1 26 ? -0.676  -9.802  -3.554  1.00 24.75 ? 41  VAL A CB  1 
ATOM   179 C  CG1 . VAL A 1 26 ? -1.601  -9.274  -4.634  1.00 24.81 ? 41  VAL A CG1 1 
ATOM   180 C  CG2 . VAL A 1 26 ? -0.571  -8.829  -2.395  1.00 24.10 ? 41  VAL A CG2 1 
ATOM   181 N  N   . GLY A 1 27 ? -0.120  -12.230 -1.103  1.00 27.40 ? 42  GLY A N   1 
ATOM   182 C  CA  . GLY A 1 27 ? 0.988   -12.803 -0.333  1.00 27.72 ? 42  GLY A CA  1 
ATOM   183 C  C   . GLY A 1 27 ? 0.523   -13.544 0.897   1.00 27.89 ? 42  GLY A C   1 
ATOM   184 O  O   . GLY A 1 27 ? -0.572  -13.294 1.389   1.00 28.54 ? 42  GLY A O   1 
ATOM   185 N  N   . ALA A 1 28 ? 1.366   -14.447 1.398   1.00 27.87 ? 43  ALA A N   1 
ATOM   186 C  CA  . ALA A 1 28 ? 1.073   -15.223 2.618   1.00 27.79 ? 43  ALA A CA  1 
ATOM   187 C  C   . ALA A 1 28 ? 0.665   -14.358 3.816   1.00 27.32 ? 43  ALA A C   1 
ATOM   188 O  O   . ALA A 1 28 ? 1.262   -13.318 4.083   1.00 26.71 ? 43  ALA A O   1 
ATOM   189 C  CB  . ALA A 1 28 ? 2.259   -16.132 2.995   1.00 27.61 ? 43  ALA A CB  1 
ATOM   190 N  N   . GLN A 1 29 ? -0.353  -14.825 4.534   1.00 27.43 ? 44  GLN A N   1 
ATOM   191 C  CA  . GLN A 1 29 ? -0.877  -14.124 5.696   1.00 27.35 ? 44  GLN A CA  1 
ATOM   192 C  C   . GLN A 1 29 ? 0.082   -14.249 6.867   1.00 26.28 ? 44  GLN A C   1 
ATOM   193 O  O   . GLN A 1 29 ? 0.289   -15.337 7.402   1.00 25.71 ? 44  GLN A O   1 
ATOM   194 C  CB  . GLN A 1 29 ? -2.269  -14.659 6.087   1.00 28.27 ? 44  GLN A CB  1 
ATOM   195 C  CG  . GLN A 1 29 ? -2.854  -14.022 7.370   1.00 31.22 ? 44  GLN A CG  1 
ATOM   196 C  CD  . GLN A 1 29 ? -4.219  -14.579 7.755   1.00 35.58 ? 44  GLN A CD  1 
ATOM   197 O  OE1 . GLN A 1 29 ? -4.651  -15.633 7.264   1.00 39.04 ? 44  GLN A OE1 1 
ATOM   198 N  NE2 . GLN A 1 29 ? -4.904  -13.869 8.644   1.00 36.12 ? 44  GLN A NE2 1 
ATOM   199 N  N   . LYS A 1 30 ? 0.672   -13.117 7.233   1.00 25.44 ? 45  LYS A N   1 
ATOM   200 C  CA  . LYS A 1 30 ? 1.304   -12.942 8.530   1.00 24.73 ? 45  LYS A CA  1 
ATOM   201 C  C   . LYS A 1 30 ? 0.482   -11.925 9.341   1.00 24.63 ? 45  LYS A C   1 
ATOM   202 O  O   . LYS A 1 30 ? -0.328  -11.192 8.780   1.00 25.12 ? 45  LYS A O   1 
ATOM   203 C  CB  . LYS A 1 30 ? 2.748   -12.479 8.365   1.00 24.15 ? 45  LYS A CB  1 
ATOM   204 C  CG  . LYS A 1 30 ? 3.627   -13.489 7.661   1.00 23.99 ? 45  LYS A CG  1 
ATOM   205 C  CD  . LYS A 1 30 ? 5.105   -13.265 7.926   1.00 23.59 ? 45  LYS A CD  1 
ATOM   206 C  CE  . LYS A 1 30 ? 5.635   -12.085 7.144   1.00 23.66 ? 45  LYS A CE  1 
ATOM   207 N  NZ  . LYS A 1 30 ? 7.134   -12.084 7.139   1.00 23.78 ? 45  LYS A NZ  1 
ATOM   208 N  N   . ASP A 1 31 ? 0.667   -11.903 10.654  1.00 24.27 ? 46  ASP A N   1 
ATOM   209 C  CA  . ASP A 1 31 ? 0.037   -10.886 11.495  1.00 24.65 ? 46  ASP A CA  1 
ATOM   210 C  C   . ASP A 1 31 ? 0.898   -9.614  11.521  1.00 22.64 ? 46  ASP A C   1 
ATOM   211 O  O   . ASP A 1 31 ? 0.362   -8.495  11.479  1.00 21.86 ? 46  ASP A O   1 
ATOM   212 C  CB  . ASP A 1 31 ? -0.198  -11.430 12.912  1.00 26.07 ? 46  ASP A CB  1 
ATOM   213 C  CG  . ASP A 1 31 ? -0.875  -10.404 13.860  1.00 31.18 ? 46  ASP A CG  1 
ATOM   214 O  OD1 . ASP A 1 31 ? -2.002  -9.919  13.565  1.00 36.36 ? 46  ASP A OD1 1 
ATOM   215 O  OD2 . ASP A 1 31 ? -0.291  -10.101 14.933  1.00 36.22 ? 46  ASP A OD2 1 
ATOM   216 N  N   . THR A 1 32 ? 2.220   -9.797  11.555  1.00 20.03 ? 47  THR A N   1 
ATOM   217 C  CA  . THR A 1 32 ? 3.161   -8.676  11.638  1.00 18.44 ? 47  THR A CA  1 
ATOM   218 C  C   . THR A 1 32 ? 4.137   -8.666  10.447  1.00 16.94 ? 47  THR A C   1 
ATOM   219 O  O   . THR A 1 32 ? 4.664   -9.702  10.058  1.00 15.90 ? 47  THR A O   1 
ATOM   220 C  CB  . THR A 1 32 ? 3.925   -8.704  12.996  1.00 18.86 ? 47  THR A CB  1 
ATOM   221 O  OG1 . THR A 1 32 ? 2.988   -8.548  14.072  1.00 20.86 ? 47  THR A OG1 1 
ATOM   222 C  CG2 . THR A 1 32 ? 4.936   -7.576  13.088  1.00 18.59 ? 47  THR A CG2 1 
ATOM   223 N  N   . TYR A 1 33 ? 4.375   -7.487  9.887   1.00 15.85 ? 48  TYR A N   1 
ATOM   224 C  CA  . TYR A 1 33 ? 5.204   -7.340  8.706   1.00 15.13 ? 48  TYR A CA  1 
ATOM   225 C  C   . TYR A 1 33 ? 6.269   -6.275  8.900   1.00 14.73 ? 48  TYR A C   1 
ATOM   226 O  O   . TYR A 1 33 ? 6.169   -5.439  9.800   1.00 14.77 ? 48  TYR A O   1 
ATOM   227 C  CB  . TYR A 1 33 ? 4.343   -6.905  7.513   1.00 15.56 ? 48  TYR A CB  1 
ATOM   228 C  CG  . TYR A 1 33 ? 3.263   -7.881  7.085   1.00 15.13 ? 48  TYR A CG  1 
ATOM   229 C  CD1 . TYR A 1 33 ? 2.013   -7.865  7.690   1.00 15.02 ? 48  TYR A CD1 1 
ATOM   230 C  CD2 . TYR A 1 33 ? 3.489   -8.802  6.064   1.00 16.73 ? 48  TYR A CD2 1 
ATOM   231 C  CE1 . TYR A 1 33 ? 1.012   -8.731  7.308   1.00 14.68 ? 48  TYR A CE1 1 
ATOM   232 C  CE2 . TYR A 1 33 ? 2.473   -9.697  5.666   1.00 16.54 ? 48  TYR A CE2 1 
ATOM   233 C  CZ  . TYR A 1 33 ? 1.243   -9.642  6.288   1.00 16.21 ? 48  TYR A CZ  1 
ATOM   234 O  OH  . TYR A 1 33 ? 0.229   -10.512 5.923   1.00 16.89 ? 48  TYR A OH  1 
ATOM   235 N  N   . THR A 1 34 ? 7.275   -6.277  8.034   1.00 13.76 ? 49  THR A N   1 
ATOM   236 C  CA  . THR A 1 34 ? 8.092   -5.084  7.875   1.00 13.07 ? 49  THR A CA  1 
ATOM   237 C  C   . THR A 1 34 ? 7.375   -4.162  6.894   1.00 13.16 ? 49  THR A C   1 
ATOM   238 O  O   . THR A 1 34 ? 6.533   -4.621  6.106   1.00 12.14 ? 49  THR A O   1 
ATOM   239 C  CB  . THR A 1 34 ? 9.481   -5.393  7.318   1.00 12.97 ? 49  THR A CB  1 
ATOM   240 O  OG1 . THR A 1 34 ? 9.351   -6.039  6.045   1.00 12.31 ? 49  THR A OG1 1 
ATOM   241 C  CG2 . THR A 1 34 ? 10.253  -6.285  8.271   1.00 13.68 ? 49  THR A CG2 1 
ATOM   242 N  N   . MET A 1 35 ? 7.710   -2.871  6.932   1.00 12.59 ? 50  MET A N   1 
ATOM   243 C  CA  . MET A 1 35 ? 7.234   -1.951  5.914   1.00 12.88 ? 50  MET A CA  1 
ATOM   244 C  C   . MET A 1 35 ? 7.742   -2.345  4.522   1.00 12.40 ? 50  MET A C   1 
ATOM   245 O  O   . MET A 1 35 ? 7.013   -2.193  3.543   1.00 12.61 ? 50  MET A O   1 
ATOM   246 C  CB  . MET A 1 35 ? 7.614   -0.501  6.240   1.00 12.91 ? 50  MET A CB  1 
ATOM   247 C  CG  . MET A 1 35 ? 6.609   0.223   7.137   1.00 16.32 ? 50  MET A CG  1 
ATOM   248 S  SD  . MET A 1 35 ? 4.877   0.319   6.559   1.00 22.81 ? 50  MET A SD  1 
ATOM   249 C  CE  . MET A 1 35 ? 5.082   0.903   4.885   1.00 18.64 ? 50  MET A CE  1 
ATOM   250 N  N   . LYS A 1 36 ? 8.975   -2.851  4.430   1.00 11.72 ? 51  LYS A N   1 
ATOM   251 C  CA  . LYS A 1 36 ? 9.468   -3.413  3.156   1.00 11.55 ? 51  LYS A CA  1 
ATOM   252 C  C   . LYS A 1 36 ? 8.466   -4.427  2.561   1.00 11.11 ? 51  LYS A C   1 
ATOM   253 O  O   . LYS A 1 36 ? 8.163   -4.375  1.360   1.00 10.72 ? 51  LYS A O   1 
ATOM   254 C  CB  . LYS A 1 36 ? 10.841  -4.087  3.319   1.00 11.56 ? 51  LYS A CB  1 
ATOM   255 C  CG  . LYS A 1 36 ? 11.463  -4.542  1.981   1.00 13.24 ? 51  LYS A CG  1 
ATOM   256 C  CD  . LYS A 1 36 ? 12.636  -5.507  2.187   1.00 16.26 ? 51  LYS A CD  1 
ATOM   257 C  CE  . LYS A 1 36 ? 13.198  -5.976  0.843   1.00 18.13 ? 51  LYS A CE  1 
ATOM   258 N  NZ  . LYS A 1 36 ? 14.587  -6.532  1.010   1.00 20.93 ? 51  LYS A NZ  1 
ATOM   259 N  N   . GLU A 1 37 ? 7.950   -5.321  3.402   1.00 10.68 ? 52  GLU A N   1 
ATOM   260 C  CA  . GLU A 1 37 ? 6.964   -6.327  2.980   1.00 11.18 ? 52  GLU A CA  1 
ATOM   261 C  C   . GLU A 1 37 ? 5.661   -5.670  2.549   1.00 11.09 ? 52  GLU A C   1 
ATOM   262 O  O   . GLU A 1 37 ? 5.140   -5.984  1.493   1.00 11.61 ? 52  GLU A O   1 
ATOM   263 C  CB  . GLU A 1 37 ? 6.694   -7.356  4.085   1.00 11.11 ? 52  GLU A CB  1 
ATOM   264 C  CG  . GLU A 1 37 ? 7.808   -8.384  4.229   1.00 13.98 ? 52  GLU A CG  1 
ATOM   265 C  CD  . GLU A 1 37 ? 7.724   -9.237  5.488   1.00 17.48 ? 52  GLU A CD  1 
ATOM   266 O  OE1 . GLU A 1 37 ? 7.230   -8.774  6.547   1.00 17.16 ? 52  GLU A OE1 1 
ATOM   267 O  OE2 . GLU A 1 37 ? 8.184   -10.395 5.410   1.00 21.11 ? 52  GLU A OE2 1 
ATOM   268 N  N   . VAL A 1 38 ? 5.147   -4.751  3.357   1.00 11.14 ? 53  VAL A N   1 
ATOM   269 C  CA  . VAL A 1 38 ? 3.862   -4.114  3.071   1.00 11.30 ? 53  VAL A CA  1 
ATOM   270 C  C   . VAL A 1 38 ? 3.905   -3.364  1.736   1.00 11.62 ? 53  VAL A C   1 
ATOM   271 O  O   . VAL A 1 38 ? 2.987   -3.495  0.910   1.00 12.18 ? 53  VAL A O   1 
ATOM   272 C  CB  . VAL A 1 38 ? 3.417   -3.182  4.211   1.00 10.99 ? 53  VAL A CB  1 
ATOM   273 C  CG1 . VAL A 1 38 ? 2.131   -2.448  3.824   1.00 11.33 ? 53  VAL A CG1 1 
ATOM   274 C  CG2 . VAL A 1 38 ? 3.201   -4.001  5.503   1.00 10.95 ? 53  VAL A CG2 1 
ATOM   275 N  N   . LEU A 1 39 ? 4.970   -2.596  1.531   1.00 11.59 ? 54  LEU A N   1 
ATOM   276 C  CA  . LEU A 1 39 ? 5.199   -1.912  0.263   1.00 12.19 ? 54  LEU A CA  1 
ATOM   277 C  C   . LEU A 1 39 ? 5.272   -2.850  -0.933  1.00 12.11 ? 54  LEU A C   1 
ATOM   278 O  O   . LEU A 1 39 ? 4.615   -2.599  -1.948  1.00 12.56 ? 54  LEU A O   1 
ATOM   279 C  CB  . LEU A 1 39 ? 6.448   -1.025  0.331   1.00 12.42 ? 54  LEU A CB  1 
ATOM   280 C  CG  . LEU A 1 39 ? 6.225   0.272   1.114   1.00 13.73 ? 54  LEU A CG  1 
ATOM   281 C  CD1 . LEU A 1 39 ? 7.566   0.858   1.512   1.00 16.09 ? 54  LEU A CD1 1 
ATOM   282 C  CD2 . LEU A 1 39 ? 5.395   1.288   0.302   1.00 14.37 ? 54  LEU A CD2 1 
ATOM   283 N  N   . PHE A 1 40 ? 6.055   -3.917  -0.837  1.00 11.79 ? 55  PHE A N   1 
ATOM   284 C  CA  . PHE A 1 40 ? 6.114   -4.896  -1.942  1.00 11.91 ? 55  PHE A CA  1 
ATOM   285 C  C   . PHE A 1 40 ? 4.745   -5.444  -2.306  1.00 11.78 ? 55  PHE A C   1 
ATOM   286 O  O   . PHE A 1 40 ? 4.388   -5.467  -3.497  1.00 11.71 ? 55  PHE A O   1 
ATOM   287 C  CB  . PHE A 1 40 ? 7.048   -6.070  -1.650  1.00 11.77 ? 55  PHE A CB  1 
ATOM   288 C  CG  . PHE A 1 40 ? 6.948   -7.184  -2.663  1.00 11.92 ? 55  PHE A CG  1 
ATOM   289 C  CD1 . PHE A 1 40 ? 7.570   -7.073  -3.904  1.00 12.17 ? 55  PHE A CD1 1 
ATOM   290 C  CD2 . PHE A 1 40 ? 6.217   -8.326  -2.385  1.00 12.57 ? 55  PHE A CD2 1 
ATOM   291 C  CE1 . PHE A 1 40 ? 7.475   -8.091  -4.836  1.00 13.15 ? 55  PHE A CE1 1 
ATOM   292 C  CE2 . PHE A 1 40 ? 6.109   -9.346  -3.312  1.00 12.66 ? 55  PHE A CE2 1 
ATOM   293 C  CZ  . PHE A 1 40 ? 6.746   -9.233  -4.538  1.00 12.89 ? 55  PHE A CZ  1 
ATOM   294 N  N   . TYR A 1 41 ? 3.995   -5.902  -1.299  1.00 11.09 ? 56  TYR A N   1 
ATOM   295 C  CA  . TYR A 1 41 ? 2.684   -6.499  -1.547  1.00 11.65 ? 56  TYR A CA  1 
ATOM   296 C  C   . TYR A 1 41 ? 1.693   -5.476  -2.115  1.00 12.06 ? 56  TYR A C   1 
ATOM   297 O  O   . TYR A 1 41 ? 0.907   -5.818  -2.987  1.00 12.17 ? 56  TYR A O   1 
ATOM   298 C  CB  . TYR A 1 41 ? 2.115   -7.205  -0.307  1.00 11.63 ? 56  TYR A CB  1 
ATOM   299 C  CG  . TYR A 1 41 ? 2.914   -8.427  0.119   1.00 12.19 ? 56  TYR A CG  1 
ATOM   300 C  CD1 . TYR A 1 41 ? 3.131   -9.478  -0.769  1.00 14.96 ? 56  TYR A CD1 1 
ATOM   301 C  CD2 . TYR A 1 41 ? 3.449   -8.527  1.407   1.00 12.86 ? 56  TYR A CD2 1 
ATOM   302 C  CE1 . TYR A 1 41 ? 3.883   -10.590 -0.398  1.00 16.72 ? 56  TYR A CE1 1 
ATOM   303 C  CE2 . TYR A 1 41 ? 4.195   -9.639  1.791   1.00 15.05 ? 56  TYR A CE2 1 
ATOM   304 C  CZ  . TYR A 1 41 ? 4.405   -10.662 0.882   1.00 17.13 ? 56  TYR A CZ  1 
ATOM   305 O  OH  . TYR A 1 41 ? 5.131   -11.766 1.243   1.00 20.10 ? 56  TYR A OH  1 
ATOM   306 N  N   . LEU A 1 42 ? 1.712   -4.237  -1.614  1.00 12.18 ? 57  LEU A N   1 
ATOM   307 C  CA  . LEU A 1 42 ? 0.882   -3.175  -2.200  1.00 12.82 ? 57  LEU A CA  1 
ATOM   308 C  C   . LEU A 1 42 ? 1.254   -2.893  -3.667  1.00 13.29 ? 57  LEU A C   1 
ATOM   309 O  O   . LEU A 1 42 ? 0.378   -2.669  -4.502  1.00 13.09 ? 57  LEU A O   1 
ATOM   310 C  CB  . LEU A 1 42 ? 0.965   -1.886  -1.375  1.00 12.60 ? 57  LEU A CB  1 
ATOM   311 C  CG  . LEU A 1 42 ? 0.114   -1.828  -0.102  1.00 13.00 ? 57  LEU A CG  1 
ATOM   312 C  CD1 . LEU A 1 42 ? 0.552   -0.648  0.751   1.00 14.07 ? 57  LEU A CD1 1 
ATOM   313 C  CD2 . LEU A 1 42 ? -1.388  -1.716  -0.410  1.00 12.48 ? 57  LEU A CD2 1 
ATOM   314 N  N   . GLY A 1 43 ? 2.553   -2.891  -3.960  1.00 13.53 ? 58  GLY A N   1 
ATOM   315 C  CA  . GLY A 1 43 ? 3.062   -2.672  -5.310  1.00 14.53 ? 58  GLY A CA  1 
ATOM   316 C  C   . GLY A 1 43 ? 2.625   -3.782  -6.248  1.00 15.52 ? 58  GLY A C   1 
ATOM   317 O  O   . GLY A 1 43 ? 2.302   -3.530  -7.421  1.00 15.94 ? 58  GLY A O   1 
ATOM   318 N  N   . GLN A 1 44 ? 2.608   -5.008  -5.731  1.00 15.48 ? 59  GLN A N   1 
ATOM   319 C  CA  . GLN A 1 44 ? 2.187   -6.164  -6.526  1.00 16.32 ? 59  GLN A CA  1 
ATOM   320 C  C   . GLN A 1 44 ? 0.687   -6.175  -6.762  1.00 16.07 ? 59  GLN A C   1 
ATOM   321 O  O   . GLN A 1 44 ? 0.237   -6.520  -7.850  1.00 15.75 ? 59  GLN A O   1 
ATOM   322 C  CB  . GLN A 1 44 ? 2.662   -7.488  -5.907  1.00 16.14 ? 59  GLN A CB  1 
ATOM   323 C  CG  . GLN A 1 44 ? 4.158   -7.774  -6.153  1.00 17.98 ? 59  GLN A CG  1 
ATOM   324 C  CD  . GLN A 1 44 ? 4.495   -7.953  -7.637  1.00 20.29 ? 59  GLN A CD  1 
ATOM   325 O  OE1 . GLN A 1 44 ? 3.748   -8.594  -8.376  1.00 20.75 ? 59  GLN A OE1 1 
ATOM   326 N  NE2 . GLN A 1 44 ? 5.612   -7.372  -8.072  1.00 18.77 ? 59  GLN A NE2 1 
ATOM   327 N  N   . TYR A 1 45 ? -0.073  -5.789  -5.741  1.00 15.80 ? 60  TYR A N   1 
ATOM   328 C  CA  . TYR A 1 45 ? -1.516  -5.602  -5.859  1.00 16.85 ? 60  TYR A CA  1 
ATOM   329 C  C   . TYR A 1 45 ? -1.856  -4.593  -6.971  1.00 16.97 ? 60  TYR A C   1 
ATOM   330 O  O   . TYR A 1 45 ? -2.649  -4.885  -7.869  1.00 17.08 ? 60  TYR A O   1 
ATOM   331 C  CB  . TYR A 1 45 ? -2.096  -5.146  -4.509  1.00 16.76 ? 60  TYR A CB  1 
ATOM   332 C  CG  . TYR A 1 45 ? -3.581  -4.901  -4.531  1.00 18.58 ? 60  TYR A CG  1 
ATOM   333 C  CD1 . TYR A 1 45 ? -4.474  -5.934  -4.257  1.00 19.80 ? 60  TYR A CD1 1 
ATOM   334 C  CD2 . TYR A 1 45 ? -4.101  -3.635  -4.831  1.00 19.70 ? 60  TYR A CD2 1 
ATOM   335 C  CE1 . TYR A 1 45 ? -5.835  -5.720  -4.277  1.00 21.51 ? 60  TYR A CE1 1 
ATOM   336 C  CE2 . TYR A 1 45 ? -5.469  -3.417  -4.850  1.00 20.99 ? 60  TYR A CE2 1 
ATOM   337 C  CZ  . TYR A 1 45 ? -6.323  -4.464  -4.573  1.00 21.57 ? 60  TYR A CZ  1 
ATOM   338 O  OH  . TYR A 1 45 ? -7.678  -4.272  -4.591  1.00 24.42 ? 60  TYR A OH  1 
ATOM   339 N  N   . ILE A 1 46 ? -1.232  -3.423  -6.907  1.00 17.30 ? 61  ILE A N   1 
ATOM   340 C  CA  . ILE A 1 46 ? -1.378  -2.380  -7.915  1.00 18.13 ? 61  ILE A CA  1 
ATOM   341 C  C   . ILE A 1 46 ? -1.046  -2.872  -9.333  1.00 19.46 ? 61  ILE A C   1 
ATOM   342 O  O   . ILE A 1 46 ? -1.852  -2.699  -10.260 1.00 20.10 ? 61  ILE A O   1 
ATOM   343 C  CB  . ILE A 1 46 ? -0.509  -1.145  -7.557  1.00 17.82 ? 61  ILE A CB  1 
ATOM   344 C  CG1 . ILE A 1 46 ? -0.999  -0.497  -6.254  1.00 17.88 ? 61  ILE A CG1 1 
ATOM   345 C  CG2 . ILE A 1 46 ? -0.505  -0.113  -8.693  1.00 17.80 ? 61  ILE A CG2 1 
ATOM   346 C  CD1 . ILE A 1 46 ? -0.048  0.587   -5.710  1.00 16.31 ? 61  ILE A CD1 1 
ATOM   347 N  N   . MET A 1 47 ? 0.128   -3.480  -9.493  1.00 20.47 ? 62  MET A N   1 
ATOM   348 C  CA  . MET A 1 47 ? 0.633   -3.871  -10.809 1.00 21.52 ? 62  MET A CA  1 
ATOM   349 C  C   . MET A 1 47 ? -0.151  -5.025  -11.416 1.00 22.13 ? 62  MET A C   1 
ATOM   350 O  O   . MET A 1 47 ? -0.449  -5.009  -12.617 1.00 21.82 ? 62  MET A O   1 
ATOM   351 C  CB  . MET A 1 47 ? 2.124   -4.215  -10.764 1.00 21.41 ? 62  MET A CB  1 
ATOM   352 C  CG  . MET A 1 47 ? 3.061   -3.019  -10.556 1.00 22.82 ? 62  MET A CG  1 
ATOM   353 S  SD  . MET A 1 47 ? 2.603   -1.538  -11.499 1.00 26.47 ? 62  MET A SD  1 
ATOM   354 C  CE  . MET A 1 47 ? 2.816   -2.119  -13.195 1.00 25.40 ? 62  MET A CE  1 
ATOM   355 N  N   . THR A 1 48 ? -0.474  -6.024  -10.600 1.00 22.89 ? 63  THR A N   1 
ATOM   356 C  CA  . THR A 1 48 ? -1.237  -7.176  -11.093 1.00 23.77 ? 63  THR A CA  1 
ATOM   357 C  C   . THR A 1 48 ? -2.632  -6.765  -11.519 1.00 24.56 ? 63  THR A C   1 
ATOM   358 O  O   . THR A 1 48 ? -3.166  -7.316  -12.472 1.00 24.84 ? 63  THR A O   1 
ATOM   359 C  CB  . THR A 1 48 ? -1.380  -8.298  -10.062 1.00 23.75 ? 63  THR A CB  1 
ATOM   360 O  OG1 . THR A 1 48 ? -2.004  -7.776  -8.881  1.00 25.33 ? 63  THR A OG1 1 
ATOM   361 C  CG2 . THR A 1 48 ? -0.016  -8.902  -9.720  1.00 23.44 ? 63  THR A CG2 1 
ATOM   362 N  N   . LYS A 1 49 ? -3.225  -5.811  -10.805 1.00 25.01 ? 64  LYS A N   1 
ATOM   363 C  CA  . LYS A 1 49 ? -4.552  -5.317  -11.157 1.00 25.78 ? 64  LYS A CA  1 
ATOM   364 C  C   . LYS A 1 49 ? -4.478  -4.170  -12.157 1.00 26.15 ? 64  LYS A C   1 
ATOM   365 O  O   . LYS A 1 49 ? -5.499  -3.571  -12.483 1.00 26.62 ? 64  LYS A O   1 
ATOM   366 C  CB  . LYS A 1 49 ? -5.331  -4.905  -9.911  1.00 25.52 ? 64  LYS A CB  1 
ATOM   367 C  CG  . LYS A 1 49 ? -5.514  -6.031  -8.910  1.00 26.48 ? 64  LYS A CG  1 
ATOM   368 C  CD  . LYS A 1 49 ? -6.522  -5.668  -7.829  1.00 28.19 ? 64  LYS A CD  1 
ATOM   369 C  CE  . LYS A 1 49 ? -7.941  -6.090  -8.209  1.00 28.72 ? 64  LYS A CE  1 
ATOM   370 N  NZ  . LYS A 1 49 ? -8.974  -5.658  -7.205  1.00 31.32 ? 64  LYS A NZ  1 
ATOM   371 N  N   . ARG A 1 50 ? -3.266  -3.885  -12.637 1.00 26.49 ? 65  ARG A N   1 
ATOM   372 C  CA  . ARG A 1 50 ? -2.976  -2.817  -13.608 1.00 27.55 ? 65  ARG A CA  1 
ATOM   373 C  C   . ARG A 1 50 ? -3.598  -1.464  -13.240 1.00 27.84 ? 65  ARG A C   1 
ATOM   374 O  O   . ARG A 1 50 ? -4.092  -0.736  -14.107 1.00 27.93 ? 65  ARG A O   1 
ATOM   375 C  CB  . ARG A 1 50 ? -3.394  -3.228  -15.025 1.00 27.88 ? 65  ARG A CB  1 
ATOM   376 C  CG  . ARG A 1 50 ? -2.640  -4.403  -15.614 1.00 30.04 ? 65  ARG A CG  1 
ATOM   377 C  CD  . ARG A 1 50 ? -3.299  -4.807  -16.914 1.00 34.79 ? 65  ARG A CD  1 
ATOM   378 N  NE  . ARG A 1 50 ? -2.579  -5.832  -17.674 1.00 38.86 ? 65  ARG A NE  1 
ATOM   379 C  CZ  . ARG A 1 50 ? -2.634  -7.143  -17.435 1.00 40.40 ? 65  ARG A CZ  1 
ATOM   380 N  NH1 . ARG A 1 50 ? -3.352  -7.623  -16.420 1.00 41.04 ? 65  ARG A NH1 1 
ATOM   381 N  NH2 . ARG A 1 50 ? -1.957  -7.981  -18.212 1.00 40.56 ? 65  ARG A NH2 1 
ATOM   382 N  N   . LEU A 1 51 ? -3.560  -1.131  -11.950 1.00 28.05 ? 66  LEU A N   1 
ATOM   383 C  CA  . LEU A 1 51 ? -4.058  0.148   -11.456 1.00 28.25 ? 66  LEU A CA  1 
ATOM   384 C  C   . LEU A 1 51 ? -3.060  1.243   -11.804 1.00 29.19 ? 66  LEU A C   1 
ATOM   385 O  O   . LEU A 1 51 ? -3.346  2.425   -11.641 1.00 28.90 ? 66  LEU A O   1 
ATOM   386 C  CB  . LEU A 1 51 ? -4.300  0.084   -9.942  1.00 27.80 ? 66  LEU A CB  1 
ATOM   387 C  CG  . LEU A 1 51 ? -5.238  -1.001  -9.382  1.00 26.91 ? 66  LEU A CG  1 
ATOM   388 C  CD1 . LEU A 1 51 ? -5.325  -0.918  -7.863  1.00 26.89 ? 66  LEU A CD1 1 
ATOM   389 C  CD2 . LEU A 1 51 ? -6.634  -0.940  -9.978  1.00 26.89 ? 66  LEU A CD2 1 
ATOM   390 N  N   . TYR A 1 52 ? -1.894  0.834   -12.298 1.00 30.31 ? 67  TYR A N   1 
ATOM   391 C  CA  . TYR A 1 52 ? -0.838  1.745   -12.709 1.00 32.13 ? 67  TYR A CA  1 
ATOM   392 C  C   . TYR A 1 52 ? -0.107  1.222   -13.938 1.00 33.74 ? 67  TYR A C   1 
ATOM   393 O  O   . TYR A 1 52 ? 0.171   0.026   -14.056 1.00 33.78 ? 67  TYR A O   1 
ATOM   394 C  CB  . TYR A 1 52 ? 0.170   1.966   -11.576 1.00 31.91 ? 67  TYR A CB  1 
ATOM   395 C  CG  . TYR A 1 52 ? 1.282   2.931   -11.923 1.00 32.08 ? 67  TYR A CG  1 
ATOM   396 C  CD1 . TYR A 1 52 ? 1.033   4.294   -12.011 1.00 32.16 ? 67  TYR A CD1 1 
ATOM   397 C  CD2 . TYR A 1 52 ? 2.581   2.480   -12.168 1.00 32.62 ? 67  TYR A CD2 1 
ATOM   398 C  CE1 . TYR A 1 52 ? 2.035   5.190   -12.335 1.00 33.47 ? 67  TYR A CE1 1 
ATOM   399 C  CE2 . TYR A 1 52 ? 3.606   3.378   -12.498 1.00 33.75 ? 67  TYR A CE2 1 
ATOM   400 C  CZ  . TYR A 1 52 ? 3.320   4.734   -12.574 1.00 34.55 ? 67  TYR A CZ  1 
ATOM   401 O  OH  . TYR A 1 52 ? 4.307   5.647   -12.893 1.00 36.63 ? 67  TYR A OH  1 
ATOM   402 N  N   . ASP A 1 53 ? 0.202   2.137   -14.849 1.00 35.73 ? 68  ASP A N   1 
ATOM   403 C  CA  . ASP A 1 53 ? 0.998   1.823   -16.022 1.00 37.78 ? 68  ASP A CA  1 
ATOM   404 C  C   . ASP A 1 53 ? 1.859   3.023   -16.355 1.00 38.36 ? 68  ASP A C   1 
ATOM   405 O  O   . ASP A 1 53 ? 1.578   4.140   -15.913 1.00 38.75 ? 68  ASP A O   1 
ATOM   406 C  CB  . ASP A 1 53 ? 0.093   1.480   -17.218 1.00 38.24 ? 68  ASP A CB  1 
ATOM   407 C  CG  . ASP A 1 53 ? 0.886   1.055   -18.459 1.00 40.13 ? 68  ASP A CG  1 
ATOM   408 O  OD1 . ASP A 1 53 ? 1.820   0.229   -18.336 1.00 42.73 ? 68  ASP A OD1 1 
ATOM   409 O  OD2 . ASP A 1 53 ? 0.576   1.547   -19.567 1.00 42.74 ? 68  ASP A OD2 1 
ATOM   410 N  N   . GLU A 1 54 ? 2.916   2.784   -17.125 1.00 39.31 ? 69  GLU A N   1 
ATOM   411 C  CA  . GLU A 1 54 ? 3.671   3.856   -17.766 1.00 40.03 ? 69  GLU A CA  1 
ATOM   412 C  C   . GLU A 1 54 ? 2.703   4.656   -18.641 1.00 39.71 ? 69  GLU A C   1 
ATOM   413 O  O   . GLU A 1 54 ? 1.691   4.118   -19.107 1.00 39.47 ? 69  GLU A O   1 
ATOM   414 C  CB  . GLU A 1 54 ? 4.804   3.272   -18.608 1.00 40.56 ? 69  GLU A CB  1 
ATOM   415 C  CG  . GLU A 1 54 ? 5.786   2.408   -17.807 1.00 43.22 ? 69  GLU A CG  1 
ATOM   416 C  CD  . GLU A 1 54 ? 6.525   1.379   -18.659 1.00 46.99 ? 69  GLU A CD  1 
ATOM   417 O  OE1 . GLU A 1 54 ? 6.418   1.423   -19.909 1.00 48.53 ? 69  GLU A OE1 1 
ATOM   418 O  OE2 . GLU A 1 54 ? 7.222   0.518   -18.072 1.00 48.29 ? 69  GLU A OE2 1 
ATOM   419 N  N   . LYS A 1 55 ? 3.007   5.939   -18.831 1.00 39.51 ? 70  LYS A N   1 
ATOM   420 C  CA  . LYS A 1 55 ? 2.147   6.872   -19.582 1.00 39.17 ? 70  LYS A CA  1 
ATOM   421 C  C   . LYS A 1 55 ? 0.746   7.049   -18.958 1.00 38.72 ? 70  LYS A C   1 
ATOM   422 O  O   . LYS A 1 55 ? -0.242  7.300   -19.659 1.00 38.81 ? 70  LYS A O   1 
ATOM   423 C  CB  . LYS A 1 55 ? 2.064   6.477   -21.067 1.00 39.25 ? 70  LYS A CB  1 
ATOM   424 C  CG  . LYS A 1 55 ? 3.420   6.376   -21.749 1.00 39.81 ? 70  LYS A CG  1 
ATOM   425 C  CD  . LYS A 1 55 ? 3.395   5.414   -22.924 1.00 41.30 ? 70  LYS A CD  1 
ATOM   426 C  CE  . LYS A 1 55 ? 3.031   6.107   -24.228 1.00 42.16 ? 70  LYS A CE  1 
ATOM   427 N  NZ  . LYS A 1 55 ? 3.149   5.161   -25.372 1.00 42.41 ? 70  LYS A NZ  1 
ATOM   428 N  N   . GLN A 1 56 ? 0.672   6.902   -17.638 1.00 37.77 ? 71  GLN A N   1 
ATOM   429 C  CA  . GLN A 1 56 ? -0.516  7.286   -16.890 1.00 37.12 ? 71  GLN A CA  1 
ATOM   430 C  C   . GLN A 1 56 ? -0.215  8.539   -16.078 1.00 36.58 ? 71  GLN A C   1 
ATOM   431 O  O   . GLN A 1 56 ? -1.015  8.938   -15.227 1.00 36.50 ? 71  GLN A O   1 
ATOM   432 C  CB  . GLN A 1 56 ? -0.988  6.162   -15.974 1.00 37.17 ? 71  GLN A CB  1 
ATOM   433 C  CG  . GLN A 1 56 ? -1.845  5.116   -16.669 1.00 37.21 ? 71  GLN A CG  1 
ATOM   434 C  CD  . GLN A 1 56 ? -2.428  4.096   -15.704 1.00 37.26 ? 71  GLN A CD  1 
ATOM   435 O  OE1 . GLN A 1 56 ? -3.046  3.112   -16.125 1.00 37.79 ? 71  GLN A OE1 1 
ATOM   436 N  NE2 . GLN A 1 56 ? -2.240  4.325   -14.403 1.00 35.94 ? 71  GLN A NE2 1 
ATOM   437 N  N   . GLN A 1 57 ? 0.944   9.147   -16.348 1.00 35.60 ? 72  GLN A N   1 
ATOM   438 C  CA  . GLN A 1 57 ? 1.337   10.400  -15.718 1.00 34.86 ? 72  GLN A CA  1 
ATOM   439 C  C   . GLN A 1 57 ? 1.705   10.183  -14.244 1.00 33.62 ? 72  GLN A C   1 
ATOM   440 O  O   . GLN A 1 57 ? 1.520   11.079  -13.412 1.00 33.85 ? 72  GLN A O   1 
ATOM   441 C  CB  . GLN A 1 57 ? 0.190   11.403  -15.832 1.00 35.32 ? 72  GLN A CB  1 
ATOM   442 C  CG  . GLN A 1 57 ? 0.585   12.804  -16.179 1.00 37.73 ? 72  GLN A CG  1 
ATOM   443 C  CD  . GLN A 1 57 ? -0.627  13.705  -16.303 1.00 41.60 ? 72  GLN A CD  1 
ATOM   444 O  OE1 . GLN A 1 57 ? -1.258  14.063  -15.297 1.00 44.17 ? 72  GLN A OE1 1 
ATOM   445 N  NE2 . GLN A 1 57 ? -0.967  14.077  -17.539 1.00 42.38 ? 72  GLN A NE2 1 
ATOM   446 N  N   . HIS A 1 58 ? 2.216   8.988   -13.937 1.00 31.91 ? 73  HIS A N   1 
ATOM   447 C  CA  . HIS A 1 58 ? 2.584   8.570   -12.572 1.00 30.43 ? 73  HIS A CA  1 
ATOM   448 C  C   . HIS A 1 58 ? 1.394   8.427   -11.622 1.00 28.81 ? 73  HIS A C   1 
ATOM   449 O  O   . HIS A 1 58 ? 1.560   8.428   -10.404 1.00 28.37 ? 73  HIS A O   1 
ATOM   450 C  CB  . HIS A 1 58 ? 3.661   9.483   -11.965 1.00 30.88 ? 73  HIS A CB  1 
ATOM   451 C  CG  . HIS A 1 58 ? 4.916   9.554   -12.776 1.00 32.06 ? 73  HIS A CG  1 
ATOM   452 N  ND1 . HIS A 1 58 ? 5.308   10.696  -13.437 1.00 32.88 ? 73  HIS A ND1 1 
ATOM   453 C  CD2 . HIS A 1 58 ? 5.851   8.615   -13.056 1.00 34.06 ? 73  HIS A CD2 1 
ATOM   454 C  CE1 . HIS A 1 58 ? 6.440   10.465  -14.076 1.00 33.94 ? 73  HIS A CE1 1 
ATOM   455 N  NE2 . HIS A 1 58 ? 6.792   9.211   -13.861 1.00 34.50 ? 73  HIS A NE2 1 
ATOM   456 N  N   . ILE A 1 59 ? 0.201   8.270   -12.188 1.00 26.95 ? 74  ILE A N   1 
ATOM   457 C  CA  . ILE A 1 59 ? -1.013  8.178   -11.400 1.00 25.06 ? 74  ILE A CA  1 
ATOM   458 C  C   . ILE A 1 59 ? -1.489  6.733   -11.258 1.00 24.03 ? 74  ILE A C   1 
ATOM   459 O  O   . ILE A 1 59 ? -1.546  5.989   -12.233 1.00 23.88 ? 74  ILE A O   1 
ATOM   460 C  CB  . ILE A 1 59 ? -2.132  9.074   -11.984 1.00 25.29 ? 74  ILE A CB  1 
ATOM   461 C  CG1 . ILE A 1 59 ? -1.634  10.516  -12.115 1.00 25.44 ? 74  ILE A CG1 1 
ATOM   462 C  CG2 . ILE A 1 59 ? -3.382  9.018   -11.118 1.00 24.31 ? 74  ILE A CG2 1 
ATOM   463 C  CD1 . ILE A 1 59 ? -2.509  11.380  -12.973 1.00 26.31 ? 74  ILE A CD1 1 
ATOM   464 N  N   . VAL A 1 60 ? -1.807  6.355   -10.021 1.00 22.83 ? 75  VAL A N   1 
ATOM   465 C  CA  . VAL A 1 60 ? -2.508  5.111   -9.704  1.00 21.75 ? 75  VAL A CA  1 
ATOM   466 C  C   . VAL A 1 60 ? -4.004  5.410   -9.597  1.00 22.10 ? 75  VAL A C   1 
ATOM   467 O  O   . VAL A 1 60 ? -4.409  6.316   -8.861  1.00 21.07 ? 75  VAL A O   1 
ATOM   468 C  CB  . VAL A 1 60 ? -2.009  4.481   -8.363  1.00 21.63 ? 75  VAL A CB  1 
ATOM   469 C  CG1 . VAL A 1 60 ? -2.858  3.280   -7.974  1.00 20.37 ? 75  VAL A CG1 1 
ATOM   470 C  CG2 . VAL A 1 60 ? -0.550  4.066   -8.463  1.00 21.20 ? 75  VAL A CG2 1 
ATOM   471 N  N   . TYR A 1 61 ? -4.812  4.638   -10.320 1.00 22.32 ? 76  TYR A N   1 
ATOM   472 C  CA  . TYR A 1 61 ? -6.264  4.791   -10.303 1.00 23.45 ? 76  TYR A CA  1 
ATOM   473 C  C   . TYR A 1 61 ? -6.885  3.697   -9.468  1.00 24.09 ? 76  TYR A C   1 
ATOM   474 O  O   . TYR A 1 61 ? -6.728  2.523   -9.780  1.00 25.12 ? 76  TYR A O   1 
ATOM   475 C  CB  . TYR A 1 61 ? -6.828  4.777   -11.732 1.00 22.99 ? 76  TYR A CB  1 
ATOM   476 C  CG  . TYR A 1 61 ? -6.381  5.974   -12.523 1.00 22.95 ? 76  TYR A CG  1 
ATOM   477 C  CD1 . TYR A 1 61 ? -7.073  7.181   -12.443 1.00 22.55 ? 76  TYR A CD1 1 
ATOM   478 C  CD2 . TYR A 1 61 ? -5.235  5.917   -13.314 1.00 22.44 ? 76  TYR A CD2 1 
ATOM   479 C  CE1 . TYR A 1 61 ? -6.649  8.294   -13.146 1.00 23.28 ? 76  TYR A CE1 1 
ATOM   480 C  CE2 . TYR A 1 61 ? -4.803  7.031   -14.031 1.00 23.93 ? 76  TYR A CE2 1 
ATOM   481 C  CZ  . TYR A 1 61 ? -5.517  8.210   -13.940 1.00 23.87 ? 76  TYR A CZ  1 
ATOM   482 O  OH  . TYR A 1 61 ? -5.092  9.311   -14.639 1.00 25.99 ? 76  TYR A OH  1 
ATOM   483 N  N   . CYS A 1 62 ? -7.583  4.079   -8.405  1.00 25.12 ? 77  CYS A N   1 
ATOM   484 C  CA  . CYS A 1 62 ? -8.111  3.098   -7.455  1.00 26.42 ? 77  CYS A CA  1 
ATOM   485 C  C   . CYS A 1 62 ? -9.530  3.380   -6.946  1.00 27.29 ? 77  CYS A C   1 
ATOM   486 O  O   . CYS A 1 62 ? -9.878  2.996   -5.833  1.00 27.33 ? 77  CYS A O   1 
ATOM   487 C  CB  . CYS A 1 62 ? -7.146  2.942   -6.275  1.00 26.09 ? 77  CYS A CB  1 
ATOM   488 S  SG  . CYS A 1 62 ? -6.772  4.499   -5.410  1.00 26.17 ? 77  CYS A SG  1 
ATOM   489 N  N   . SER A 1 63 ? -10.364 4.013   -7.769  1.00 28.53 ? 78  SER A N   1 
ATOM   490 C  CA  . SER A 1 63 ? -11.708 4.422   -7.324  1.00 29.51 ? 78  SER A CA  1 
ATOM   491 C  C   . SER A 1 63 ? -12.682 3.267   -7.028  1.00 30.21 ? 78  SER A C   1 
ATOM   492 O  O   . SER A 1 63 ? -13.449 3.312   -6.050  1.00 30.52 ? 78  SER A O   1 
ATOM   493 C  CB  . SER A 1 63 ? -12.330 5.402   -8.323  1.00 29.71 ? 78  SER A CB  1 
ATOM   494 O  OG  . SER A 1 63 ? -12.213 4.904   -9.645  1.00 30.79 ? 78  SER A OG  1 
ATOM   495 N  N   . ASN A 1 64 ? -12.659 2.238   -7.864  1.00 30.60 ? 79  ASN A N   1 
ATOM   496 C  CA  . ASN A 1 64 ? -13.580 1.110   -7.706  1.00 30.98 ? 79  ASN A CA  1 
ATOM   497 C  C   . ASN A 1 64 ? -12.869 -0.101  -7.137  1.00 30.94 ? 79  ASN A C   1 
ATOM   498 O  O   . ASN A 1 64 ? -12.937 -1.215  -7.685  1.00 31.22 ? 79  ASN A O   1 
ATOM   499 C  CB  . ASN A 1 64 ? -14.245 0.777   -9.048  1.00 31.36 ? 79  ASN A CB  1 
ATOM   500 C  CG  . ASN A 1 64 ? -15.220 1.852   -9.487  1.00 32.02 ? 79  ASN A CG  1 
ATOM   501 O  OD1 . ASN A 1 64 ? -16.204 2.127   -8.791  1.00 32.97 ? 79  ASN A OD1 1 
ATOM   502 N  ND2 . ASN A 1 64 ? -14.946 2.476   -10.627 1.00 33.87 ? 79  ASN A ND2 1 
ATOM   503 N  N   . ASP A 1 65 ? -12.184 0.117   -6.021  1.00 30.26 ? 80  ASP A N   1 
ATOM   504 C  CA  . ASP A 1 65 ? -11.227 -0.863  -5.556  1.00 29.42 ? 80  ASP A CA  1 
ATOM   505 C  C   . ASP A 1 65 ? -11.021 -0.759  -4.057  1.00 28.16 ? 80  ASP A C   1 
ATOM   506 O  O   . ASP A 1 65 ? -11.182 0.308   -3.473  1.00 27.77 ? 80  ASP A O   1 
ATOM   507 C  CB  . ASP A 1 65 ? -9.893  -0.679  -6.301  1.00 30.10 ? 80  ASP A CB  1 
ATOM   508 C  CG  . ASP A 1 65 ? -9.005  -1.887  -6.196  1.00 32.28 ? 80  ASP A CG  1 
ATOM   509 O  OD1 . ASP A 1 65 ? -9.045  -2.741  -7.109  1.00 34.44 ? 80  ASP A OD1 1 
ATOM   510 O  OD2 . ASP A 1 65 ? -8.282  -2.002  -5.183  1.00 35.35 ? 80  ASP A OD2 1 
ATOM   511 N  N   . LEU A 1 66 ? -10.660 -1.890  -3.461  1.00 26.88 ? 81  LEU A N   1 
ATOM   512 C  CA  . LEU A 1 66 ? -10.270 -2.001  -2.054  1.00 26.10 ? 81  LEU A CA  1 
ATOM   513 C  C   . LEU A 1 66 ? -9.188  -0.992  -1.655  1.00 24.76 ? 81  LEU A C   1 
ATOM   514 O  O   . LEU A 1 66 ? -9.216  -0.461  -0.549  1.00 25.22 ? 81  LEU A O   1 
ATOM   515 C  CB  . LEU A 1 66 ? -9.778  -3.424  -1.785  1.00 26.34 ? 81  LEU A CB  1 
ATOM   516 C  CG  . LEU A 1 66 ? -9.280  -3.802  -0.390  1.00 27.33 ? 81  LEU A CG  1 
ATOM   517 C  CD1 . LEU A 1 66 ? -10.376 -3.542  0.610   1.00 27.44 ? 81  LEU A CD1 1 
ATOM   518 C  CD2 . LEU A 1 66 ? -8.857  -5.261  -0.364  1.00 27.99 ? 81  LEU A CD2 1 
ATOM   519 N  N   . LEU A 1 67 ? -8.247  -0.736  -2.563  1.00 23.44 ? 82  LEU A N   1 
ATOM   520 C  CA  . LEU A 1 67 ? -7.166  0.218   -2.317  1.00 22.34 ? 82  LEU A CA  1 
ATOM   521 C  C   . LEU A 1 67 ? -7.667  1.647   -2.108  1.00 22.32 ? 82  LEU A C   1 
ATOM   522 O  O   . LEU A 1 67 ? -7.147  2.352   -1.246  1.00 22.03 ? 82  LEU A O   1 
ATOM   523 C  CB  . LEU A 1 67 ? -6.120  0.177   -3.439  1.00 21.68 ? 82  LEU A CB  1 
ATOM   524 C  CG  . LEU A 1 67 ? -4.894  1.077   -3.286  1.00 19.46 ? 82  LEU A CG  1 
ATOM   525 C  CD1 . LEU A 1 67 ? -4.156  0.771   -1.996  1.00 18.83 ? 82  LEU A CD1 1 
ATOM   526 C  CD2 . LEU A 1 67 ? -3.972  0.917   -4.483  1.00 16.07 ? 82  LEU A CD2 1 
ATOM   527 N  N   . GLY A 1 68 ? -8.660  2.061   -2.905  1.00 22.72 ? 83  GLY A N   1 
ATOM   528 C  CA  . GLY A 1 68 ? -9.313  3.369   -2.758  1.00 22.97 ? 83  GLY A CA  1 
ATOM   529 C  C   . GLY A 1 68 ? -10.020 3.526   -1.422  1.00 23.71 ? 83  GLY A C   1 
ATOM   530 O  O   . GLY A 1 68 ? -9.957  4.593   -0.794  1.00 24.00 ? 83  GLY A O   1 
ATOM   531 N  N   . ASP A 1 69 ? -10.689 2.462   -0.986  1.00 24.12 ? 84  ASP A N   1 
ATOM   532 C  CA  . ASP A 1 69 ? -11.260 2.382   0.361   1.00 24.74 ? 84  ASP A CA  1 
ATOM   533 C  C   . ASP A 1 69 ? -10.193 2.573   1.447   1.00 24.46 ? 84  ASP A C   1 
ATOM   534 O  O   . ASP A 1 69 ? -10.338 3.422   2.333   1.00 24.71 ? 84  ASP A O   1 
ATOM   535 C  CB  . ASP A 1 69 ? -11.980 1.039   0.558   1.00 25.16 ? 84  ASP A CB  1 
ATOM   536 C  CG  . ASP A 1 69 ? -13.154 0.839   -0.412  1.00 27.30 ? 84  ASP A CG  1 
ATOM   537 O  OD1 . ASP A 1 69 ? -13.703 1.839   -0.949  1.00 29.55 ? 84  ASP A OD1 1 
ATOM   538 O  OD2 . ASP A 1 69 ? -13.535 -0.337  -0.630  1.00 29.44 ? 84  ASP A OD2 1 
ATOM   539 N  N   . LEU A 1 70 ? -9.124  1.781   1.367   1.00 24.17 ? 85  LEU A N   1 
ATOM   540 C  CA  . LEU A 1 70 ? -7.982  1.891   2.282   1.00 23.32 ? 85  LEU A CA  1 
ATOM   541 C  C   . LEU A 1 70 ? -7.390  3.289   2.352   1.00 22.84 ? 85  LEU A C   1 
ATOM   542 O  O   . LEU A 1 70 ? -7.120  3.809   3.439   1.00 22.56 ? 85  LEU A O   1 
ATOM   543 C  CB  . LEU A 1 70 ? -6.873  0.936   1.845   1.00 23.32 ? 85  LEU A CB  1 
ATOM   544 C  CG  . LEU A 1 70 ? -7.035  -0.520  2.248   1.00 24.44 ? 85  LEU A CG  1 
ATOM   545 C  CD1 . LEU A 1 70 ? -5.950  -1.365  1.582   1.00 25.89 ? 85  LEU A CD1 1 
ATOM   546 C  CD2 . LEU A 1 70 ? -6.925  -0.630  3.757   1.00 25.42 ? 85  LEU A CD2 1 
ATOM   547 N  N   . PHE A 1 71 ? -7.184  3.877   1.176   1.00 22.16 ? 86  PHE A N   1 
ATOM   548 C  CA  . PHE A 1 71 ? -6.450  5.121   1.040   1.00 21.94 ? 86  PHE A CA  1 
ATOM   549 C  C   . PHE A 1 71 ? -7.332  6.380   1.152   1.00 22.37 ? 86  PHE A C   1 
ATOM   550 O  O   . PHE A 1 71 ? -6.834  7.473   1.459   1.00 22.34 ? 86  PHE A O   1 
ATOM   551 C  CB  . PHE A 1 71 ? -5.639  5.108   -0.265  1.00 21.22 ? 86  PHE A CB  1 
ATOM   552 C  CG  . PHE A 1 71 ? -4.296  4.402   -0.160  1.00 20.05 ? 86  PHE A CG  1 
ATOM   553 C  CD1 . PHE A 1 71 ? -4.020  3.516   0.880   1.00 17.96 ? 86  PHE A CD1 1 
ATOM   554 C  CD2 . PHE A 1 71 ? -3.311  4.619   -1.123  1.00 19.69 ? 86  PHE A CD2 1 
ATOM   555 C  CE1 . PHE A 1 71 ? -2.776  2.870   0.963   1.00 18.08 ? 86  PHE A CE1 1 
ATOM   556 C  CE2 . PHE A 1 71 ? -2.065  3.983   -1.047  1.00 18.28 ? 86  PHE A CE2 1 
ATOM   557 C  CZ  . PHE A 1 71 ? -1.803  3.102   -0.003  1.00 17.14 ? 86  PHE A CZ  1 
ATOM   558 N  N   . GLY A 1 72 ? -8.630  6.217   0.906   1.00 22.51 ? 87  GLY A N   1 
ATOM   559 C  CA  . GLY A 1 72 ? -9.589  7.325   0.981   1.00 23.26 ? 87  GLY A CA  1 
ATOM   560 C  C   . GLY A 1 72 ? -9.446  8.322   -0.160  1.00 23.58 ? 87  GLY A C   1 
ATOM   561 O  O   . GLY A 1 72 ? -9.831  9.487   -0.026  1.00 23.87 ? 87  GLY A O   1 
ATOM   562 N  N   . VAL A 1 73 ? -8.881  7.859   -1.274  1.00 23.27 ? 88  VAL A N   1 
ATOM   563 C  CA  . VAL A 1 73 ? -8.700  8.667   -2.482  1.00 23.36 ? 88  VAL A CA  1 
ATOM   564 C  C   . VAL A 1 73 ? -9.088  7.844   -3.708  1.00 23.37 ? 88  VAL A C   1 
ATOM   565 O  O   . VAL A 1 73 ? -8.978  6.616   -3.679  1.00 23.51 ? 88  VAL A O   1 
ATOM   566 C  CB  . VAL A 1 73 ? -7.237  9.188   -2.650  1.00 23.20 ? 88  VAL A CB  1 
ATOM   567 C  CG1 . VAL A 1 73 ? -6.916  10.278  -1.609  1.00 23.67 ? 88  VAL A CG1 1 
ATOM   568 C  CG2 . VAL A 1 73 ? -6.208  8.035   -2.611  1.00 22.48 ? 88  VAL A CG2 1 
ATOM   569 N  N   . PRO A 1 74 ? -9.549  8.513   -4.781  1.00 23.31 ? 89  PRO A N   1 
ATOM   570 C  CA  . PRO A 1 74 ? -9.867  7.844   -6.043  1.00 23.14 ? 89  PRO A CA  1 
ATOM   571 C  C   . PRO A 1 74 ? -8.623  7.558   -6.886  1.00 22.55 ? 89  PRO A C   1 
ATOM   572 O  O   . PRO A 1 74 ? -8.662  6.711   -7.775  1.00 22.42 ? 89  PRO A O   1 
ATOM   573 C  CB  . PRO A 1 74 ? -10.745 8.872   -6.764  1.00 23.53 ? 89  PRO A CB  1 
ATOM   574 C  CG  . PRO A 1 74 ? -10.246 10.197  -6.252  1.00 23.72 ? 89  PRO A CG  1 
ATOM   575 C  CD  . PRO A 1 74 ? -9.907  9.948   -4.810  1.00 23.41 ? 89  PRO A CD  1 
ATOM   576 N  N   . SER A 1 75 ? -7.546  8.288   -6.611  1.00 22.06 ? 90  SER A N   1 
ATOM   577 C  CA  . SER A 1 75 ? -6.296  8.165   -7.332  1.00 21.79 ? 90  SER A CA  1 
ATOM   578 C  C   . SER A 1 75 ? -5.227  8.924   -6.568  1.00 21.45 ? 90  SER A C   1 
ATOM   579 O  O   . SER A 1 75 ? -5.546  9.743   -5.710  1.00 20.91 ? 90  SER A O   1 
ATOM   580 C  CB  . SER A 1 75 ? -6.431  8.714   -8.760  1.00 22.33 ? 90  SER A CB  1 
ATOM   581 O  OG  . SER A 1 75 ? -6.545  10.117  -8.748  1.00 22.96 ? 90  SER A OG  1 
ATOM   582 N  N   . PHE A 1 76 ? -3.964  8.640   -6.882  1.00 21.04 ? 91  PHE A N   1 
ATOM   583 C  CA  . PHE A 1 76 ? -2.813  9.291   -6.261  1.00 20.76 ? 91  PHE A CA  1 
ATOM   584 C  C   . PHE A 1 76 ? -1.568  9.142   -7.134  1.00 21.08 ? 91  PHE A C   1 
ATOM   585 O  O   . PHE A 1 76 ? -1.505  8.253   -7.972  1.00 20.85 ? 91  PHE A O   1 
ATOM   586 C  CB  . PHE A 1 76 ? -2.553  8.740   -4.845  1.00 20.46 ? 91  PHE A CB  1 
ATOM   587 C  CG  . PHE A 1 76 ? -2.168  7.280   -4.800  1.00 19.06 ? 91  PHE A CG  1 
ATOM   588 C  CD1 . PHE A 1 76 ? -0.827  6.892   -4.826  1.00 17.44 ? 91  PHE A CD1 1 
ATOM   589 C  CD2 . PHE A 1 76 ? -3.149  6.292   -4.688  1.00 18.59 ? 91  PHE A CD2 1 
ATOM   590 C  CE1 . PHE A 1 76 ? -0.477  5.541   -4.761  1.00 16.82 ? 91  PHE A CE1 1 
ATOM   591 C  CE2 . PHE A 1 76 ? -2.810  4.936   -4.625  1.00 16.11 ? 91  PHE A CE2 1 
ATOM   592 C  CZ  . PHE A 1 76 ? -1.479  4.560   -4.661  1.00 15.92 ? 91  PHE A CZ  1 
ATOM   593 N  N   . SER A 1 77 ? -0.583  10.011  -6.933  1.00 21.62 ? 92  SER A N   1 
ATOM   594 C  CA  . SER A 1 77 ? 0.669   9.930   -7.670  1.00 22.52 ? 92  SER A CA  1 
ATOM   595 C  C   . SER A 1 77 ? 1.702   9.068   -6.953  1.00 23.20 ? 92  SER A C   1 
ATOM   596 O  O   . SER A 1 77 ? 1.907   9.212   -5.747  1.00 23.23 ? 92  SER A O   1 
ATOM   597 C  CB  . SER A 1 77 ? 1.244   11.321  -7.904  1.00 22.67 ? 92  SER A CB  1 
ATOM   598 O  OG  . SER A 1 77 ? 2.526   11.215  -8.508  1.00 23.62 ? 92  SER A OG  1 
ATOM   599 N  N   . VAL A 1 78 ? 2.363   8.187   -7.707  1.00 24.17 ? 93  VAL A N   1 
ATOM   600 C  CA  . VAL A 1 78 ? 3.431   7.327   -7.172  1.00 24.92 ? 93  VAL A CA  1 
ATOM   601 C  C   . VAL A 1 78 ? 4.657   8.141   -6.767  1.00 25.69 ? 93  VAL A C   1 
ATOM   602 O  O   . VAL A 1 78 ? 5.582   7.619   -6.151  1.00 25.81 ? 93  VAL A O   1 
ATOM   603 C  CB  . VAL A 1 78 ? 3.873   6.218   -8.171  1.00 24.81 ? 93  VAL A CB  1 
ATOM   604 C  CG1 . VAL A 1 78 ? 2.726   5.293   -8.496  1.00 24.78 ? 93  VAL A CG1 1 
ATOM   605 C  CG2 . VAL A 1 78 ? 4.488   6.818   -9.451  1.00 24.43 ? 93  VAL A CG2 1 
ATOM   606 N  N   . LYS A 1 79 ? 4.650   9.420   -7.119  1.00 26.30 ? 94  LYS A N   1 
ATOM   607 C  CA  . LYS A 1 79 ? 5.756   10.320  -6.824  1.00 27.44 ? 94  LYS A CA  1 
ATOM   608 C  C   . LYS A 1 79 ? 5.676   10.948  -5.433  1.00 26.99 ? 94  LYS A C   1 
ATOM   609 O  O   . LYS A 1 79 ? 6.695   11.373  -4.907  1.00 27.58 ? 94  LYS A O   1 
ATOM   610 C  CB  . LYS A 1 79 ? 5.854   11.435  -7.889  1.00 27.75 ? 94  LYS A CB  1 
ATOM   611 C  CG  . LYS A 1 79 ? 6.160   10.954  -9.308  1.00 29.75 ? 94  LYS A CG  1 
ATOM   612 C  CD  . LYS A 1 79 ? 7.305   9.943   -9.312  1.00 33.28 ? 94  LYS A CD  1 
ATOM   613 C  CE  . LYS A 1 79 ? 7.964   9.839   -10.676 1.00 35.34 ? 94  LYS A CE  1 
ATOM   614 N  NZ  . LYS A 1 79 ? 9.244   9.062   -10.602 1.00 37.52 ? 94  LYS A NZ  1 
ATOM   615 N  N   . GLU A 1 80 ? 4.480   11.022  -4.846  1.00 26.76 ? 95  GLU A N   1 
ATOM   616 C  CA  . GLU A 1 80 ? 4.328   11.619  -3.513  1.00 26.22 ? 95  GLU A CA  1 
ATOM   617 C  C   . GLU A 1 80 ? 4.508   10.565  -2.432  1.00 24.99 ? 95  GLU A C   1 
ATOM   618 O  O   . GLU A 1 80 ? 3.538   10.103  -1.836  1.00 24.20 ? 95  GLU A O   1 
ATOM   619 C  CB  . GLU A 1 80 ? 2.971   12.286  -3.334  1.00 26.72 ? 95  GLU A CB  1 
ATOM   620 C  CG  . GLU A 1 80 ? 2.230   12.576  -4.599  1.00 30.46 ? 95  GLU A CG  1 
ATOM   621 C  CD  . GLU A 1 80 ? 1.615   13.946  -4.576  1.00 34.17 ? 95  GLU A CD  1 
ATOM   622 O  OE1 . GLU A 1 80 ? 0.396   14.067  -4.303  1.00 35.54 ? 95  GLU A OE1 1 
ATOM   623 O  OE2 . GLU A 1 80 ? 2.376   14.908  -4.813  1.00 37.38 ? 95  GLU A OE2 1 
ATOM   624 N  N   . HIS A 1 81 ? 5.759   10.210  -2.178  1.00 24.25 ? 96  HIS A N   1 
ATOM   625 C  CA  . HIS A 1 81 ? 6.100   9.136   -1.251  1.00 23.95 ? 96  HIS A CA  1 
ATOM   626 C  C   . HIS A 1 81 ? 5.611   9.382   0.172   1.00 23.07 ? 96  HIS A C   1 
ATOM   627 O  O   . HIS A 1 81 ? 5.027   8.490   0.782   1.00 22.40 ? 96  HIS A O   1 
ATOM   628 C  CB  . HIS A 1 81 ? 7.599   8.850   -1.295  1.00 24.16 ? 96  HIS A CB  1 
ATOM   629 C  CG  . HIS A 1 81 ? 8.003   7.991   -2.451  1.00 26.08 ? 96  HIS A CG  1 
ATOM   630 N  ND1 . HIS A 1 81 ? 9.115   7.175   -2.422  1.00 26.82 ? 96  HIS A ND1 1 
ATOM   631 C  CD2 . HIS A 1 81 ? 7.418   7.793   -3.657  1.00 26.76 ? 96  HIS A CD2 1 
ATOM   632 C  CE1 . HIS A 1 81 ? 9.209   6.524   -3.569  1.00 27.41 ? 96  HIS A CE1 1 
ATOM   633 N  NE2 . HIS A 1 81 ? 8.191   6.880   -4.334  1.00 28.58 ? 96  HIS A NE2 1 
ATOM   634 N  N   . ARG A 1 82 ? 5.827   10.590  0.683   1.00 22.45 ? 97  ARG A N   1 
ATOM   635 C  CA  . ARG A 1 82 ? 5.391   10.921  2.033   1.00 22.29 ? 97  ARG A CA  1 
ATOM   636 C  C   . ARG A 1 82 ? 3.888   10.729  2.187   1.00 21.08 ? 97  ARG A C   1 
ATOM   637 O  O   . ARG A 1 82 ? 3.444   10.066  3.124   1.00 20.67 ? 97  ARG A O   1 
ATOM   638 C  CB  . ARG A 1 82 ? 5.825   12.337  2.437   1.00 23.12 ? 97  ARG A CB  1 
ATOM   639 C  CG  . ARG A 1 82 ? 7.327   12.543  2.382   1.00 25.73 ? 97  ARG A CG  1 
ATOM   640 C  CD  . ARG A 1 82 ? 7.756   13.884  2.981   1.00 31.61 ? 97  ARG A CD  1 
ATOM   641 N  NE  . ARG A 1 82 ? 9.067   14.316  2.487   1.00 34.62 ? 97  ARG A NE  1 
ATOM   642 C  CZ  . ARG A 1 82 ? 10.231  13.769  2.846   1.00 37.38 ? 97  ARG A CZ  1 
ATOM   643 N  NH1 . ARG A 1 82 ? 10.267  12.748  3.701   1.00 38.24 ? 97  ARG A NH1 1 
ATOM   644 N  NH2 . ARG A 1 82 ? 11.372  14.235  2.341   1.00 37.74 ? 97  ARG A NH2 1 
ATOM   645 N  N   . LYS A 1 83 ? 3.111   11.277  1.250   1.00 19.90 ? 98  LYS A N   1 
ATOM   646 C  CA  . LYS A 1 83 ? 1.647   11.091  1.240   1.00 19.12 ? 98  LYS A CA  1 
ATOM   647 C  C   . LYS A 1 83 ? 1.209   9.620   1.245   1.00 17.58 ? 98  LYS A C   1 
ATOM   648 O  O   . LYS A 1 83 ? 0.206   9.271   1.864   1.00 17.61 ? 98  LYS A O   1 
ATOM   649 C  CB  . LYS A 1 83 ? 1.001   11.807  0.047   1.00 19.14 ? 98  LYS A CB  1 
ATOM   650 C  CG  . LYS A 1 83 ? 1.160   13.323  0.077   1.00 23.17 ? 98  LYS A CG  1 
ATOM   651 C  CD  . LYS A 1 83 ? 0.224   13.997  -0.923  1.00 27.87 ? 98  LYS A CD  1 
ATOM   652 C  CE  . LYS A 1 83 ? 0.599   15.454  -1.154  1.00 29.76 ? 98  LYS A CE  1 
ATOM   653 N  NZ  . LYS A 1 83 ? -0.406  16.110  -2.048  1.00 31.18 ? 98  LYS A NZ  1 
ATOM   654 N  N   . ILE A 1 84 ? 1.952   8.779   0.539   1.00 16.34 ? 99  ILE A N   1 
ATOM   655 C  CA  . ILE A 1 84 ? 1.658   7.346   0.449   1.00 15.83 ? 99  ILE A CA  1 
ATOM   656 C  C   . ILE A 1 84 ? 1.857   6.655   1.809   1.00 15.68 ? 99  ILE A C   1 
ATOM   657 O  O   . ILE A 1 84 ? 0.952   5.984   2.315   1.00 14.86 ? 99  ILE A O   1 
ATOM   658 C  CB  . ILE A 1 84 ? 2.485   6.675   -0.687  1.00 15.68 ? 99  ILE A CB  1 
ATOM   659 C  CG1 . ILE A 1 84 ? 1.929   7.102   -2.058  1.00 14.67 ? 99  ILE A CG1 1 
ATOM   660 C  CG2 . ILE A 1 84 ? 2.490   5.133   -0.564  1.00 15.69 ? 99  ILE A CG2 1 
ATOM   661 C  CD1 . ILE A 1 84 ? 2.851   6.769   -3.245  1.00 12.65 ? 99  ILE A CD1 1 
ATOM   662 N  N   . TYR A 1 85 ? 3.031   6.843   2.405   1.00 15.63 ? 100 TYR A N   1 
ATOM   663 C  CA  . TYR A 1 85 ? 3.265   6.368   3.769   1.00 15.93 ? 100 TYR A CA  1 
ATOM   664 C  C   . TYR A 1 85 ? 2.157   6.799   4.743   1.00 16.14 ? 100 TYR A C   1 
ATOM   665 O  O   . TYR A 1 85 ? 1.708   5.998   5.565   1.00 16.00 ? 100 TYR A O   1 
ATOM   666 C  CB  . TYR A 1 85 ? 4.638   6.805   4.279   1.00 15.69 ? 100 TYR A CB  1 
ATOM   667 C  CG  . TYR A 1 85 ? 5.779   5.995   3.726   1.00 16.61 ? 100 TYR A CG  1 
ATOM   668 C  CD1 . TYR A 1 85 ? 6.673   6.550   2.810   1.00 17.55 ? 100 TYR A CD1 1 
ATOM   669 C  CD2 . TYR A 1 85 ? 5.966   4.666   4.108   1.00 18.11 ? 100 TYR A CD2 1 
ATOM   670 C  CE1 . TYR A 1 85 ? 7.726   5.808   2.291   1.00 18.07 ? 100 TYR A CE1 1 
ATOM   671 C  CE2 . TYR A 1 85 ? 7.018   3.909   3.588   1.00 19.51 ? 100 TYR A CE2 1 
ATOM   672 C  CZ  . TYR A 1 85 ? 7.892   4.494   2.688   1.00 18.94 ? 100 TYR A CZ  1 
ATOM   673 O  OH  . TYR A 1 85 ? 8.926   3.768   2.178   1.00 20.28 ? 100 TYR A OH  1 
ATOM   674 N  N   . THR A 1 86 ? 1.704   8.050   4.653   1.00 16.23 ? 101 THR A N   1 
ATOM   675 C  CA  . THR A 1 86 ? 0.627   8.507   5.535   1.00 16.50 ? 101 THR A CA  1 
ATOM   676 C  C   . THR A 1 86 ? -0.647  7.685   5.308   1.00 16.22 ? 101 THR A C   1 
ATOM   677 O  O   . THR A 1 86 ? -1.263  7.213   6.269   1.00 15.78 ? 101 THR A O   1 
ATOM   678 C  CB  . THR A 1 86 ? 0.356   10.025  5.379   1.00 17.14 ? 101 THR A CB  1 
ATOM   679 O  OG1 . THR A 1 86 ? 1.510   10.753  5.820   1.00 18.49 ? 101 THR A OG1 1 
ATOM   680 C  CG2 . THR A 1 86 ? -0.831  10.462  6.210   1.00 17.28 ? 101 THR A CG2 1 
ATOM   681 N  N   . MET A 1 87 ? -1.014  7.475   4.040   1.00 15.82 ? 102 MET A N   1 
ATOM   682 C  CA  . MET A 1 87 ? -2.221  6.715   3.701   1.00 15.58 ? 102 MET A CA  1 
ATOM   683 C  C   . MET A 1 87 ? -2.110  5.267   4.195   1.00 15.65 ? 102 MET A C   1 
ATOM   684 O  O   . MET A 1 87 ? -3.096  4.697   4.676   1.00 14.74 ? 102 MET A O   1 
ATOM   685 C  CB  . MET A 1 87 ? -2.503  6.762   2.188   1.00 15.45 ? 102 MET A CB  1 
ATOM   686 C  CG  . MET A 1 87 ? -2.947  8.125   1.695   1.00 16.04 ? 102 MET A CG  1 
ATOM   687 S  SD  . MET A 1 87 ? -3.440  8.204   -0.043  1.00 19.88 ? 102 MET A SD  1 
ATOM   688 C  CE  . MET A 1 87 ? -1.886  7.948   -0.914  1.00 18.24 ? 102 MET A CE  1 
ATOM   689 N  N   . ILE A 1 88 ? -0.908  4.694   4.097   1.00 15.61 ? 103 ILE A N   1 
ATOM   690 C  CA  . ILE A 1 88 ? -0.650  3.326   4.589   1.00 16.40 ? 103 ILE A CA  1 
ATOM   691 C  C   . ILE A 1 88 ? -0.808  3.230   6.124   1.00 17.77 ? 103 ILE A C   1 
ATOM   692 O  O   . ILE A 1 88 ? -1.490  2.339   6.639   1.00 17.26 ? 103 ILE A O   1 
ATOM   693 C  CB  . ILE A 1 88 ? 0.746   2.812   4.146   1.00 15.78 ? 103 ILE A CB  1 
ATOM   694 C  CG1 . ILE A 1 88 ? 0.803   2.632   2.627   1.00 14.83 ? 103 ILE A CG1 1 
ATOM   695 C  CG2 . ILE A 1 88 ? 1.072   1.472   4.795   1.00 15.10 ? 103 ILE A CG2 1 
ATOM   696 C  CD1 . ILE A 1 88 ? 2.214   2.454   2.077   1.00 13.19 ? 103 ILE A CD1 1 
ATOM   697 N  N   . TYR A 1 89 ? -0.196  4.170   6.838   1.00 19.38 ? 104 TYR A N   1 
ATOM   698 C  CA  . TYR A 1 89 ? -0.183  4.150   8.307   1.00 21.33 ? 104 TYR A CA  1 
ATOM   699 C  C   . TYR A 1 89 ? -1.552  4.275   8.949   1.00 22.13 ? 104 TYR A C   1 
ATOM   700 O  O   . TYR A 1 89 ? -1.747  3.914   10.106  1.00 22.70 ? 104 TYR A O   1 
ATOM   701 C  CB  . TYR A 1 89 ? 0.736   5.238   8.846   1.00 21.67 ? 104 TYR A CB  1 
ATOM   702 C  CG  . TYR A 1 89 ? 2.150   4.782   9.041   1.00 22.50 ? 104 TYR A CG  1 
ATOM   703 C  CD1 . TYR A 1 89 ? 2.736   4.796   10.303  1.00 23.83 ? 104 TYR A CD1 1 
ATOM   704 C  CD2 . TYR A 1 89 ? 2.898   4.304   7.970   1.00 25.13 ? 104 TYR A CD2 1 
ATOM   705 C  CE1 . TYR A 1 89 ? 4.044   4.378   10.487  1.00 24.44 ? 104 TYR A CE1 1 
ATOM   706 C  CE2 . TYR A 1 89 ? 4.195   3.884   8.141   1.00 25.64 ? 104 TYR A CE2 1 
ATOM   707 C  CZ  . TYR A 1 89 ? 4.765   3.919   9.403   1.00 26.02 ? 104 TYR A CZ  1 
ATOM   708 O  OH  . TYR A 1 89 ? 6.059   3.492   9.559   1.00 27.75 ? 104 TYR A OH  1 
ATOM   709 N  N   . ARG A 1 90 ? -2.516  4.778   8.202   1.00 23.22 ? 105 ARG A N   1 
ATOM   710 C  CA  . ARG A 1 90 ? -3.843  4.912   8.759   1.00 23.78 ? 105 ARG A CA  1 
ATOM   711 C  C   . ARG A 1 90 ? -4.549  3.549   8.797   1.00 23.22 ? 105 ARG A C   1 
ATOM   712 O  O   . ARG A 1 90 ? -5.608  3.402   9.410   1.00 23.34 ? 105 ARG A O   1 
ATOM   713 C  CB  . ARG A 1 90 ? -4.616  5.991   8.009   1.00 24.75 ? 105 ARG A CB  1 
ATOM   714 C  CG  . ARG A 1 90 ? -3.914  7.377   8.071   1.00 27.12 ? 105 ARG A CG  1 
ATOM   715 C  CD  . ARG A 1 90 ? -4.856  8.472   7.632   1.00 32.11 ? 105 ARG A CD  1 
ATOM   716 N  NE  . ARG A 1 90 ? -4.307  9.823   7.787   1.00 34.71 ? 105 ARG A NE  1 
ATOM   717 C  CZ  . ARG A 1 90 ? -4.275  10.741  6.818   1.00 36.53 ? 105 ARG A CZ  1 
ATOM   718 N  NH1 . ARG A 1 90 ? -4.750  10.465  5.606   1.00 36.26 ? 105 ARG A NH1 1 
ATOM   719 N  NH2 . ARG A 1 90 ? -3.771  11.947  7.063   1.00 37.27 ? 105 ARG A NH2 1 
ATOM   720 N  N   . ASN A 1 91 ? -3.927  2.543   8.187   1.00 22.00 ? 106 ASN A N   1 
ATOM   721 C  CA  . ASN A 1 91 ? -4.466  1.192   8.201   1.00 21.25 ? 106 ASN A CA  1 
ATOM   722 C  C   . ASN A 1 91 ? -3.591  0.148   8.915   1.00 20.10 ? 106 ASN A C   1 
ATOM   723 O  O   . ASN A 1 91 ? -3.738  -1.050  8.685   1.00 19.57 ? 106 ASN A O   1 
ATOM   724 C  CB  . ASN A 1 91 ? -4.754  0.742   6.767   1.00 21.71 ? 106 ASN A CB  1 
ATOM   725 C  CG  . ASN A 1 91 ? -5.615  1.741   5.999   1.00 22.51 ? 106 ASN A CG  1 
ATOM   726 O  OD1 . ASN A 1 91 ? -6.837  1.750   6.133   1.00 21.38 ? 106 ASN A OD1 1 
ATOM   727 N  ND2 . ASN A 1 91 ? -4.971  2.568   5.169   1.00 22.28 ? 106 ASN A ND2 1 
ATOM   728 N  N   . LEU A 1 92 ? -2.686  0.603   9.771   1.00 19.11 ? 107 LEU A N   1 
ATOM   729 C  CA  . LEU A 1 92 ? -1.843  -0.300  10.552  1.00 18.82 ? 107 LEU A CA  1 
ATOM   730 C  C   . LEU A 1 92 ? -1.493  0.284   11.922  1.00 19.34 ? 107 LEU A C   1 
ATOM   731 O  O   . LEU A 1 92 ? -1.711  1.480   12.177  1.00 19.12 ? 107 LEU A O   1 
ATOM   732 C  CB  . LEU A 1 92 ? -0.549  -0.651  9.784   1.00 18.43 ? 107 LEU A CB  1 
ATOM   733 C  CG  . LEU A 1 92 ? 0.349   0.494   9.279   1.00 18.04 ? 107 LEU A CG  1 
ATOM   734 C  CD1 . LEU A 1 92 ? 1.202   1.111   10.405  1.00 16.64 ? 107 LEU A CD1 1 
ATOM   735 C  CD2 . LEU A 1 92 ? 1.247   0.060   8.112   1.00 16.17 ? 107 LEU A CD2 1 
ATOM   736 N  N   . VAL A 1 93 ? -0.923  -0.574  12.772  1.00 19.70 ? 108 VAL A N   1 
ATOM   737 C  CA  . VAL A 1 93 ? -0.333  -0.198  14.058  1.00 19.77 ? 108 VAL A CA  1 
ATOM   738 C  C   . VAL A 1 93 ? 1.167   -0.558  14.068  1.00 20.24 ? 108 VAL A C   1 
ATOM   739 O  O   . VAL A 1 93 ? 1.536   -1.670  13.711  1.00 19.87 ? 108 VAL A O   1 
ATOM   740 C  CB  . VAL A 1 93 ? -1.049  -0.947  15.214  1.00 19.68 ? 108 VAL A CB  1 
ATOM   741 C  CG1 . VAL A 1 93 ? -0.487  -0.528  16.566  1.00 20.24 ? 108 VAL A CG1 1 
ATOM   742 C  CG2 . VAL A 1 93 ? -2.547  -0.706  15.167  1.00 20.48 ? 108 VAL A CG2 1 
ATOM   743 N  N   . VAL A 1 94 ? 2.032   0.371   14.484  1.00 20.81 ? 109 VAL A N   1 
ATOM   744 C  CA  . VAL A 1 94 ? 3.475   0.097   14.600  1.00 21.49 ? 109 VAL A CA  1 
ATOM   745 C  C   . VAL A 1 94 ? 3.756   -0.878  15.758  1.00 21.92 ? 109 VAL A C   1 
ATOM   746 O  O   . VAL A 1 94 ? 3.088   -0.818  16.787  1.00 22.52 ? 109 VAL A O   1 
ATOM   747 C  CB  . VAL A 1 94 ? 4.294   1.412   14.770  1.00 21.45 ? 109 VAL A CB  1 
ATOM   748 C  CG1 . VAL A 1 94 ? 5.781   1.122   15.009  1.00 22.16 ? 109 VAL A CG1 1 
ATOM   749 C  CG2 . VAL A 1 94 ? 4.134   2.286   13.540  1.00 22.20 ? 109 VAL A CG2 1 
ATOM   750 N  N   . VAL A 1 95 ? 4.708   -1.789  15.569  1.00 22.37 ? 110 VAL A N   1 
ATOM   751 C  CA  . VAL A 1 95 ? 5.144   -2.689  16.633  1.00 22.92 ? 110 VAL A CA  1 
ATOM   752 C  C   . VAL A 1 95 ? 6.451   -2.188  17.236  1.00 23.11 ? 110 VAL A C   1 
ATOM   753 O  O   . VAL A 1 95 ? 7.479   -2.134  16.551  1.00 23.96 ? 110 VAL A O   1 
ATOM   754 C  CB  . VAL A 1 95 ? 5.341   -4.138  16.133  1.00 23.05 ? 110 VAL A CB  1 
ATOM   755 C  CG1 . VAL A 1 95 ? 6.006   -4.983  17.219  1.00 23.51 ? 110 VAL A CG1 1 
ATOM   756 C  CG2 . VAL A 1 95 ? 4.006   -4.746  15.702  1.00 22.72 ? 110 VAL A CG2 1 
HETATM 757 C  C2  . HRH B 2 .  ? 6.584   4.122   -3.222  1.00 25.35 ? 201 HRH A C2  1 
HETATM 758 C  C3  . HRH B 2 .  ? 6.985   4.293   -1.892  1.00 26.13 ? 201 HRH A C3  1 
HETATM 759 C  C42 . HRH B 2 .  ? 5.653   -0.154  -3.634  1.00 21.92 ? 201 HRH A C42 1 
HETATM 760 C  C12 . HRH B 2 .  ? 6.067   1.899   -5.872  1.00 24.50 ? 201 HRH A C12 1 
HETATM 761 C  C14 . HRH B 2 .  ? 5.979   2.239   -7.321  1.00 24.67 ? 201 HRH A C14 1 
HETATM 762 C  C15 . HRH B 2 .  ? 6.626   3.343   -7.646  1.00 25.34 ? 201 HRH A C15 1 
HETATM 763 C  C19 . HRH B 2 .  ? 5.428   1.725   -8.572  1.00 25.71 ? 201 HRH A C19 1 
HETATM 764 C  C20 . HRH B 2 .  ? 4.609   0.489   -8.806  1.00 25.57 ? 201 HRH A C20 1 
HETATM 765 C  C22 . HRH B 2 .  ? 5.140   -0.672  -7.917  1.00 27.28 ? 201 HRH A C22 1 
HETATM 766 C  C26 . HRH B 2 .  ? 3.114   0.769   -8.516  1.00 26.38 ? 201 HRH A C26 1 
HETATM 767 C  C30 . HRH B 2 .  ? 7.220   3.907   -6.440  1.00 25.37 ? 201 HRH A C30 1 
HETATM 768 F  F1  . HRH B 2 .  ? 5.525   4.788   -3.648  1.00 24.80 ? 201 HRH A F1  1 
HETATM 769 C  C4  . HRH B 2 .  ? 8.107   3.605   -1.403  1.00 27.10 ? 201 HRH A C4  1 
HETATM 770 C  C6  . HRH B 2 .  ? 8.823   2.744   -2.243  1.00 26.22 ? 201 HRH A C6  1 
HETATM 771 C  C8  . HRH B 2 .  ? 8.413   2.585   -3.571  1.00 26.83 ? 201 HRH A C8  1 
HETATM 772 C  C10 . HRH B 2 .  ? 7.289   3.266   -4.081  1.00 25.75 ? 201 HRH A C10 1 
HETATM 773 N  N11 . HRH B 2 .  ? 6.890   3.061   -5.444  1.00 25.43 ? 201 HRH A N11 1 
HETATM 774 N  N16 . HRH B 2 .  ? 6.528   3.582   -8.910  1.00 23.36 ? 201 HRH A N16 1 
HETATM 775 N  N18 . HRH B 2 .  ? 5.798   2.575   -9.446  1.00 25.26 ? 201 HRH A N18 1 
HETATM 776 O  O31 . HRH B 2 .  ? 7.879   4.932   -6.375  1.00 28.25 ? 201 HRH A O31 1 
HETATM 777 C  C32 . HRH B 2 .  ? 4.771   1.834   -5.036  1.00 22.25 ? 201 HRH A C32 1 
HETATM 778 C  C33 . HRH B 2 .  ? 4.607   0.913   -3.979  1.00 20.90 ? 201 HRH A C33 1 
HETATM 779 C  C34 . HRH B 2 .  ? 3.437   0.938   -3.215  1.00 20.40 ? 201 HRH A C34 1 
HETATM 780 C  C36 . HRH B 2 .  ? 2.444   1.888   -3.467  1.00 19.79 ? 201 HRH A C36 1 
HETATM 781 C  C37 . HRH B 2 .  ? 2.610   2.814   -4.494  1.00 20.81 ? 201 HRH A C37 1 
HETATM 782 C  C39 . HRH B 2 .  ? 3.773   2.798   -5.269  1.00 21.47 ? 201 HRH A C39 1 
HETATM 783 CL CL1 . HRH B 2 .  ? 1.000   1.927   -2.481  1.00 20.88 ? 201 HRH A CL1 1 
HETATM 784 CL CL2 . HRH B 2 .  ? 6.092   5.372   -0.833  1.00 27.96 ? 201 HRH A CL2 1 
HETATM 785 O  O   . HOH C 3 .  ? 11.565  2.433   11.142  1.00 28.84 ? 301 HOH A O   1 
HETATM 786 O  O   . HOH C 3 .  ? -8.037  0.499   7.866   1.00 31.26 ? 302 HOH A O   1 
HETATM 787 O  O   . HOH C 3 .  ? -0.915  12.009  -4.934  1.00 37.93 ? 303 HOH A O   1 
HETATM 788 O  O   . HOH C 3 .  ? 13.302  11.997  4.096   1.00 36.95 ? 304 HOH A O   1 
HETATM 789 O  O   . HOH C 3 .  ? -10.520 -2.884  -9.197  1.00 42.88 ? 305 HOH A O   1 
HETATM 790 O  O   . HOH C 3 .  ? 12.946  3.740   3.249   1.00 26.70 ? 306 HOH A O   1 
HETATM 791 O  O   . HOH C 3 .  ? -7.818  -11.396 1.565   1.00 29.92 ? 307 HOH A O   1 
HETATM 792 O  O   . HOH C 3 .  ? 7.311   -10.790 9.406   1.00 26.46 ? 308 HOH A O   1 
HETATM 793 O  O   . HOH C 3 .  ? 11.580  -7.207  5.299   1.00 26.92 ? 309 HOH A O   1 
HETATM 794 O  O   . HOH C 3 .  ? 0.763   -11.108 2.718   1.00 27.65 ? 310 HOH A O   1 
HETATM 795 O  O   . HOH C 3 .  ? -12.448 4.985   2.695   1.00 33.94 ? 311 HOH A O   1 
HETATM 796 O  O   . HOH C 3 .  ? 3.072   -12.681 11.585  1.00 30.31 ? 312 HOH A O   1 
HETATM 797 O  O   . HOH C 3 .  ? -10.202 6.861   -9.984  1.00 41.07 ? 313 HOH A O   1 
HETATM 798 O  O   . HOH C 3 .  ? 1.951   -10.859 16.707  1.00 34.92 ? 314 HOH A O   1 
HETATM 799 O  O   . HOH C 3 .  ? -9.151  3.136   5.901   1.00 36.76 ? 315 HOH A O   1 
HETATM 800 O  O   . HOH C 3 .  ? -2.342  -7.654  11.263  1.00 19.33 ? 316 HOH A O   1 
HETATM 801 O  O   . HOH C 3 .  ? -9.014  -8.991  7.186   1.00 31.53 ? 317 HOH A O   1 
HETATM 802 O  O   . HOH C 3 .  ? 4.004   -13.037 4.030   1.00 18.62 ? 318 HOH A O   1 
HETATM 803 O  O   . HOH C 3 .  ? 16.569  -4.612  1.092   1.00 45.79 ? 319 HOH A O   1 
HETATM 804 O  O   . HOH C 3 .  ? 9.019   -1.138  14.487  1.00 25.93 ? 320 HOH A O   1 
HETATM 805 O  O   . HOH C 3 .  ? 9.430   -3.280  -0.846  1.00 25.76 ? 321 HOH A O   1 
HETATM 806 O  O   . HOH C 3 .  ? 17.734  5.439   7.468   1.00 14.94 ? 322 HOH A O   1 
HETATM 807 O  O   . HOH C 3 .  ? 6.065   -4.550  -5.614  1.00 19.99 ? 323 HOH A O   1 
HETATM 808 O  O   . HOH C 3 .  ? 3.154   6.938   -15.692 1.00 36.87 ? 324 HOH A O   1 
HETATM 809 O  O   . HOH C 3 .  ? -4.287  -13.884 -5.959  1.00 41.32 ? 325 HOH A O   1 
HETATM 810 O  O   . HOH C 3 .  ? 16.262  -0.373  4.665   1.00 38.04 ? 326 HOH A O   1 
HETATM 811 O  O   . HOH C 3 .  ? -3.084  6.690   -19.656 1.00 25.36 ? 327 HOH A O   1 
HETATM 812 O  O   . HOH C 3 .  ? 1.649   13.165  4.177   1.00 28.98 ? 328 HOH A O   1 
HETATM 813 O  O   . HOH C 3 .  ? -2.898  14.045  5.214   1.00 38.51 ? 329 HOH A O   1 
HETATM 814 O  O   . HOH C 3 .  ? 9.418   14.453  5.952   1.00 42.56 ? 330 HOH A O   1 
HETATM 815 O  O   . HOH C 3 .  ? -6.149  10.150  2.614   1.00 46.47 ? 331 HOH A O   1 
HETATM 816 O  O   . HOH C 3 .  ? -11.823 5.672   -3.644  1.00 45.21 ? 332 HOH A O   1 
HETATM 817 O  O   . HOH C 3 .  ? -11.002 -4.626  -5.187  1.00 37.93 ? 333 HOH A O   1 
HETATM 818 O  O   . HOH C 3 .  ? -5.288  3.700   15.307  1.00 47.03 ? 334 HOH A O   1 
HETATM 819 O  O   . HOH C 3 .  ? 13.205  -5.254  10.459  1.00 26.63 ? 335 HOH A O   1 
HETATM 820 O  O   . HOH C 3 .  ? 6.074   1.182   -12.292 1.00 50.14 ? 336 HOH A O   1 
HETATM 821 O  O   . HOH C 3 .  ? -6.114  6.421   4.954   1.00 36.37 ? 337 HOH A O   1 
HETATM 822 O  O   . HOH C 3 .  ? 13.123  -4.688  6.024   1.00 37.46 ? 338 HOH A O   1 
HETATM 823 O  O   . HOH C 3 .  ? 14.634  12.255  0.860   1.00 36.66 ? 339 HOH A O   1 
HETATM 824 O  O   . HOH C 3 .  ? 11.272  4.718   0.126   1.00 36.23 ? 340 HOH A O   1 
HETATM 825 O  O   . HOH C 3 .  ? 15.005  1.073   11.589  1.00 24.83 ? 341 HOH A O   1 
HETATM 826 O  O   . HOH C 3 .  ? 6.777   4.100   -14.377 1.00 57.24 ? 342 HOH A O   1 
HETATM 827 O  O   . HOH C 3 .  ? 4.438   0.122   -15.739 1.00 46.21 ? 343 HOH A O   1 
HETATM 828 O  O   . HOH C 3 .  ? 5.079   13.545  -0.821  1.00 28.16 ? 344 HOH A O   1 
HETATM 829 O  O   . HOH C 3 .  ? 2.620   -12.199 13.940  1.00 23.42 ? 345 HOH A O   1 
HETATM 830 O  O   . HOH C 3 .  ? 7.928   -0.615  19.642  1.00 38.00 ? 346 HOH A O   1 
HETATM 831 O  O   . HOH C 3 .  ? 18.775  7.356   4.246   1.00 22.13 ? 347 HOH A O   1 
HETATM 832 O  O   . HOH C 3 .  ? 8.425   16.997  4.805   1.00 43.70 ? 348 HOH A O   1 
HETATM 833 O  O   . HOH C 3 .  ? 12.388  8.258   -1.329  1.00 37.71 ? 349 HOH A O   1 
HETATM 834 O  O   . HOH C 3 .  ? -9.886  0.609   -10.137 1.00 30.11 ? 350 HOH A O   1 
HETATM 835 O  O   . HOH C 3 .  ? 8.526   12.565  -1.246  1.00 36.42 ? 351 HOH A O   1 
HETATM 836 O  O   . HOH C 3 .  ? -8.805  6.729   5.251   1.00 43.84 ? 352 HOH A O   1 
HETATM 837 O  O   . HOH C 3 .  ? 11.620  17.438  4.433   1.00 36.96 ? 353 HOH A O   1 
HETATM 838 O  O   . HOH C 3 .  ? -10.411 2.634   -12.225 1.00 44.89 ? 354 HOH A O   1 
HETATM 839 O  O   . HOH C 3 .  ? 8.596   -1.474  -2.651  1.00 43.91 ? 355 HOH A O   1 
HETATM 840 O  O   . HOH C 3 .  ? 10.405  2.198   -7.827  1.00 45.21 ? 356 HOH A O   1 
HETATM 841 O  O   . HOH C 3 .  ? -9.900  9.273   -11.070 1.00 45.97 ? 357 HOH A O   1 
HETATM 842 O  O   . HOH C 3 .  ? 3.632   15.507  2.087   1.00 53.21 ? 358 HOH A O   1 
HETATM 843 O  O   . HOH C 3 .  ? 12.441  4.467   -3.861  1.00 53.59 ? 359 HOH A O   1 
# 
